data_7ZIN
#
_entry.id   7ZIN
#
_cell.length_a   150.132
_cell.length_b   96.692
_cell.length_c   128.449
_cell.angle_alpha   90.000
_cell.angle_beta   110.625
_cell.angle_gamma   90.000
#
_symmetry.space_group_name_H-M   'C 1 2 1'
#
loop_
_entity.id
_entity.type
_entity.pdbx_description
1 polymer 'Major capsid protein VP1'
2 branched 'N-acetyl-alpha-neuraminic acid-(2-6)-beta-D-galactopyranose-(1-4)-beta-D-glucopyranose'
3 branched 'N-acetyl-alpha-neuraminic acid-(2-6)-beta-D-galactopyranose'
4 non-polymer 1,2-ETHANEDIOL
5 water water
#
_entity_poly.entity_id   1
_entity_poly.type   'polypeptide(L)'
_entity_poly.pdbx_seq_one_letter_code
;GSHMGGVEVLEVKTGVDSITEVECFLTPEMGDPDEHLRGFSKSISISDTFESDSPNRDMLPCYSVARIPLPNLNEDLTCG
NILMWEAVTLKTEVIGVTSLMNVHSNGQATHDNGAGKPVQGTSFHFFSVGGEALELQGVLFNYRTKYPDGTIFPKNATVQ
SQVMNTEHKAYLDKNKAYPVECWVPDPTRNENTRYFGTLTGGENVPPVLHITNTATTVLLDEFGVGPLCKGDNLYLSAVD
VCGMFTNRSGSQQWRGLSRYFKVQLRKRRVKN
;
_entity_poly.pdbx_strand_id   AAA,BBB,CCC,DDD,EEE
#
loop_
_chem_comp.id
_chem_comp.type
_chem_comp.name
_chem_comp.formula
BGC D-saccharide, beta linking beta-D-glucopyranose 'C6 H12 O6'
EDO non-polymer 1,2-ETHANEDIOL 'C2 H6 O2'
GAL D-saccharide, beta linking beta-D-galactopyranose 'C6 H12 O6'
SIA D-saccharide, alpha linking 'N-acetyl-alpha-neuraminic acid' 'C11 H19 N O9'
#
# COMPACT_ATOMS: atom_id res chain seq x y z
N VAL A 7 8.81 40.14 -8.50
CA VAL A 7 10.24 40.19 -8.11
C VAL A 7 11.09 39.50 -9.18
N GLU A 8 12.24 40.09 -9.52
CA GLU A 8 13.39 39.40 -10.14
C GLU A 8 14.25 38.83 -9.01
N VAL A 9 14.45 37.51 -9.00
CA VAL A 9 15.23 36.81 -7.94
C VAL A 9 16.69 36.75 -8.38
N LEU A 10 17.59 37.27 -7.55
CA LEU A 10 19.03 37.33 -7.89
C LEU A 10 19.79 36.37 -6.99
N GLU A 11 21.01 36.69 -6.55
CA GLU A 11 21.91 35.66 -5.95
C GLU A 11 21.52 35.41 -4.49
N VAL A 12 21.88 34.24 -4.01
CA VAL A 12 21.86 33.83 -2.58
C VAL A 12 23.07 34.47 -1.91
N LYS A 13 22.90 35.03 -0.72
CA LYS A 13 24.03 35.49 0.13
C LYS A 13 24.68 34.27 0.76
N THR A 14 26.00 34.28 0.92
CA THR A 14 26.71 33.18 1.59
C THR A 14 27.43 33.72 2.82
N GLY A 15 28.03 32.82 3.60
CA GLY A 15 28.79 33.16 4.80
C GLY A 15 27.98 32.89 6.05
N VAL A 16 28.60 33.11 7.22
CA VAL A 16 28.08 32.73 8.58
C VAL A 16 26.74 33.43 8.83
N ASP A 17 26.62 34.70 8.42
CA ASP A 17 25.49 35.60 8.77
C ASP A 17 24.32 35.41 7.78
N SER A 18 24.46 34.57 6.77
CA SER A 18 23.48 34.49 5.66
C SER A 18 22.34 33.50 5.94
N ILE A 19 22.34 32.83 7.11
N ILE A 19 22.38 32.80 7.07
CA ILE A 19 21.44 31.68 7.39
CA ILE A 19 21.36 31.75 7.38
C ILE A 19 20.79 31.83 8.77
C ILE A 19 20.68 32.06 8.70
N THR A 20 19.50 31.47 8.87
CA THR A 20 18.76 31.46 10.15
C THR A 20 17.83 30.25 10.13
N GLU A 21 17.35 29.88 11.31
CA GLU A 21 16.53 28.67 11.52
C GLU A 21 15.31 29.09 12.32
N VAL A 22 14.14 28.56 11.98
CA VAL A 22 12.92 28.70 12.82
C VAL A 22 12.60 27.30 13.32
N GLU A 23 12.35 27.16 14.62
CA GLU A 23 11.98 25.86 15.21
C GLU A 23 10.80 26.15 16.13
N CYS A 24 9.70 25.41 15.99
CA CYS A 24 8.53 25.66 16.84
C CYS A 24 7.51 24.55 16.66
N PHE A 25 6.47 24.58 17.48
CA PHE A 25 5.37 23.60 17.36
C PHE A 25 4.09 24.41 17.24
N LEU A 26 3.16 23.90 16.42
CA LEU A 26 1.79 24.43 16.27
C LEU A 26 0.86 23.47 16.98
N THR A 27 0.10 23.95 17.94
CA THR A 27 -0.90 23.14 18.65
C THR A 27 -2.10 22.97 17.73
N PRO A 28 -2.82 21.85 17.86
CA PRO A 28 -4.05 21.61 17.12
C PRO A 28 -5.19 22.45 17.72
N GLU A 29 -6.16 22.76 16.88
CA GLU A 29 -7.34 23.55 17.29
C GLU A 29 -8.60 22.75 16.94
N MET A 30 -8.94 21.77 17.77
CA MET A 30 -9.99 20.76 17.48
C MET A 30 -11.35 21.21 18.03
N GLY A 31 -11.38 22.24 18.89
CA GLY A 31 -12.62 22.82 19.42
C GLY A 31 -12.58 23.00 20.94
N ASP A 32 -11.93 22.11 21.67
CA ASP A 32 -11.62 22.28 23.12
C ASP A 32 -12.90 22.58 23.91
N PRO A 33 -13.83 21.61 23.95
CA PRO A 33 -15.18 21.86 24.45
C PRO A 33 -15.29 22.09 25.96
N ASP A 34 -14.27 21.71 26.72
CA ASP A 34 -14.22 22.06 28.16
C ASP A 34 -12.78 22.15 28.63
N GLU A 35 -12.60 22.47 29.92
CA GLU A 35 -11.27 22.77 30.49
C GLU A 35 -10.43 21.48 30.61
N HIS A 36 -10.97 20.31 30.30
CA HIS A 36 -10.26 19.02 30.42
C HIS A 36 -9.99 18.40 29.04
N LEU A 37 -10.40 19.04 27.95
CA LEU A 37 -10.49 18.37 26.62
C LEU A 37 -9.76 19.17 25.53
N ARG A 38 -8.70 19.87 25.89
CA ARG A 38 -7.73 20.44 24.92
C ARG A 38 -7.23 19.33 23.99
N GLY A 39 -7.32 19.55 22.68
CA GLY A 39 -6.93 18.59 21.65
C GLY A 39 -8.06 17.73 21.15
N PHE A 40 -9.25 17.82 21.76
CA PHE A 40 -10.48 17.11 21.34
C PHE A 40 -11.51 18.14 20.83
N SER A 41 -12.41 17.71 19.95
CA SER A 41 -13.66 18.45 19.65
C SER A 41 -14.74 18.08 20.64
N LYS A 42 -15.82 18.85 20.65
CA LYS A 42 -17.13 18.44 21.19
C LYS A 42 -17.52 17.12 20.51
N SER A 43 -18.30 16.30 21.21
CA SER A 43 -18.94 15.11 20.59
CA SER A 43 -19.00 15.12 20.62
C SER A 43 -19.69 15.57 19.34
N ILE A 44 -19.64 14.75 18.30
N ILE A 44 -19.57 14.78 18.29
CA ILE A 44 -20.34 15.05 17.03
CA ILE A 44 -20.17 15.11 16.98
C ILE A 44 -21.85 14.86 17.23
C ILE A 44 -21.64 14.66 17.00
N SER A 45 -22.64 15.83 16.81
N SER A 45 -22.54 15.61 16.77
CA SER A 45 -24.10 15.68 16.64
CA SER A 45 -24.01 15.38 16.65
C SER A 45 -24.37 15.66 15.14
C SER A 45 -24.44 15.72 15.22
N ILE A 46 -25.44 15.00 14.72
CA ILE A 46 -25.86 14.98 13.30
C ILE A 46 -27.19 15.73 13.15
N SER A 47 -27.26 16.66 12.21
CA SER A 47 -28.52 17.38 11.89
C SER A 47 -29.52 16.38 11.28
N ASP A 48 -30.82 16.63 11.42
N ASP A 48 -30.82 16.67 11.46
CA ASP A 48 -31.83 15.69 10.86
CA ASP A 48 -31.95 15.86 10.93
C ASP A 48 -32.21 16.12 9.44
C ASP A 48 -32.09 16.07 9.41
N THR A 49 -31.69 17.25 8.92
CA THR A 49 -31.87 17.67 7.50
C THR A 49 -30.66 18.48 7.04
N PHE A 50 -30.49 18.68 5.74
CA PHE A 50 -29.44 19.56 5.18
C PHE A 50 -29.71 20.98 5.66
N GLU A 51 -30.99 21.36 5.75
CA GLU A 51 -31.38 22.77 6.06
C GLU A 51 -31.05 23.09 7.51
N SER A 52 -31.00 22.10 8.40
CA SER A 52 -30.87 22.33 9.86
C SER A 52 -29.43 22.12 10.34
N ASP A 53 -28.46 21.91 9.45
CA ASP A 53 -27.04 21.73 9.86
C ASP A 53 -26.58 23.04 10.49
N SER A 54 -26.28 22.99 11.80
N SER A 54 -26.19 22.97 11.77
N SER A 54 -26.29 22.99 11.80
CA SER A 54 -25.86 24.17 12.60
CA SER A 54 -25.86 24.16 12.59
CA SER A 54 -25.87 24.17 12.61
C SER A 54 -24.80 23.72 13.60
C SER A 54 -24.75 23.83 13.59
C SER A 54 -24.79 23.73 13.59
N PRO A 55 -23.56 23.41 13.14
CA PRO A 55 -22.52 22.93 14.04
C PRO A 55 -22.03 24.02 14.99
N ASN A 56 -21.87 23.66 16.26
CA ASN A 56 -21.32 24.56 17.29
C ASN A 56 -19.84 24.73 17.03
N ARG A 57 -19.31 25.87 17.45
CA ARG A 57 -17.90 26.22 17.22
C ARG A 57 -16.98 25.14 17.83
N ASP A 58 -17.31 24.62 19.01
CA ASP A 58 -16.41 23.65 19.69
C ASP A 58 -16.46 22.27 19.03
N MET A 59 -17.32 22.03 18.03
CA MET A 59 -17.41 20.78 17.28
C MET A 59 -16.60 20.83 15.98
N LEU A 60 -16.01 21.97 15.62
CA LEU A 60 -15.34 22.21 14.30
C LEU A 60 -13.85 22.39 14.47
N PRO A 61 -13.04 21.39 14.08
CA PRO A 61 -11.59 21.62 13.97
C PRO A 61 -11.32 22.79 13.03
N CYS A 62 -10.28 23.56 13.37
CA CYS A 62 -9.83 24.75 12.61
C CYS A 62 -8.39 24.56 12.15
N TYR A 63 -8.00 25.27 11.11
CA TYR A 63 -6.58 25.35 10.69
C TYR A 63 -5.76 26.02 11.81
N SER A 64 -4.55 25.51 12.04
CA SER A 64 -3.54 26.17 12.91
C SER A 64 -2.64 27.06 12.06
N VAL A 65 -2.22 28.20 12.59
CA VAL A 65 -1.28 29.10 11.86
C VAL A 65 -0.42 29.83 12.86
N ALA A 66 0.83 30.06 12.48
CA ALA A 66 1.77 30.92 13.23
C ALA A 66 2.44 31.85 12.22
N ARG A 67 2.50 33.14 12.54
CA ARG A 67 3.30 34.15 11.81
C ARG A 67 4.56 34.37 12.65
N ILE A 68 5.73 34.01 12.10
CA ILE A 68 7.03 34.01 12.84
C ILE A 68 7.86 35.17 12.31
N PRO A 69 8.10 36.22 13.11
CA PRO A 69 8.98 37.31 12.65
C PRO A 69 10.40 36.76 12.55
N LEU A 70 11.09 37.19 11.50
CA LEU A 70 12.50 36.83 11.19
C LEU A 70 13.35 38.06 11.43
N PRO A 71 14.68 37.92 11.53
CA PRO A 71 15.54 39.09 11.69
C PRO A 71 15.33 40.13 10.57
N ASN A 72 15.23 41.39 10.98
CA ASN A 72 14.99 42.52 10.05
C ASN A 72 16.15 42.57 9.04
N LEU A 73 15.84 42.70 7.76
CA LEU A 73 16.87 42.66 6.71
C LEU A 73 17.12 44.05 6.13
N ASN A 74 16.10 44.88 5.95
CA ASN A 74 16.29 46.16 5.21
C ASN A 74 15.95 47.32 6.17
N GLU A 75 16.61 48.47 6.03
CA GLU A 75 16.17 49.72 6.72
C GLU A 75 14.85 50.20 6.07
N ASP A 76 14.75 50.16 4.73
CA ASP A 76 13.57 50.66 3.96
C ASP A 76 13.23 49.70 2.81
N LEU A 77 12.09 48.98 2.93
CA LEU A 77 11.53 48.07 1.89
C LEU A 77 10.11 48.53 1.53
N ASN A 81 15.49 46.82 -4.72
CA ASN A 81 16.77 46.10 -4.47
C ASN A 81 16.91 45.77 -2.98
N ILE A 82 16.41 44.61 -2.55
CA ILE A 82 16.29 44.27 -1.10
C ILE A 82 16.72 42.82 -0.88
N LEU A 83 17.00 42.46 0.37
CA LEU A 83 17.22 41.06 0.79
C LEU A 83 15.89 40.53 1.34
N MET A 84 15.63 39.27 1.07
CA MET A 84 14.49 38.53 1.64
C MET A 84 14.99 37.21 2.21
N TRP A 85 14.37 36.75 3.29
CA TRP A 85 14.61 35.39 3.80
C TRP A 85 13.89 34.42 2.87
N GLU A 86 14.62 33.41 2.39
CA GLU A 86 14.11 32.33 1.52
C GLU A 86 14.06 31.04 2.34
N ALA A 87 12.88 30.43 2.49
CA ALA A 87 12.75 29.12 3.16
C ALA A 87 13.27 28.02 2.20
N VAL A 88 14.22 27.20 2.64
CA VAL A 88 14.90 26.21 1.76
C VAL A 88 14.55 24.79 2.16
N THR A 89 14.53 24.46 3.44
CA THR A 89 14.27 23.08 3.91
C THR A 89 13.32 23.09 5.09
N LEU A 90 12.57 22.00 5.20
CA LEU A 90 11.63 21.75 6.31
C LEU A 90 11.90 20.35 6.87
N LYS A 91 11.95 20.25 8.20
CA LYS A 91 11.72 18.98 8.91
C LYS A 91 10.46 19.15 9.74
N THR A 92 9.59 18.17 9.65
CA THR A 92 8.29 18.24 10.35
C THR A 92 7.93 16.87 10.91
N GLU A 93 7.15 16.91 11.99
CA GLU A 93 6.77 15.69 12.69
C GLU A 93 5.49 15.93 13.49
N VAL A 94 4.58 14.96 13.51
CA VAL A 94 3.44 14.98 14.46
C VAL A 94 3.98 14.59 15.84
N ILE A 95 3.62 15.35 16.87
CA ILE A 95 4.17 15.20 18.23
C ILE A 95 3.15 14.47 19.11
N GLY A 96 3.56 13.35 19.70
CA GLY A 96 2.74 12.61 20.66
C GLY A 96 1.99 11.47 20.01
N VAL A 97 2.56 10.83 18.97
CA VAL A 97 1.83 9.77 18.23
C VAL A 97 1.48 8.63 19.19
N THR A 98 2.33 8.35 20.18
CA THR A 98 2.15 7.20 21.11
C THR A 98 0.98 7.44 22.08
N SER A 99 0.50 8.67 22.27
CA SER A 99 -0.68 8.95 23.13
C SER A 99 -1.88 8.17 22.61
N LEU A 100 -1.93 7.82 21.31
CA LEU A 100 -3.06 7.04 20.75
C LEU A 100 -3.03 5.58 21.25
N MET A 101 -2.04 5.19 22.05
CA MET A 101 -2.02 3.83 22.65
C MET A 101 -2.79 3.81 23.97
N ASN A 102 -3.33 4.95 24.42
CA ASN A 102 -4.22 4.95 25.60
C ASN A 102 -5.58 4.42 25.17
N VAL A 103 -5.78 3.12 25.37
CA VAL A 103 -7.04 2.38 25.10
C VAL A 103 -7.70 1.96 26.41
N HIS A 104 -7.41 2.66 27.50
CA HIS A 104 -7.92 2.31 28.85
C HIS A 104 -8.66 3.50 29.50
N SER A 105 -8.94 4.57 28.77
CA SER A 105 -9.45 5.84 29.33
C SER A 105 -10.85 6.17 28.79
N ASN A 106 -11.89 5.65 29.45
CA ASN A 106 -13.33 5.82 29.09
C ASN A 106 -13.59 5.55 27.60
N GLY A 107 -12.89 4.58 27.03
CA GLY A 107 -13.11 4.16 25.64
C GLY A 107 -14.27 3.17 25.58
N GLN A 108 -14.71 2.85 24.38
CA GLN A 108 -15.73 1.81 24.10
C GLN A 108 -15.00 0.49 23.83
N ALA A 109 -15.21 -0.51 24.67
CA ALA A 109 -14.63 -1.85 24.48
C ALA A 109 -14.98 -2.29 23.06
N THR A 110 -14.01 -2.86 22.32
CA THR A 110 -14.22 -3.27 20.91
C THR A 110 -15.06 -4.55 20.88
N HIS A 111 -15.11 -5.27 21.98
CA HIS A 111 -15.95 -6.48 22.16
C HIS A 111 -16.00 -6.75 23.67
N ASP A 112 -16.86 -7.67 24.11
N ASP A 112 -16.87 -7.65 24.13
CA ASP A 112 -17.01 -7.98 25.56
CA ASP A 112 -17.04 -7.92 25.58
C ASP A 112 -15.65 -8.31 26.17
C ASP A 112 -15.67 -8.30 26.17
N ASN A 113 -15.25 -7.56 27.21
CA ASN A 113 -14.02 -7.74 28.01
C ASN A 113 -12.78 -7.23 27.26
N GLY A 114 -12.97 -6.65 26.08
CA GLY A 114 -11.87 -6.15 25.23
C GLY A 114 -11.33 -4.80 25.67
N ALA A 115 -10.26 -4.38 25.01
CA ALA A 115 -9.63 -3.05 25.18
C ALA A 115 -10.50 -1.99 24.50
N GLY A 116 -10.22 -0.73 24.84
CA GLY A 116 -10.91 0.42 24.25
C GLY A 116 -10.61 0.56 22.76
N LYS A 117 -11.60 0.99 21.99
CA LYS A 117 -11.43 1.33 20.55
C LYS A 117 -10.41 2.46 20.45
N PRO A 118 -9.33 2.30 19.66
CA PRO A 118 -8.36 3.38 19.48
C PRO A 118 -8.93 4.45 18.55
N VAL A 119 -8.31 5.63 18.60
CA VAL A 119 -8.59 6.73 17.65
C VAL A 119 -8.42 6.19 16.23
N GLN A 120 -9.43 6.42 15.39
CA GLN A 120 -9.42 5.97 13.99
C GLN A 120 -10.50 6.72 13.22
N GLY A 121 -10.57 6.45 11.93
CA GLY A 121 -11.56 7.07 11.06
C GLY A 121 -10.95 8.28 10.37
N THR A 122 -11.78 9.17 9.85
CA THR A 122 -11.34 10.25 8.95
C THR A 122 -10.17 11.01 9.58
N SER A 123 -9.12 11.22 8.80
CA SER A 123 -7.97 12.04 9.24
C SER A 123 -7.67 13.10 8.18
N PHE A 124 -7.13 14.22 8.60
CA PHE A 124 -6.56 15.21 7.68
C PHE A 124 -5.22 15.63 8.25
N HIS A 125 -4.14 15.37 7.51
CA HIS A 125 -2.78 15.77 7.92
C HIS A 125 -2.27 16.74 6.86
N PHE A 126 -1.97 17.96 7.28
CA PHE A 126 -1.70 19.07 6.37
C PHE A 126 -0.61 19.95 6.97
N PHE A 127 0.30 20.43 6.13
CA PHE A 127 1.25 21.48 6.60
C PHE A 127 1.66 22.34 5.42
N SER A 128 2.03 23.57 5.71
CA SER A 128 2.47 24.51 4.69
C SER A 128 3.52 25.44 5.29
N VAL A 129 4.42 25.90 4.43
CA VAL A 129 5.47 26.89 4.76
C VAL A 129 5.38 27.97 3.69
N GLY A 130 5.17 29.23 4.07
CA GLY A 130 5.07 30.28 3.05
C GLY A 130 5.69 31.58 3.49
N GLY A 131 5.93 32.46 2.52
CA GLY A 131 6.44 33.81 2.80
C GLY A 131 5.32 34.82 2.99
N GLU A 132 4.09 34.33 3.13
CA GLU A 132 2.87 35.15 3.31
C GLU A 132 1.81 34.15 3.76
N ALA A 133 0.64 34.63 4.16
CA ALA A 133 -0.47 33.79 4.64
C ALA A 133 -0.87 32.79 3.55
N LEU A 134 -1.20 31.58 3.97
CA LEU A 134 -1.82 30.57 3.08
C LEU A 134 -3.10 31.15 2.49
N GLU A 135 -3.28 31.05 1.18
CA GLU A 135 -4.51 31.52 0.48
C GLU A 135 -5.49 30.36 0.42
N LEU A 136 -6.71 30.61 0.84
CA LEU A 136 -7.76 29.58 0.97
C LEU A 136 -8.84 29.81 -0.08
N GLN A 137 -9.44 28.70 -0.50
CA GLN A 137 -10.66 28.64 -1.31
C GLN A 137 -11.70 27.93 -0.47
N GLY A 138 -12.92 28.49 -0.39
CA GLY A 138 -14.03 27.82 0.30
C GLY A 138 -14.72 26.80 -0.58
N VAL A 139 -14.95 25.61 -0.02
CA VAL A 139 -15.82 24.55 -0.61
C VAL A 139 -16.65 23.98 0.53
N LEU A 140 -17.96 23.93 0.36
CA LEU A 140 -18.91 23.48 1.39
C LEU A 140 -19.48 22.12 1.01
N PHE A 141 -19.50 21.18 1.96
CA PHE A 141 -20.22 19.90 1.77
C PHE A 141 -21.70 20.20 1.47
N ASN A 142 -22.26 21.13 2.24
CA ASN A 142 -23.68 21.51 2.31
C ASN A 142 -23.74 23.04 2.41
N TYR A 143 -24.16 23.72 1.35
CA TYR A 143 -24.12 25.20 1.29
C TYR A 143 -25.09 25.80 2.32
N ARG A 144 -26.03 25.01 2.85
CA ARG A 144 -27.04 25.55 3.80
C ARG A 144 -26.57 25.36 5.25
N THR A 145 -25.38 24.80 5.47
CA THR A 145 -24.81 24.74 6.82
C THR A 145 -24.73 26.15 7.43
N LYS A 146 -25.25 26.32 8.65
N LYS A 146 -25.23 26.32 8.65
CA LYS A 146 -25.10 27.58 9.43
CA LYS A 146 -25.09 27.60 9.40
C LYS A 146 -23.82 27.45 10.25
C LYS A 146 -23.84 27.48 10.26
N TYR A 147 -22.78 28.18 9.86
CA TYR A 147 -21.50 28.17 10.60
C TYR A 147 -21.61 29.13 11.76
N PRO A 148 -20.93 28.82 12.87
CA PRO A 148 -21.12 29.53 14.12
C PRO A 148 -20.35 30.84 14.26
N ASP A 149 -20.87 31.70 15.13
CA ASP A 149 -20.17 32.94 15.52
C ASP A 149 -18.79 32.57 16.07
N GLY A 150 -17.78 33.38 15.76
CA GLY A 150 -16.41 33.15 16.22
C GLY A 150 -15.60 32.38 15.19
N THR A 151 -16.25 31.87 14.14
CA THR A 151 -15.52 31.24 13.00
C THR A 151 -15.56 32.18 11.80
N ILE A 152 -14.61 31.99 10.89
CA ILE A 152 -14.57 32.70 9.58
C ILE A 152 -14.81 31.64 8.50
N PHE A 153 -15.90 31.81 7.77
CA PHE A 153 -16.47 30.78 6.88
C PHE A 153 -16.93 31.43 5.57
N PRO A 154 -17.10 30.63 4.51
CA PRO A 154 -17.58 31.15 3.24
C PRO A 154 -18.93 31.88 3.43
N LYS A 155 -18.96 33.13 2.99
CA LYS A 155 -20.14 34.01 3.10
C LYS A 155 -20.88 34.07 1.77
N ASN A 156 -22.17 34.41 1.80
CA ASN A 156 -23.00 34.52 0.58
C ASN A 156 -22.98 33.16 -0.14
N ALA A 157 -23.02 32.07 0.62
CA ALA A 157 -22.94 30.72 0.04
C ALA A 157 -24.13 30.50 -0.88
N THR A 158 -23.92 29.80 -1.99
CA THR A 158 -24.95 29.38 -2.94
C THR A 158 -24.79 27.88 -3.18
N VAL A 159 -25.71 27.25 -3.89
CA VAL A 159 -25.54 25.80 -4.18
C VAL A 159 -24.21 25.61 -4.93
N GLN A 160 -23.75 26.60 -5.69
CA GLN A 160 -22.47 26.45 -6.44
C GLN A 160 -21.29 26.34 -5.47
N SER A 161 -21.44 26.82 -4.23
CA SER A 161 -20.41 26.73 -3.17
C SER A 161 -20.11 25.26 -2.85
N GLN A 162 -21.01 24.32 -3.22
CA GLN A 162 -20.80 22.88 -2.99
C GLN A 162 -19.81 22.29 -4.00
N VAL A 163 -19.41 23.02 -5.05
CA VAL A 163 -18.41 22.52 -6.04
C VAL A 163 -17.33 23.57 -6.32
N MET A 164 -17.68 24.81 -6.58
CA MET A 164 -16.66 25.87 -6.80
C MET A 164 -17.36 27.22 -6.98
N ASN A 165 -17.26 28.06 -5.95
CA ASN A 165 -17.76 29.45 -5.96
C ASN A 165 -16.52 30.32 -5.75
N THR A 166 -16.07 31.00 -6.79
CA THR A 166 -14.82 31.81 -6.75
C THR A 166 -14.92 33.01 -5.78
N GLU A 167 -16.09 33.36 -5.28
CA GLU A 167 -16.23 34.42 -4.23
C GLU A 167 -15.50 34.00 -2.94
N HIS A 168 -15.41 32.71 -2.62
CA HIS A 168 -14.91 32.25 -1.30
C HIS A 168 -13.38 32.24 -1.29
N LYS A 169 -12.78 33.42 -1.23
CA LYS A 169 -11.31 33.60 -1.16
C LYS A 169 -10.97 34.18 0.20
N ALA A 170 -9.97 33.63 0.88
CA ALA A 170 -9.57 34.16 2.20
C ALA A 170 -8.09 33.91 2.41
N TYR A 171 -7.56 34.52 3.46
CA TYR A 171 -6.18 34.30 3.94
C TYR A 171 -6.28 33.57 5.28
N LEU A 172 -5.43 32.58 5.48
CA LEU A 172 -5.33 31.94 6.82
C LEU A 172 -4.53 32.88 7.70
N ASP A 173 -5.24 33.81 8.33
CA ASP A 173 -4.62 34.99 9.00
C ASP A 173 -5.03 35.02 10.47
N LYS A 174 -5.68 33.98 10.98
CA LYS A 174 -6.12 33.96 12.39
C LYS A 174 -6.15 32.50 12.84
N ASN A 175 -5.66 32.24 14.04
CA ASN A 175 -5.64 30.88 14.61
C ASN A 175 -7.05 30.59 15.19
N LYS A 176 -7.40 29.30 15.25
CA LYS A 176 -8.68 28.78 15.83
C LYS A 176 -9.89 29.54 15.25
N ALA A 177 -9.93 29.78 13.93
CA ALA A 177 -11.01 30.56 13.31
C ALA A 177 -11.52 29.95 12.01
N TYR A 178 -10.62 29.40 11.18
CA TYR A 178 -11.00 28.91 9.83
C TYR A 178 -11.28 27.42 9.92
N PRO A 179 -12.56 26.98 9.85
CA PRO A 179 -12.86 25.57 10.01
C PRO A 179 -12.25 24.74 8.88
N VAL A 180 -11.71 23.59 9.23
CA VAL A 180 -11.05 22.71 8.24
C VAL A 180 -12.06 22.32 7.15
N GLU A 181 -13.30 22.04 7.53
CA GLU A 181 -14.26 21.41 6.60
C GLU A 181 -14.72 22.40 5.52
N CYS A 182 -14.51 23.71 5.68
CA CYS A 182 -15.02 24.76 4.77
C CYS A 182 -13.95 25.25 3.81
N TRP A 183 -12.69 25.03 4.12
CA TRP A 183 -11.58 25.70 3.41
C TRP A 183 -10.48 24.72 3.00
N VAL A 184 -9.92 24.96 1.82
CA VAL A 184 -8.71 24.27 1.32
C VAL A 184 -7.73 25.31 0.84
N PRO A 185 -6.44 24.93 0.73
CA PRO A 185 -5.51 25.75 -0.03
C PRO A 185 -6.07 26.03 -1.43
N ASP A 186 -6.00 27.29 -1.86
CA ASP A 186 -6.43 27.74 -3.19
C ASP A 186 -5.33 27.40 -4.20
N PRO A 187 -5.52 26.40 -5.09
CA PRO A 187 -4.45 26.01 -6.02
C PRO A 187 -4.22 27.06 -7.11
N THR A 188 -5.11 28.05 -7.25
CA THR A 188 -5.01 29.13 -8.27
C THR A 188 -4.09 30.21 -7.72
N ARG A 189 -3.75 30.13 -6.46
CA ARG A 189 -2.84 31.12 -5.85
C ARG A 189 -1.70 30.35 -5.18
N ASN A 190 -1.20 30.85 -4.07
CA ASN A 190 -0.19 30.16 -3.25
C ASN A 190 1.16 29.98 -3.98
N GLU A 191 1.52 30.88 -4.91
CA GLU A 191 2.83 30.85 -5.62
C GLU A 191 4.00 30.86 -4.61
N ASN A 192 3.81 31.51 -3.47
CA ASN A 192 4.89 31.83 -2.52
C ASN A 192 4.77 30.97 -1.26
N THR A 193 4.06 29.85 -1.37
CA THR A 193 3.86 28.86 -0.28
C THR A 193 4.10 27.47 -0.87
N ARG A 194 4.54 26.55 -0.05
CA ARG A 194 4.61 25.10 -0.37
C ARG A 194 3.64 24.42 0.59
N TYR A 195 2.63 23.71 0.09
CA TYR A 195 1.66 23.01 0.96
C TYR A 195 1.53 21.56 0.56
N PHE A 196 1.15 20.75 1.54
CA PHE A 196 1.09 19.27 1.46
C PHE A 196 -0.02 18.80 2.39
N GLY A 197 -0.91 17.96 1.88
CA GLY A 197 -2.00 17.46 2.71
C GLY A 197 -2.54 16.14 2.22
N THR A 198 -3.08 15.35 3.14
CA THR A 198 -3.73 14.07 2.83
C THR A 198 -5.01 13.94 3.65
N LEU A 199 -6.14 13.76 2.96
CA LEU A 199 -7.42 13.39 3.59
C LEU A 199 -7.52 11.88 3.44
N THR A 200 -7.60 11.15 4.56
CA THR A 200 -7.93 9.71 4.56
C THR A 200 -9.34 9.55 5.18
N GLY A 201 -10.35 9.25 4.36
CA GLY A 201 -11.77 9.17 4.77
C GLY A 201 -12.12 7.78 5.30
N GLY A 202 -13.32 7.59 5.82
CA GLY A 202 -13.84 6.27 6.27
C GLY A 202 -13.86 6.17 7.78
N GLU A 203 -14.87 5.53 8.39
CA GLU A 203 -15.03 5.61 9.87
C GLU A 203 -14.06 4.65 10.55
N ASN A 204 -13.44 3.71 9.82
CA ASN A 204 -12.61 2.66 10.46
C ASN A 204 -11.14 2.82 10.07
N VAL A 205 -10.78 3.81 9.25
CA VAL A 205 -9.39 3.88 8.72
C VAL A 205 -8.42 3.97 9.90
N PRO A 206 -7.30 3.21 9.83
CA PRO A 206 -6.30 3.21 10.90
C PRO A 206 -5.36 4.39 10.75
N PRO A 207 -5.05 5.18 11.81
CA PRO A 207 -3.97 6.14 11.72
C PRO A 207 -2.66 5.39 11.37
N VAL A 208 -1.86 5.94 10.47
CA VAL A 208 -0.47 5.48 10.21
C VAL A 208 0.43 6.70 10.35
N LEU A 209 1.19 6.77 11.43
CA LEU A 209 1.94 7.97 11.81
C LEU A 209 3.40 7.59 11.90
N HIS A 210 4.23 8.19 11.06
CA HIS A 210 5.69 7.92 11.04
C HIS A 210 6.40 9.07 11.72
N ILE A 211 7.42 8.76 12.52
CA ILE A 211 8.27 9.77 13.16
C ILE A 211 9.73 9.44 12.81
N THR A 212 10.51 10.46 12.51
CA THR A 212 11.95 10.30 12.30
C THR A 212 12.57 11.69 12.33
N ASN A 213 13.80 11.79 12.80
CA ASN A 213 14.57 13.05 12.70
C ASN A 213 15.52 13.01 11.51
N THR A 214 15.35 12.09 10.55
CA THR A 214 16.29 11.90 9.41
C THR A 214 15.71 12.39 8.08
N ALA A 215 14.49 12.91 8.07
CA ALA A 215 13.74 13.25 6.83
C ALA A 215 13.70 14.77 6.65
N THR A 216 14.11 15.26 5.47
CA THR A 216 14.05 16.70 5.14
C THR A 216 13.22 16.86 3.87
N THR A 217 12.34 17.86 3.83
CA THR A 217 11.66 18.30 2.58
C THR A 217 12.35 19.55 2.05
N VAL A 218 12.74 19.54 0.79
CA VAL A 218 13.31 20.74 0.11
C VAL A 218 12.11 21.58 -0.37
N LEU A 219 12.13 22.88 -0.12
CA LEU A 219 11.00 23.81 -0.41
C LEU A 219 11.24 24.58 -1.72
N LEU A 220 12.38 24.35 -2.37
CA LEU A 220 12.71 25.07 -3.62
C LEU A 220 11.76 24.60 -4.73
N ASP A 221 11.31 25.53 -5.57
CA ASP A 221 10.47 25.25 -6.76
C ASP A 221 11.38 24.80 -7.92
N GLU A 222 10.82 24.63 -9.12
CA GLU A 222 11.57 24.09 -10.29
C GLU A 222 12.61 25.12 -10.77
N PHE A 223 12.58 26.34 -10.26
CA PHE A 223 13.61 27.37 -10.57
C PHE A 223 14.65 27.46 -9.47
N GLY A 224 14.58 26.62 -8.43
CA GLY A 224 15.55 26.67 -7.31
C GLY A 224 15.21 27.76 -6.30
N VAL A 225 13.96 28.21 -6.27
CA VAL A 225 13.54 29.35 -5.41
C VAL A 225 12.56 28.84 -4.35
N GLY A 226 12.83 29.15 -3.09
CA GLY A 226 11.91 28.79 -1.99
C GLY A 226 10.95 29.94 -1.73
N PRO A 227 9.98 29.76 -0.80
CA PRO A 227 9.17 30.86 -0.30
C PRO A 227 10.03 32.04 0.14
N LEU A 228 9.64 33.24 -0.29
CA LEU A 228 10.36 34.50 0.02
C LEU A 228 9.51 35.26 1.05
N CYS A 229 10.08 35.58 2.20
CA CYS A 229 9.28 36.06 3.37
C CYS A 229 9.01 37.56 3.28
N LYS A 230 7.80 37.93 2.88
CA LYS A 230 7.42 39.37 2.78
C LYS A 230 7.38 40.00 4.17
N GLY A 231 8.03 41.16 4.31
CA GLY A 231 8.12 41.87 5.60
C GLY A 231 8.90 41.08 6.62
N ASP A 232 9.73 40.12 6.19
CA ASP A 232 10.52 39.25 7.10
C ASP A 232 9.60 38.48 8.06
N ASN A 233 8.50 37.94 7.55
CA ASN A 233 7.60 37.03 8.31
C ASN A 233 7.54 35.67 7.60
N LEU A 234 7.65 34.60 8.38
CA LEU A 234 7.44 33.22 7.89
C LEU A 234 6.06 32.75 8.38
N TYR A 235 5.30 32.11 7.51
CA TYR A 235 3.95 31.59 7.84
C TYR A 235 4.01 30.07 7.86
N LEU A 236 3.62 29.48 8.99
CA LEU A 236 3.54 28.02 9.15
C LEU A 236 2.08 27.71 9.41
N SER A 237 1.52 26.73 8.72
CA SER A 237 0.12 26.30 8.89
C SER A 237 0.07 24.79 9.00
N ALA A 238 -0.92 24.26 9.71
CA ALA A 238 -1.05 22.82 9.92
C ALA A 238 -2.49 22.45 10.27
N VAL A 239 -2.83 21.24 9.91
CA VAL A 239 -3.98 20.50 10.48
C VAL A 239 -3.49 19.08 10.73
N ASP A 240 -3.78 18.51 11.91
CA ASP A 240 -3.45 17.11 12.20
C ASP A 240 -4.63 16.56 12.97
N VAL A 241 -5.76 16.40 12.26
CA VAL A 241 -6.91 15.63 12.78
C VAL A 241 -6.57 14.16 12.61
N CYS A 242 -6.35 13.43 13.70
CA CYS A 242 -5.77 12.07 13.62
C CYS A 242 -6.86 11.03 13.44
N GLY A 243 -8.09 11.42 13.77
CA GLY A 243 -9.27 10.56 13.67
C GLY A 243 -10.26 10.94 14.75
N MET A 244 -11.13 10.00 15.09
CA MET A 244 -12.12 10.18 16.17
C MET A 244 -11.82 9.23 17.32
N PHE A 245 -12.00 9.78 18.52
CA PHE A 245 -12.07 9.03 19.80
C PHE A 245 -13.53 8.67 20.07
N THR A 246 -13.80 7.39 20.27
CA THR A 246 -15.14 6.89 20.64
C THR A 246 -15.16 6.64 22.14
N ASN A 247 -16.00 7.33 22.91
CA ASN A 247 -16.03 7.05 24.36
C ASN A 247 -17.06 5.94 24.66
N ARG A 248 -17.12 5.55 25.94
CA ARG A 248 -17.91 4.40 26.43
C ARG A 248 -19.34 4.50 25.92
N SER A 249 -19.88 5.70 25.75
CA SER A 249 -21.30 5.89 25.33
C SER A 249 -21.48 5.64 23.84
N GLY A 250 -20.38 5.64 23.05
CA GLY A 250 -20.49 5.61 21.56
C GLY A 250 -20.32 6.98 20.92
N SER A 251 -20.40 8.06 21.70
N SER A 251 -20.37 8.06 21.71
CA SER A 251 -20.18 9.44 21.19
CA SER A 251 -20.10 9.45 21.26
C SER A 251 -18.75 9.56 20.67
C SER A 251 -18.72 9.49 20.62
N GLN A 252 -18.57 10.32 19.60
CA GLN A 252 -17.26 10.47 18.91
C GLN A 252 -16.84 11.93 18.91
N GLN A 253 -15.54 12.12 19.09
CA GLN A 253 -14.88 13.43 19.15
C GLN A 253 -13.68 13.38 18.23
N TRP A 254 -13.38 14.45 17.53
CA TRP A 254 -12.10 14.56 16.81
C TRP A 254 -10.97 14.63 17.82
N ARG A 255 -9.84 13.98 17.51
CA ARG A 255 -8.59 14.11 18.32
C ARG A 255 -7.50 14.63 17.39
N GLY A 256 -6.80 15.67 17.83
CA GLY A 256 -5.68 16.31 17.09
C GLY A 256 -4.39 16.19 17.87
N LEU A 257 -3.27 16.39 17.19
CA LEU A 257 -1.92 16.45 17.82
C LEU A 257 -1.19 17.64 17.23
N SER A 258 -0.21 18.11 17.98
CA SER A 258 0.68 19.22 17.61
C SER A 258 1.63 18.77 16.49
N ARG A 259 2.15 19.75 15.76
CA ARG A 259 3.11 19.53 14.68
C ARG A 259 4.37 20.35 14.93
N TYR A 260 5.50 19.70 14.84
CA TYR A 260 6.85 20.31 14.94
C TYR A 260 7.25 20.81 13.56
N PHE A 261 7.87 21.98 13.51
CA PHE A 261 8.43 22.56 12.27
C PHE A 261 9.88 22.97 12.56
N LYS A 262 10.81 22.64 11.68
CA LYS A 262 12.15 23.28 11.67
C LYS A 262 12.41 23.70 10.24
N VAL A 263 12.58 25.00 10.04
CA VAL A 263 12.76 25.58 8.68
C VAL A 263 14.13 26.26 8.66
N GLN A 264 14.93 25.92 7.65
N GLN A 264 14.95 25.91 7.66
CA GLN A 264 16.22 26.60 7.35
CA GLN A 264 16.23 26.60 7.38
C GLN A 264 15.93 27.69 6.32
C GLN A 264 15.95 27.68 6.32
N LEU A 265 16.44 28.89 6.57
CA LEU A 265 16.27 30.03 5.66
C LEU A 265 17.63 30.63 5.31
N ARG A 266 17.71 31.24 4.15
CA ARG A 266 18.93 31.95 3.70
C ARG A 266 18.53 33.29 3.11
N LYS A 267 19.44 34.26 3.12
CA LYS A 267 19.18 35.58 2.53
C LYS A 267 19.35 35.49 1.01
N ARG A 268 18.38 36.05 0.31
CA ARG A 268 18.32 36.11 -1.17
C ARG A 268 18.13 37.56 -1.59
N ARG A 269 18.91 38.04 -2.56
CA ARG A 269 18.72 39.40 -3.10
C ARG A 269 17.61 39.34 -4.14
N VAL A 270 16.70 40.31 -4.12
CA VAL A 270 15.64 40.42 -5.15
C VAL A 270 15.57 41.86 -5.63
N LYS A 271 14.98 42.08 -6.80
CA LYS A 271 14.58 43.43 -7.30
C LYS A 271 13.05 43.42 -7.36
N ASN A 272 12.40 44.30 -6.58
CA ASN A 272 10.96 44.23 -6.19
C ASN A 272 10.23 45.49 -6.68
N VAL B 7 31.75 20.82 19.53
CA VAL B 7 32.63 19.77 18.95
C VAL B 7 32.93 20.15 17.49
N GLU B 8 34.19 20.43 17.17
CA GLU B 8 34.69 20.44 15.77
C GLU B 8 34.95 18.97 15.39
N VAL B 9 34.31 18.49 14.33
CA VAL B 9 34.46 17.08 13.88
C VAL B 9 35.55 17.09 12.80
N LEU B 10 36.61 16.33 12.99
CA LEU B 10 37.76 16.27 12.05
C LEU B 10 37.77 14.89 11.36
N GLU B 11 38.92 14.34 11.01
CA GLU B 11 39.00 13.18 10.09
C GLU B 11 38.59 11.88 10.80
N VAL B 12 38.17 10.93 9.99
CA VAL B 12 37.96 9.51 10.39
C VAL B 12 39.33 8.81 10.48
N LYS B 13 39.56 8.03 11.54
CA LYS B 13 40.75 7.13 11.61
C LYS B 13 40.56 5.96 10.64
N THR B 14 41.64 5.49 10.00
CA THR B 14 41.63 4.30 9.10
C THR B 14 42.54 3.22 9.70
N GLY B 15 42.56 2.03 9.09
CA GLY B 15 43.32 0.86 9.57
C GLY B 15 42.45 -0.17 10.28
N ASP B 17 42.36 -1.37 13.25
CA ASP B 17 42.08 -1.05 14.68
C ASP B 17 41.05 0.07 14.83
N SER B 18 40.53 0.64 13.74
CA SER B 18 39.74 1.90 13.75
C SER B 18 38.23 1.60 13.71
N ILE B 19 37.82 0.33 13.57
CA ILE B 19 36.37 -0.02 13.45
C ILE B 19 35.98 -0.99 14.56
N THR B 20 34.73 -0.96 14.99
CA THR B 20 34.17 -1.94 15.93
C THR B 20 32.71 -2.17 15.56
N GLU B 21 32.12 -3.21 16.13
CA GLU B 21 30.74 -3.59 15.81
C GLU B 21 30.06 -3.92 17.13
N VAL B 22 28.83 -3.44 17.29
CA VAL B 22 27.96 -3.82 18.43
C VAL B 22 26.82 -4.65 17.84
N GLU B 23 26.55 -5.78 18.49
CA GLU B 23 25.51 -6.70 18.01
C GLU B 23 24.77 -7.18 19.24
N CYS B 24 23.46 -6.99 19.28
CA CYS B 24 22.68 -7.44 20.44
C CYS B 24 21.19 -7.44 20.17
N PHE B 25 20.49 -8.07 21.08
CA PHE B 25 19.00 -8.08 21.06
CA PHE B 25 19.01 -8.15 21.10
C PHE B 25 18.52 -7.23 22.25
N LEU B 26 17.52 -6.40 22.01
CA LEU B 26 16.84 -5.64 23.09
C LEU B 26 15.47 -6.29 23.35
N THR B 27 15.24 -6.82 24.53
CA THR B 27 13.97 -7.51 24.84
C THR B 27 12.90 -6.45 25.08
N PRO B 28 11.63 -6.80 24.77
CA PRO B 28 10.53 -5.87 24.92
C PRO B 28 10.12 -5.76 26.39
N GLU B 29 9.49 -4.64 26.75
CA GLU B 29 9.02 -4.42 28.14
C GLU B 29 7.54 -4.12 28.10
N MET B 30 6.73 -5.16 28.01
CA MET B 30 5.27 -5.03 27.78
C MET B 30 4.50 -4.96 29.09
N GLY B 31 5.12 -5.32 30.22
CA GLY B 31 4.51 -5.19 31.55
C GLY B 31 4.72 -6.45 32.38
N ASP B 32 4.76 -7.63 31.74
CA ASP B 32 5.15 -8.93 32.35
C ASP B 32 4.37 -9.18 33.65
N PRO B 33 3.05 -9.40 33.55
CA PRO B 33 2.19 -9.39 34.74
C PRO B 33 2.34 -10.60 35.66
N ASP B 34 2.99 -11.67 35.21
CA ASP B 34 3.34 -12.81 36.11
C ASP B 34 4.55 -13.53 35.54
N GLU B 35 4.98 -14.57 36.25
N GLU B 35 5.02 -14.56 36.23
CA GLU B 35 6.25 -15.32 36.00
CA GLU B 35 6.30 -15.24 35.93
C GLU B 35 6.18 -16.04 34.66
C GLU B 35 6.17 -16.13 34.69
N HIS B 36 4.99 -16.19 34.07
CA HIS B 36 4.78 -16.96 32.81
C HIS B 36 4.61 -16.04 31.62
N LEU B 37 4.60 -14.72 31.79
CA LEU B 37 4.01 -13.85 30.73
C LEU B 37 4.98 -12.77 30.29
N ARG B 38 6.26 -13.10 30.28
CA ARG B 38 7.28 -12.24 29.65
C ARG B 38 6.86 -11.99 28.20
N GLY B 39 6.88 -10.73 27.76
CA GLY B 39 6.50 -10.32 26.40
C GLY B 39 5.04 -9.91 26.28
N PHE B 40 4.24 -10.09 27.33
CA PHE B 40 2.81 -9.72 27.36
C PHE B 40 2.59 -8.61 28.39
N SER B 41 1.52 -7.82 28.21
CA SER B 41 1.00 -6.90 29.25
C SER B 41 -0.03 -7.67 30.09
N LYS B 42 -0.39 -7.07 31.22
CA LYS B 42 -1.67 -7.40 31.91
C LYS B 42 -2.81 -7.19 30.92
N SER B 43 -3.91 -7.93 31.07
CA SER B 43 -5.11 -7.65 30.24
CA SER B 43 -5.14 -7.68 30.29
C SER B 43 -5.58 -6.23 30.50
N ILE B 44 -6.03 -5.58 29.42
N ILE B 44 -6.10 -5.59 29.46
CA ILE B 44 -6.48 -4.16 29.44
CA ILE B 44 -6.40 -4.13 29.48
C ILE B 44 -7.80 -4.09 30.21
C ILE B 44 -7.82 -3.91 30.01
N SER B 45 -7.93 -3.08 31.05
CA SER B 45 -9.24 -2.66 31.64
C SER B 45 -9.43 -1.19 31.32
N ILE B 46 -10.68 -0.75 31.25
CA ILE B 46 -11.05 0.62 30.79
C ILE B 46 -11.71 1.36 31.96
N SER B 47 -11.24 2.58 32.23
CA SER B 47 -11.85 3.48 33.25
C SER B 47 -13.23 3.94 32.76
N ASP B 48 -14.09 4.34 33.70
CA ASP B 48 -15.46 4.83 33.39
C ASP B 48 -15.46 6.34 33.15
N THR B 49 -14.37 7.03 33.48
CA THR B 49 -14.23 8.49 33.28
C THR B 49 -12.77 8.78 32.94
N PHE B 50 -12.46 9.95 32.38
CA PHE B 50 -11.05 10.36 32.20
C PHE B 50 -10.41 10.52 33.58
N GLU B 51 -11.16 11.08 34.56
CA GLU B 51 -10.56 11.44 35.87
C GLU B 51 -10.17 10.18 36.63
N SER B 52 -10.80 9.04 36.37
CA SER B 52 -10.49 7.78 37.09
C SER B 52 -9.54 6.86 36.30
N ASP B 53 -8.92 7.32 35.23
CA ASP B 53 -7.93 6.52 34.46
C ASP B 53 -6.71 6.29 35.35
N SER B 54 -6.47 5.04 35.70
CA SER B 54 -5.39 4.66 36.66
CA SER B 54 -5.43 4.65 36.68
C SER B 54 -4.80 3.33 36.23
N PRO B 55 -4.02 3.32 35.13
CA PRO B 55 -3.46 2.06 34.62
C PRO B 55 -2.42 1.45 35.56
N ASN B 56 -2.53 0.15 35.78
CA ASN B 56 -1.52 -0.62 36.56
C ASN B 56 -0.21 -0.68 35.78
N ARG B 57 0.89 -0.70 36.49
CA ARG B 57 2.23 -0.71 35.87
C ARG B 57 2.37 -1.88 34.88
N ASP B 58 1.81 -3.04 35.22
CA ASP B 58 2.04 -4.24 34.37
C ASP B 58 1.12 -4.18 33.15
N MET B 59 0.26 -3.15 33.05
CA MET B 59 -0.62 -2.98 31.86
C MET B 59 0.01 -1.99 30.86
N LEU B 60 1.13 -1.37 31.19
CA LEU B 60 1.78 -0.30 30.36
C LEU B 60 3.07 -0.78 29.73
N PRO B 61 3.08 -0.98 28.40
CA PRO B 61 4.35 -1.11 27.68
C PRO B 61 5.25 0.10 27.97
N CYS B 62 6.53 -0.16 28.03
CA CYS B 62 7.58 0.84 28.26
C CYS B 62 8.62 0.79 27.15
N TYR B 63 9.35 1.87 26.99
CA TYR B 63 10.53 1.92 26.09
C TYR B 63 11.60 0.98 26.64
N SER B 64 12.25 0.26 25.72
CA SER B 64 13.46 -0.55 25.97
C SER B 64 14.69 0.32 25.72
N VAL B 65 15.70 0.21 26.57
CA VAL B 65 16.98 0.92 26.31
C VAL B 65 18.14 0.06 26.79
N ALA B 66 19.24 0.08 26.03
CA ALA B 66 20.53 -0.51 26.44
C ALA B 66 21.63 0.56 26.23
N ARG B 67 22.45 0.75 27.26
CA ARG B 67 23.69 1.54 27.22
C ARG B 67 24.84 0.55 27.04
N ILE B 68 25.51 0.59 25.90
CA ILE B 68 26.55 -0.41 25.51
C ILE B 68 27.92 0.25 25.65
N PRO B 69 28.77 -0.17 26.62
CA PRO B 69 30.13 0.37 26.72
C PRO B 69 30.95 -0.12 25.53
N LEU B 70 31.65 0.79 24.88
CA LEU B 70 32.51 0.51 23.70
C LEU B 70 33.97 0.50 24.17
N PRO B 71 34.92 0.04 23.33
CA PRO B 71 36.33 0.03 23.74
C PRO B 71 36.77 1.46 24.12
N ASN B 72 37.46 1.59 25.26
CA ASN B 72 37.83 2.89 25.85
C ASN B 72 38.82 3.60 24.92
N LEU B 73 38.57 4.87 24.63
CA LEU B 73 39.44 5.72 23.79
C LEU B 73 40.10 6.78 24.67
N ASN B 74 41.26 7.30 24.26
CA ASN B 74 41.92 8.46 24.93
C ASN B 74 42.40 8.07 26.34
N GLU B 75 42.67 6.78 26.60
CA GLU B 75 43.19 6.26 27.90
C GLU B 75 42.47 6.96 29.06
N ASN B 81 41.33 17.41 22.21
CA ASN B 81 41.66 16.75 20.92
C ASN B 81 41.62 15.22 21.12
N ILE B 82 40.44 14.61 20.95
CA ILE B 82 40.18 13.21 21.38
C ILE B 82 39.55 12.41 20.24
N LEU B 83 39.52 11.09 20.41
CA LEU B 83 38.80 10.18 19.48
C LEU B 83 37.43 9.86 20.12
N MET B 84 36.42 9.73 19.27
CA MET B 84 35.09 9.24 19.67
C MET B 84 34.68 8.18 18.66
N TRP B 85 33.91 7.21 19.14
CA TRP B 85 33.26 6.21 18.30
C TRP B 85 32.10 6.89 17.59
N GLU B 86 32.05 6.74 16.29
CA GLU B 86 30.98 7.32 15.44
C GLU B 86 30.14 6.16 14.93
N ALA B 87 28.83 6.16 15.19
CA ALA B 87 27.95 5.11 14.62
C ALA B 87 27.64 5.47 13.17
N VAL B 88 27.89 4.52 12.25
CA VAL B 88 27.85 4.73 10.77
C VAL B 88 26.71 3.92 10.15
N THR B 89 26.49 2.67 10.53
CA THR B 89 25.43 1.86 9.89
C THR B 89 24.68 1.03 10.93
N LEU B 90 23.45 0.67 10.57
CA LEU B 90 22.52 -0.14 11.40
C LEU B 90 21.89 -1.23 10.55
N LYS B 91 21.91 -2.47 11.04
CA LYS B 91 20.98 -3.51 10.59
C LYS B 91 20.07 -3.79 11.77
N THR B 92 18.77 -3.90 11.54
CA THR B 92 17.84 -4.17 12.65
C THR B 92 16.70 -5.02 12.12
N GLU B 93 16.11 -5.80 13.02
CA GLU B 93 14.85 -6.46 12.67
C GLU B 93 14.20 -6.98 13.94
N VAL B 94 12.91 -7.23 13.81
CA VAL B 94 12.08 -7.80 14.89
C VAL B 94 12.34 -9.31 14.90
N ILE B 95 12.61 -9.86 16.09
N ILE B 95 12.56 -9.88 16.09
CA ILE B 95 12.97 -11.29 16.25
CA ILE B 95 13.02 -11.28 16.26
C ILE B 95 11.76 -12.07 16.75
C ILE B 95 11.88 -12.14 16.81
N GLY B 96 11.46 -13.16 16.06
CA GLY B 96 10.37 -14.06 16.45
C GLY B 96 9.05 -13.72 15.79
N VAL B 97 9.07 -13.14 14.59
CA VAL B 97 7.81 -12.75 13.90
C VAL B 97 6.88 -13.96 13.75
N THR B 98 7.42 -15.15 13.53
CA THR B 98 6.63 -16.36 13.24
C THR B 98 5.88 -16.82 14.49
N SER B 99 6.29 -16.41 15.68
CA SER B 99 5.58 -16.80 16.93
C SER B 99 4.10 -16.34 16.84
N LEU B 100 3.81 -15.30 16.06
CA LEU B 100 2.43 -14.77 15.91
C LEU B 100 1.54 -15.75 15.12
N MET B 101 2.10 -16.82 14.55
CA MET B 101 1.29 -17.88 13.88
C MET B 101 0.72 -18.89 14.88
N ASN B 102 1.01 -18.76 16.17
CA ASN B 102 0.36 -19.63 17.18
C ASN B 102 -1.09 -19.15 17.38
N VAL B 103 -2.04 -19.79 16.70
CA VAL B 103 -3.49 -19.48 16.74
C VAL B 103 -4.22 -20.64 17.45
N HIS B 104 -3.52 -21.39 18.30
CA HIS B 104 -4.09 -22.59 18.97
C HIS B 104 -4.00 -22.52 20.51
N SER B 105 -3.42 -21.47 21.07
CA SER B 105 -3.14 -21.37 22.52
C SER B 105 -4.25 -20.60 23.25
N ASN B 106 -5.43 -21.20 23.39
CA ASN B 106 -6.57 -20.69 24.21
C ASN B 106 -6.93 -19.27 23.81
N GLY B 107 -6.89 -18.98 22.51
CA GLY B 107 -7.39 -17.72 21.93
C GLY B 107 -8.90 -17.73 21.75
N GLN B 108 -9.43 -16.67 21.17
CA GLN B 108 -10.87 -16.51 20.87
C GLN B 108 -11.12 -16.94 19.42
N ALA B 109 -11.88 -18.00 19.21
CA ALA B 109 -12.20 -18.52 17.86
C ALA B 109 -12.84 -17.38 17.06
N THR B 110 -12.39 -17.16 15.83
CA THR B 110 -12.89 -16.07 14.98
C THR B 110 -14.38 -16.31 14.66
N HIS B 111 -14.82 -17.57 14.71
CA HIS B 111 -16.20 -18.05 14.41
C HIS B 111 -16.28 -19.49 14.88
N ASP B 112 -17.49 -20.07 14.89
N ASP B 112 -17.50 -20.06 14.91
CA ASP B 112 -17.71 -21.45 15.40
CA ASP B 112 -17.71 -21.43 15.41
C ASP B 112 -16.80 -22.45 14.65
C ASP B 112 -16.79 -22.43 14.67
N ASN B 113 -15.99 -23.20 15.41
CA ASN B 113 -15.07 -24.27 14.92
C ASN B 113 -13.81 -23.67 14.29
N GLY B 114 -13.63 -22.36 14.36
CA GLY B 114 -12.52 -21.64 13.69
C GLY B 114 -11.24 -21.65 14.51
N ALA B 115 -10.15 -21.18 13.92
CA ALA B 115 -8.86 -20.98 14.61
C ALA B 115 -8.97 -19.75 15.49
N GLY B 116 -7.97 -19.58 16.36
CA GLY B 116 -7.91 -18.42 17.26
C GLY B 116 -7.59 -17.15 16.50
N LYS B 117 -8.20 -16.05 16.92
CA LYS B 117 -7.89 -14.71 16.40
C LYS B 117 -6.39 -14.45 16.59
N PRO B 118 -5.66 -14.10 15.53
CA PRO B 118 -4.24 -13.82 15.67
C PRO B 118 -4.03 -12.46 16.31
N VAL B 119 -2.82 -12.27 16.81
CA VAL B 119 -2.34 -10.96 17.32
C VAL B 119 -2.60 -9.90 16.26
N GLN B 120 -3.24 -8.80 16.65
CA GLN B 120 -3.63 -7.73 15.74
C GLN B 120 -3.98 -6.49 16.56
N GLY B 121 -4.23 -5.38 15.88
CA GLY B 121 -4.56 -4.12 16.54
C GLY B 121 -3.35 -3.20 16.60
N THR B 122 -3.48 -2.15 17.38
CA THR B 122 -2.52 -1.02 17.43
C THR B 122 -1.11 -1.57 17.63
N SER B 123 -0.18 -1.05 16.83
CA SER B 123 1.25 -1.42 16.89
C SER B 123 2.08 -0.15 16.98
N PHE B 124 3.22 -0.23 17.65
CA PHE B 124 4.25 0.83 17.64
C PHE B 124 5.57 0.11 17.47
N HIS B 125 6.24 0.40 16.35
CA HIS B 125 7.55 -0.15 16.00
C HIS B 125 8.50 1.04 15.92
N PHE B 126 9.53 1.01 16.77
CA PHE B 126 10.38 2.19 17.01
C PHE B 126 11.79 1.70 17.31
N PHE B 127 12.80 2.38 16.77
CA PHE B 127 14.20 2.08 17.15
C PHE B 127 15.03 3.35 17.00
N SER B 128 16.03 3.48 17.85
CA SER B 128 16.95 4.64 17.79
C SER B 128 18.37 4.18 18.12
N VAL B 129 19.33 4.85 17.49
CA VAL B 129 20.79 4.68 17.78
C VAL B 129 21.35 6.07 18.09
N GLY B 130 22.00 6.25 19.24
CA GLY B 130 22.58 7.55 19.58
C GLY B 130 23.84 7.42 20.41
N GLY B 131 24.56 8.53 20.54
CA GLY B 131 25.79 8.64 21.33
C GLY B 131 25.49 9.16 22.72
N GLU B 132 24.21 9.14 23.10
CA GLU B 132 23.72 9.60 24.41
C GLU B 132 22.26 9.15 24.51
N ALA B 133 21.67 9.29 25.69
CA ALA B 133 20.27 8.86 25.92
C ALA B 133 19.33 9.57 24.93
N LEU B 134 18.35 8.83 24.48
CA LEU B 134 17.25 9.38 23.67
C LEU B 134 16.54 10.46 24.50
N GLU B 135 16.30 11.61 23.90
CA GLU B 135 15.63 12.73 24.59
C GLU B 135 14.13 12.63 24.29
N LEU B 136 13.31 12.75 25.33
CA LEU B 136 11.85 12.51 25.25
C LEU B 136 11.07 13.79 25.55
N GLN B 137 9.90 13.89 24.93
CA GLN B 137 8.88 14.94 25.18
C GLN B 137 7.59 14.22 25.60
N GLY B 138 6.97 14.63 26.70
CA GLY B 138 5.73 14.00 27.18
C GLY B 138 4.54 14.57 26.44
N VAL B 139 3.64 13.70 25.98
CA VAL B 139 2.31 14.08 25.45
C VAL B 139 1.32 13.04 25.99
N LEU B 140 0.25 13.51 26.63
CA LEU B 140 -0.73 12.66 27.31
C LEU B 140 -2.02 12.64 26.50
N PHE B 141 -2.57 11.45 26.33
CA PHE B 141 -3.93 11.29 25.76
C PHE B 141 -4.94 12.04 26.66
N ASN B 142 -4.75 11.88 27.96
CA ASN B 142 -5.66 12.35 29.02
C ASN B 142 -4.78 12.83 30.19
N TYR B 143 -4.76 14.13 30.44
CA TYR B 143 -3.80 14.72 31.42
C TYR B 143 -4.14 14.26 32.82
N ARG B 144 -5.34 13.73 33.06
CA ARG B 144 -5.75 13.29 34.41
C ARG B 144 -5.42 11.81 34.64
N THR B 145 -4.83 11.12 33.67
CA THR B 145 -4.38 9.73 33.89
C THR B 145 -3.44 9.71 35.11
N LYS B 146 -3.67 8.79 36.03
CA LYS B 146 -2.77 8.61 37.19
C LYS B 146 -1.81 7.46 36.83
N TYR B 147 -0.56 7.78 36.51
CA TYR B 147 0.48 6.79 36.16
C TYR B 147 1.02 6.18 37.46
N PRO B 148 1.32 4.87 37.41
CA PRO B 148 1.63 4.10 38.61
C PRO B 148 3.05 4.26 39.15
N ASP B 149 3.18 3.92 40.43
CA ASP B 149 4.50 3.88 41.09
C ASP B 149 5.41 2.94 40.30
N GLY B 150 6.67 3.32 40.18
CA GLY B 150 7.70 2.55 39.47
C GLY B 150 7.76 2.92 37.99
N THR B 151 6.87 3.78 37.49
CA THR B 151 7.02 4.40 36.15
C THR B 151 7.50 5.84 36.28
N ILE B 152 8.13 6.34 35.23
CA ILE B 152 8.57 7.75 35.10
C ILE B 152 7.71 8.38 34.01
N PHE B 153 6.92 9.36 34.42
CA PHE B 153 5.83 9.94 33.62
C PHE B 153 5.85 11.46 33.74
N PRO B 154 5.18 12.15 32.79
CA PRO B 154 5.05 13.60 32.83
C PRO B 154 4.42 14.05 34.16
N LYS B 155 5.16 14.89 34.87
CA LYS B 155 4.77 15.45 36.19
C LYS B 155 4.16 16.84 36.01
N ASN B 156 3.35 17.26 36.98
CA ASN B 156 2.67 18.57 36.98
C ASN B 156 1.87 18.69 35.67
N ALA B 157 1.24 17.61 35.22
CA ALA B 157 0.44 17.64 33.97
C ALA B 157 -0.68 18.68 34.11
N THR B 158 -0.97 19.38 33.03
CA THR B 158 -2.13 20.28 32.88
C THR B 158 -2.89 19.83 31.64
N VAL B 159 -4.03 20.44 31.37
CA VAL B 159 -4.81 20.10 30.15
C VAL B 159 -3.94 20.40 28.93
N GLN B 160 -3.03 21.38 29.01
CA GLN B 160 -2.14 21.70 27.86
C GLN B 160 -1.21 20.51 27.54
N SER B 161 -0.97 19.62 28.49
CA SER B 161 -0.14 18.40 28.32
C SER B 161 -0.77 17.45 27.28
N GLN B 162 -2.06 17.61 26.99
CA GLN B 162 -2.77 16.79 25.98
C GLN B 162 -2.33 17.18 24.56
N VAL B 163 -1.68 18.35 24.38
CA VAL B 163 -1.22 18.78 23.03
C VAL B 163 0.28 19.15 23.01
N MET B 164 0.75 19.95 23.94
CA MET B 164 2.21 20.24 24.07
C MET B 164 2.44 21.07 25.33
N ASN B 165 3.13 20.49 26.29
CA ASN B 165 3.58 21.21 27.51
C ASN B 165 5.09 20.99 27.56
N THR B 166 5.87 22.06 27.33
CA THR B 166 7.35 22.01 27.24
C THR B 166 8.01 21.66 28.58
N GLU B 167 7.29 21.64 29.69
CA GLU B 167 7.89 21.16 30.96
C GLU B 167 8.26 19.67 30.84
N HIS B 168 7.55 18.85 30.02
CA HIS B 168 7.72 17.37 30.05
C HIS B 168 8.92 16.95 29.18
N LYS B 169 10.12 17.22 29.68
CA LYS B 169 11.40 16.80 29.05
C LYS B 169 12.02 15.72 29.91
N ALA B 170 12.49 14.65 29.28
CA ALA B 170 13.18 13.55 30.01
C ALA B 170 14.24 12.91 29.11
N TYR B 171 15.08 12.08 29.74
CA TYR B 171 16.06 11.19 29.07
C TYR B 171 15.55 9.76 29.21
N LEU B 172 15.61 8.98 28.14
CA LEU B 172 15.35 7.53 28.23
C LEU B 172 16.59 6.90 28.87
N ASP B 173 16.62 6.91 30.21
CA ASP B 173 17.85 6.61 31.00
C ASP B 173 17.60 5.40 31.92
N LYS B 174 16.50 4.67 31.73
CA LYS B 174 16.14 3.54 32.61
C LYS B 174 15.23 2.60 31.80
N ASN B 175 15.52 1.31 31.87
CA ASN B 175 14.72 0.26 31.20
C ASN B 175 13.44 0.01 32.05
N LYS B 176 12.35 -0.40 31.41
CA LYS B 176 11.07 -0.78 32.06
C LYS B 176 10.53 0.36 32.92
N ALA B 177 10.63 1.62 32.48
CA ALA B 177 10.24 2.75 33.36
C ALA B 177 9.42 3.82 32.64
N TYR B 178 9.73 4.12 31.38
CA TYR B 178 9.09 5.21 30.60
C TYR B 178 7.95 4.61 29.78
N PRO B 179 6.68 4.82 30.17
CA PRO B 179 5.57 4.20 29.42
C PRO B 179 5.55 4.73 27.98
N VAL B 180 5.29 3.83 27.04
CA VAL B 180 5.23 4.23 25.61
C VAL B 180 4.17 5.33 25.42
N GLU B 181 2.99 5.19 26.02
CA GLU B 181 1.81 6.04 25.66
C GLU B 181 2.00 7.49 26.11
N CYS B 182 2.93 7.78 27.01
CA CYS B 182 3.06 9.17 27.48
C CYS B 182 4.38 9.82 27.06
N TRP B 183 5.15 9.21 26.19
CA TRP B 183 6.44 9.81 25.76
C TRP B 183 6.71 9.58 24.28
N VAL B 184 7.36 10.54 23.64
CA VAL B 184 7.87 10.41 22.25
C VAL B 184 9.27 11.02 22.20
N PRO B 185 10.06 10.66 21.18
CA PRO B 185 11.31 11.38 20.92
C PRO B 185 11.00 12.87 20.77
N ASP B 186 11.79 13.71 21.44
CA ASP B 186 11.72 15.18 21.39
C ASP B 186 12.35 15.65 20.07
N PRO B 187 11.55 16.14 19.09
CA PRO B 187 12.12 16.60 17.82
C PRO B 187 12.96 17.88 17.91
N THR B 188 12.85 18.61 19.02
CA THR B 188 13.63 19.84 19.30
C THR B 188 15.01 19.46 19.82
N ARG B 189 15.26 18.20 20.17
CA ARG B 189 16.61 17.77 20.63
C ARG B 189 17.07 16.60 19.75
N ASN B 190 17.75 15.61 20.33
CA ASN B 190 18.18 14.39 19.60
C ASN B 190 19.10 14.72 18.41
N GLU B 191 19.93 15.75 18.51
CA GLU B 191 20.95 16.08 17.48
C GLU B 191 21.93 14.91 17.33
N ASN B 192 22.15 14.13 18.39
CA ASN B 192 23.22 13.10 18.44
C ASN B 192 22.59 11.70 18.46
N THR B 193 21.36 11.58 17.98
CA THR B 193 20.60 10.32 17.87
C THR B 193 19.91 10.27 16.51
N ARG B 194 19.72 9.07 15.95
CA ARG B 194 18.87 8.87 14.78
C ARG B 194 17.71 8.01 15.24
N TYR B 195 16.47 8.45 15.04
CA TYR B 195 15.30 7.63 15.49
C TYR B 195 14.32 7.47 14.35
N PHE B 196 13.55 6.39 14.45
CA PHE B 196 12.57 5.97 13.44
C PHE B 196 11.43 5.25 14.15
N GLY B 197 10.20 5.63 13.86
CA GLY B 197 9.04 4.92 14.44
C GLY B 197 7.82 5.00 13.58
N THR B 198 6.93 4.02 13.73
CA THR B 198 5.61 4.00 13.07
C THR B 198 4.55 3.54 14.06
N LEU B 199 3.51 4.36 14.25
CA LEU B 199 2.29 4.00 15.01
C LEU B 199 1.27 3.60 13.95
N THR B 200 0.76 2.38 14.02
CA THR B 200 -0.40 1.96 13.21
C THR B 200 -1.56 1.68 14.16
N GLY B 201 -2.64 2.46 14.11
CA GLY B 201 -3.74 2.43 15.10
C GLY B 201 -4.99 1.72 14.61
N GLY B 202 -5.62 0.94 15.46
CA GLY B 202 -6.94 0.34 15.11
C GLY B 202 -7.03 -1.07 15.59
N GLU B 203 -8.20 -1.54 16.05
CA GLU B 203 -8.25 -2.83 16.77
C GLU B 203 -8.04 -3.98 15.79
N ASN B 204 -8.21 -3.75 14.49
CA ASN B 204 -8.19 -4.85 13.48
C ASN B 204 -6.96 -4.77 12.61
N VAL B 205 -6.03 -3.87 12.90
CA VAL B 205 -4.81 -3.64 12.07
C VAL B 205 -4.01 -4.94 12.03
N PRO B 206 -3.67 -5.46 10.83
CA PRO B 206 -2.87 -6.68 10.73
C PRO B 206 -1.39 -6.36 10.91
N PRO B 207 -0.62 -7.12 11.73
CA PRO B 207 0.82 -6.95 11.74
C PRO B 207 1.40 -7.22 10.34
N VAL B 208 2.31 -6.38 9.89
CA VAL B 208 3.08 -6.62 8.64
C VAL B 208 4.54 -6.49 9.01
N LEU B 209 5.24 -7.62 9.15
CA LEU B 209 6.61 -7.63 9.68
C LEU B 209 7.54 -8.26 8.62
N HIS B 210 8.52 -7.48 8.20
CA HIS B 210 9.52 -7.89 7.18
C HIS B 210 10.81 -8.27 7.90
N ILE B 211 11.44 -9.36 7.45
CA ILE B 211 12.78 -9.76 7.96
C ILE B 211 13.71 -9.96 6.75
N THR B 212 14.95 -9.51 6.89
CA THR B 212 15.98 -9.74 5.87
C THR B 212 17.33 -9.38 6.47
N ASN B 213 18.38 -10.07 6.06
CA ASN B 213 19.77 -9.73 6.48
C ASN B 213 20.44 -8.91 5.37
N THR B 214 19.70 -8.35 4.44
CA THR B 214 20.29 -7.65 3.27
C THR B 214 20.09 -6.14 3.34
N ALA B 215 19.44 -5.61 4.37
CA ALA B 215 19.03 -4.19 4.45
C ALA B 215 19.90 -3.46 5.48
N THR B 216 20.48 -2.33 5.08
CA THR B 216 21.36 -1.51 5.95
C THR B 216 20.80 -0.08 5.98
N THR B 217 20.72 0.53 7.15
CA THR B 217 20.40 1.97 7.31
C THR B 217 21.71 2.73 7.59
N VAL B 218 21.99 3.78 6.83
CA VAL B 218 23.13 4.69 7.08
C VAL B 218 22.71 5.70 8.15
N LEU B 219 23.54 5.93 9.16
CA LEU B 219 23.24 6.80 10.32
C LEU B 219 23.90 8.18 10.18
N LEU B 220 24.66 8.42 9.12
CA LEU B 220 25.28 9.75 8.85
C LEU B 220 24.20 10.80 8.56
N ASP B 221 24.36 11.99 9.13
CA ASP B 221 23.51 13.16 8.85
C ASP B 221 23.92 13.79 7.50
N GLU B 222 23.32 14.95 7.17
CA GLU B 222 23.51 15.73 5.92
C GLU B 222 24.99 16.09 5.75
N PHE B 223 25.77 16.12 6.83
CA PHE B 223 27.19 16.55 6.83
C PHE B 223 28.13 15.35 6.88
N GLY B 224 27.62 14.11 6.77
CA GLY B 224 28.45 12.90 6.80
C GLY B 224 28.85 12.50 8.20
N VAL B 225 28.11 12.92 9.23
CA VAL B 225 28.49 12.67 10.64
C VAL B 225 27.42 11.82 11.30
N GLY B 226 27.83 10.68 11.85
CA GLY B 226 26.93 9.78 12.58
C GLY B 226 26.90 10.18 14.05
N PRO B 227 26.02 9.56 14.86
CA PRO B 227 26.06 9.79 16.31
C PRO B 227 27.48 9.57 16.87
N LEU B 228 27.92 10.45 17.75
CA LEU B 228 29.25 10.36 18.42
C LEU B 228 29.03 9.95 19.87
N CYS B 229 29.70 8.89 20.30
CA CYS B 229 29.39 8.18 21.56
C CYS B 229 30.09 8.85 22.75
N LYS B 230 29.34 9.63 23.54
CA LYS B 230 29.87 10.35 24.71
C LYS B 230 30.23 9.34 25.81
N GLY B 231 31.40 9.55 26.42
CA GLY B 231 31.96 8.59 27.39
C GLY B 231 32.16 7.20 26.81
N ASP B 232 32.25 7.05 25.48
CA ASP B 232 32.40 5.73 24.79
C ASP B 232 31.20 4.82 25.11
N ASN B 233 29.98 5.35 25.09
CA ASN B 233 28.74 4.59 25.32
C ASN B 233 27.84 4.77 24.10
N LEU B 234 27.30 3.66 23.62
CA LEU B 234 26.28 3.63 22.56
C LEU B 234 24.92 3.38 23.23
N TYR B 235 23.91 4.10 22.78
CA TYR B 235 22.53 4.00 23.31
C TYR B 235 21.62 3.45 22.21
N LEU B 236 21.01 2.31 22.51
CA LEU B 236 20.04 1.64 21.62
C LEU B 236 18.72 1.67 22.37
N SER B 237 17.67 2.10 21.68
CA SER B 237 16.30 2.20 22.22
C SER B 237 15.32 1.54 21.24
N ALA B 238 14.25 0.95 21.75
CA ALA B 238 13.28 0.24 20.89
C ALA B 238 11.92 0.16 21.59
N VAL B 239 10.89 0.10 20.78
CA VAL B 239 9.56 -0.41 21.16
C VAL B 239 9.11 -1.29 19.99
N ASP B 240 8.56 -2.47 20.28
CA ASP B 240 7.94 -3.32 19.25
C ASP B 240 6.69 -3.94 19.88
N VAL B 241 5.70 -3.10 20.11
CA VAL B 241 4.32 -3.53 20.44
C VAL B 241 3.72 -4.00 19.12
N CYS B 242 3.46 -5.30 19.00
CA CYS B 242 3.07 -5.94 17.71
C CYS B 242 1.57 -5.88 17.50
N GLY B 243 0.82 -5.65 18.59
CA GLY B 243 -0.64 -5.72 18.62
C GLY B 243 -1.09 -6.32 19.94
N MET B 244 -2.28 -6.85 19.95
CA MET B 244 -2.91 -7.45 21.14
C MET B 244 -3.23 -8.91 20.83
N PHE B 245 -3.00 -9.73 21.83
CA PHE B 245 -3.51 -11.11 21.88
C PHE B 245 -4.88 -11.06 22.54
N THR B 246 -5.86 -11.73 21.94
CA THR B 246 -7.22 -11.88 22.48
C THR B 246 -7.34 -13.27 23.10
N ASN B 247 -7.59 -13.31 24.40
CA ASN B 247 -7.89 -14.57 25.14
C ASN B 247 -9.28 -15.08 24.80
N ARG B 248 -9.52 -16.37 25.04
CA ARG B 248 -10.86 -16.99 24.84
C ARG B 248 -11.94 -16.08 25.44
N SER B 249 -11.69 -15.51 26.62
CA SER B 249 -12.65 -14.67 27.40
C SER B 249 -12.98 -13.34 26.69
N GLY B 250 -12.15 -12.92 25.72
CA GLY B 250 -12.26 -11.58 25.08
C GLY B 250 -11.26 -10.61 25.66
N SER B 251 -10.66 -10.91 26.80
CA SER B 251 -9.64 -10.02 27.41
C SER B 251 -8.43 -9.91 26.46
N GLN B 252 -7.80 -8.76 26.45
CA GLN B 252 -6.72 -8.45 25.47
C GLN B 252 -5.46 -8.00 26.18
N GLN B 253 -4.33 -8.54 25.73
CA GLN B 253 -2.99 -8.19 26.25
C GLN B 253 -2.13 -7.69 25.11
N TRP B 254 -1.34 -6.65 25.35
CA TRP B 254 -0.27 -6.26 24.40
C TRP B 254 0.72 -7.43 24.26
N ARG B 255 1.23 -7.64 23.06
CA ARG B 255 2.31 -8.63 22.81
C ARG B 255 3.46 -7.89 22.13
N GLY B 256 4.66 -8.02 22.65
CA GLY B 256 5.86 -7.43 22.05
C GLY B 256 6.90 -8.49 21.70
N LEU B 257 7.85 -8.11 20.86
CA LEU B 257 8.98 -8.97 20.42
C LEU B 257 10.27 -8.20 20.58
N SER B 258 11.36 -8.95 20.75
CA SER B 258 12.73 -8.43 20.82
C SER B 258 13.14 -7.81 19.48
N ARG B 259 14.09 -6.88 19.54
CA ARG B 259 14.69 -6.26 18.35
C ARG B 259 16.19 -6.51 18.33
N TYR B 260 16.66 -7.00 17.21
CA TYR B 260 18.10 -7.16 16.88
C TYR B 260 18.69 -5.83 16.41
N PHE B 261 19.88 -5.49 16.89
CA PHE B 261 20.68 -4.33 16.40
C PHE B 261 22.09 -4.82 16.06
N LYS B 262 22.57 -4.44 14.89
CA LYS B 262 24.01 -4.56 14.56
C LYS B 262 24.45 -3.17 14.12
N VAL B 263 25.38 -2.56 14.85
CA VAL B 263 25.82 -1.18 14.57
C VAL B 263 27.32 -1.27 14.25
N GLN B 264 27.74 -0.69 13.13
N GLN B 264 27.74 -0.71 13.11
CA GLN B 264 29.17 -0.55 12.76
CA GLN B 264 29.18 -0.56 12.77
C GLN B 264 29.64 0.85 13.18
C GLN B 264 29.63 0.84 13.20
N LEU B 265 30.74 0.92 13.93
CA LEU B 265 31.30 2.21 14.41
C LEU B 265 32.73 2.38 13.90
N ARG B 266 33.13 3.63 13.75
CA ARG B 266 34.52 3.99 13.38
C ARG B 266 35.03 5.07 14.34
N LYS B 267 36.34 5.16 14.54
CA LYS B 267 36.95 6.22 15.36
C LYS B 267 37.00 7.52 14.54
N ARG B 268 36.57 8.61 15.16
CA ARG B 268 36.55 9.97 14.56
C ARG B 268 37.29 10.90 15.51
N ARG B 269 38.19 11.73 14.97
CA ARG B 269 38.84 12.78 15.79
C ARG B 269 37.90 13.97 15.90
N VAL B 270 37.78 14.50 17.11
CA VAL B 270 36.96 15.71 17.41
C VAL B 270 37.83 16.66 18.24
N LYS B 271 37.51 17.95 18.21
CA LYS B 271 38.07 18.96 19.15
C LYS B 271 36.98 19.30 20.18
N ASN B 272 37.32 19.09 21.47
CA ASN B 272 36.47 19.09 22.69
C ASN B 272 35.08 18.54 22.37
N VAL C 7 38.60 -18.12 3.20
CA VAL C 7 38.40 -16.94 4.12
C VAL C 7 38.64 -15.66 3.30
N GLU C 8 39.79 -15.51 2.62
CA GLU C 8 40.04 -14.38 1.67
C GLU C 8 39.40 -14.73 0.31
N VAL C 9 38.49 -13.90 -0.16
CA VAL C 9 37.82 -14.06 -1.48
C VAL C 9 38.69 -13.37 -2.54
N LEU C 10 39.06 -14.08 -3.59
CA LEU C 10 39.93 -13.54 -4.66
C LEU C 10 39.07 -13.43 -5.91
N GLU C 11 39.60 -13.75 -7.09
CA GLU C 11 38.96 -13.33 -8.36
C GLU C 11 37.90 -14.37 -8.78
N VAL C 12 36.92 -13.90 -9.55
CA VAL C 12 35.94 -14.76 -10.27
C VAL C 12 36.64 -15.44 -11.45
N LYS C 13 36.41 -16.74 -11.63
CA LYS C 13 36.92 -17.50 -12.80
C LYS C 13 35.96 -17.16 -13.96
N THR C 14 36.48 -16.95 -15.18
CA THR C 14 35.66 -16.66 -16.39
C THR C 14 35.79 -17.84 -17.37
N GLY C 15 35.10 -17.77 -18.52
CA GLY C 15 35.10 -18.86 -19.53
C GLY C 15 33.80 -19.68 -19.50
N ASP C 17 32.62 -22.56 -18.90
CA ASP C 17 32.92 -23.56 -17.83
C ASP C 17 32.63 -22.97 -16.41
N SER C 18 32.63 -21.65 -16.27
CA SER C 18 32.81 -20.97 -14.96
C SER C 18 31.47 -20.62 -14.32
N ILE C 19 30.35 -20.93 -14.99
N ILE C 19 30.35 -20.88 -15.01
CA ILE C 19 28.98 -20.55 -14.54
CA ILE C 19 28.99 -20.56 -14.50
C ILE C 19 28.09 -21.79 -14.56
C ILE C 19 28.14 -21.83 -14.50
N THR C 20 27.14 -21.87 -13.63
CA THR C 20 26.15 -22.96 -13.59
C THR C 20 24.82 -22.37 -13.06
N GLU C 21 23.74 -23.11 -13.25
CA GLU C 21 22.40 -22.65 -12.84
C GLU C 21 21.73 -23.78 -12.05
N VAL C 22 21.04 -23.45 -10.97
CA VAL C 22 20.17 -24.41 -10.23
C VAL C 22 18.73 -23.94 -10.47
N GLU C 23 17.87 -24.86 -10.87
CA GLU C 23 16.44 -24.54 -11.06
C GLU C 23 15.70 -25.67 -10.35
N CYS C 24 14.79 -25.32 -9.45
CA CYS C 24 13.99 -26.36 -8.77
C CYS C 24 12.81 -25.75 -8.04
N PHE C 25 11.95 -26.60 -7.52
N PHE C 25 11.96 -26.63 -7.48
CA PHE C 25 10.81 -26.16 -6.69
CA PHE C 25 10.72 -26.29 -6.77
C PHE C 25 10.99 -26.83 -5.34
C PHE C 25 10.73 -26.91 -5.36
N LEU C 26 10.59 -26.12 -4.30
CA LEU C 26 10.43 -26.64 -2.92
C LEU C 26 8.94 -26.72 -2.63
N THR C 27 8.49 -27.91 -2.29
CA THR C 27 7.08 -28.16 -1.93
C THR C 27 6.90 -27.65 -0.49
N PRO C 28 5.68 -27.19 -0.17
CA PRO C 28 5.37 -26.74 1.18
C PRO C 28 5.20 -27.92 2.12
N GLU C 29 5.38 -27.67 3.41
CA GLU C 29 5.21 -28.71 4.45
C GLU C 29 4.23 -28.19 5.48
N MET C 30 2.93 -28.29 5.17
CA MET C 30 1.85 -27.65 5.97
C MET C 30 1.34 -28.60 7.06
N GLY C 31 1.71 -29.88 7.00
CA GLY C 31 1.33 -30.89 8.00
C GLY C 31 0.75 -32.16 7.36
N ASP C 32 0.04 -32.05 6.23
CA ASP C 32 -0.41 -33.20 5.39
C ASP C 32 -1.13 -34.24 6.25
N PRO C 33 -2.31 -33.90 6.77
CA PRO C 33 -2.98 -34.74 7.79
C PRO C 33 -3.52 -36.07 7.28
N ASP C 34 -3.71 -36.23 5.96
CA ASP C 34 -4.04 -37.58 5.40
C ASP C 34 -3.58 -37.65 3.95
N GLU C 35 -3.83 -38.80 3.31
CA GLU C 35 -3.30 -39.14 1.96
C GLU C 35 -3.89 -38.21 0.89
N HIS C 36 -4.94 -37.43 1.19
CA HIS C 36 -5.61 -36.56 0.20
C HIS C 36 -5.24 -35.08 0.43
N LEU C 37 -4.43 -34.75 1.42
CA LEU C 37 -4.39 -33.35 1.91
C LEU C 37 -2.99 -32.76 1.91
N ARG C 38 -2.17 -33.19 0.95
N ARG C 38 -2.18 -33.16 0.92
CA ARG C 38 -0.86 -32.55 0.67
CA ARG C 38 -0.86 -32.54 0.69
C ARG C 38 -1.08 -31.05 0.43
C ARG C 38 -1.07 -31.06 0.42
N GLY C 39 -0.32 -30.20 1.14
CA GLY C 39 -0.40 -28.73 1.00
C GLY C 39 -1.33 -28.08 2.02
N PHE C 40 -2.04 -28.88 2.83
CA PHE C 40 -2.95 -28.43 3.90
C PHE C 40 -2.39 -28.89 5.26
N SER C 41 -2.73 -28.17 6.33
CA SER C 41 -2.56 -28.66 7.72
C SER C 41 -3.81 -29.42 8.14
N LYS C 42 -3.68 -30.13 9.26
N LYS C 42 -3.68 -30.13 9.26
CA LYS C 42 -4.83 -30.54 10.10
CA LYS C 42 -4.86 -30.56 10.05
C LYS C 42 -5.68 -29.30 10.41
C LYS C 42 -5.68 -29.32 10.44
N SER C 43 -6.99 -29.46 10.56
CA SER C 43 -7.82 -28.34 11.06
CA SER C 43 -7.86 -28.37 11.08
C SER C 43 -7.29 -27.87 12.42
N ILE C 44 -7.32 -26.58 12.64
CA ILE C 44 -6.76 -25.98 13.87
C ILE C 44 -7.73 -26.21 15.02
N SER C 45 -7.19 -26.72 16.13
N SER C 45 -7.23 -26.71 16.15
CA SER C 45 -7.88 -26.86 17.44
CA SER C 45 -8.02 -26.80 17.40
C SER C 45 -7.33 -25.81 18.40
C SER C 45 -7.34 -25.95 18.47
N ILE C 46 -8.13 -25.39 19.38
CA ILE C 46 -7.69 -24.39 20.39
C ILE C 46 -7.63 -25.09 21.73
N SER C 47 -6.52 -24.94 22.44
CA SER C 47 -6.36 -25.54 23.79
C SER C 47 -7.37 -24.91 24.75
N ASP C 48 -7.77 -25.67 25.78
CA ASP C 48 -8.78 -25.25 26.79
C ASP C 48 -8.20 -24.21 27.74
N THR C 49 -6.88 -24.20 27.92
CA THR C 49 -6.22 -23.21 28.79
C THR C 49 -4.93 -22.81 28.09
N PHE C 50 -4.36 -21.67 28.46
CA PHE C 50 -3.09 -21.20 27.86
C PHE C 50 -1.98 -22.22 28.12
N GLU C 51 -1.89 -22.70 29.35
N GLU C 51 -1.87 -22.71 29.35
CA GLU C 51 -0.82 -23.60 29.82
CA GLU C 51 -0.74 -23.60 29.75
C GLU C 51 -0.88 -24.98 29.13
C GLU C 51 -0.87 -24.99 29.11
N SER C 52 -2.04 -25.40 28.61
CA SER C 52 -2.23 -26.77 28.03
C SER C 52 -2.06 -26.79 26.50
N ASP C 53 -1.60 -25.71 25.89
CA ASP C 53 -1.36 -25.64 24.42
C ASP C 53 -0.51 -26.86 24.02
N SER C 54 -0.95 -27.62 23.04
CA SER C 54 -0.36 -28.93 22.72
C SER C 54 -0.68 -29.29 21.27
N PRO C 55 -0.16 -28.51 20.31
CA PRO C 55 -0.49 -28.72 18.91
C PRO C 55 -0.02 -30.10 18.38
N ASN C 56 -0.88 -30.76 17.62
CA ASN C 56 -0.49 -32.01 16.92
C ASN C 56 0.48 -31.70 15.78
N ARG C 57 1.34 -32.64 15.45
CA ARG C 57 2.40 -32.48 14.43
C ARG C 57 1.75 -32.05 13.11
N ASP C 58 0.65 -32.68 12.73
CA ASP C 58 0.05 -32.43 11.39
C ASP C 58 -0.70 -31.10 11.38
N MET C 59 -0.72 -30.35 12.49
CA MET C 59 -1.35 -29.02 12.57
C MET C 59 -0.29 -27.92 12.42
N LEU C 60 1.01 -28.28 12.37
CA LEU C 60 2.11 -27.28 12.39
C LEU C 60 2.83 -27.20 11.05
N PRO C 61 2.66 -26.11 10.29
CA PRO C 61 3.51 -25.91 9.13
C PRO C 61 4.98 -25.91 9.59
N CYS C 62 5.85 -26.42 8.74
CA CYS C 62 7.30 -26.46 8.98
C CYS C 62 8.03 -25.74 7.85
N TYR C 63 9.26 -25.34 8.11
CA TYR C 63 10.19 -24.83 7.09
C TYR C 63 10.49 -25.94 6.07
N SER C 64 10.55 -25.55 4.80
CA SER C 64 11.03 -26.40 3.67
C SER C 64 12.50 -26.13 3.48
N VAL C 65 13.26 -27.17 3.15
CA VAL C 65 14.69 -27.01 2.83
C VAL C 65 15.08 -28.04 1.78
N ALA C 66 15.92 -27.63 0.85
CA ALA C 66 16.58 -28.55 -0.10
C ALA C 66 18.06 -28.21 -0.15
N ARG C 67 18.87 -29.25 -0.16
CA ARG C 67 20.31 -29.11 -0.40
C ARG C 67 20.60 -29.65 -1.79
N ILE C 68 21.13 -28.80 -2.66
CA ILE C 68 21.30 -29.09 -4.10
C ILE C 68 22.79 -29.29 -4.33
N PRO C 69 23.20 -30.48 -4.81
CA PRO C 69 24.61 -30.70 -5.16
C PRO C 69 24.94 -29.94 -6.45
N LEU C 70 26.09 -29.28 -6.46
CA LEU C 70 26.59 -28.48 -7.60
C LEU C 70 27.70 -29.29 -8.28
N PRO C 71 28.16 -28.92 -9.48
CA PRO C 71 29.26 -29.63 -10.14
C PRO C 71 30.48 -29.63 -9.20
N ASN C 72 31.10 -30.80 -9.08
N ASN C 72 31.12 -30.79 -9.08
CA ASN C 72 32.27 -31.06 -8.20
CA ASN C 72 32.23 -31.00 -8.12
C ASN C 72 33.40 -30.09 -8.58
C ASN C 72 33.39 -30.10 -8.55
N LEU C 73 33.98 -29.41 -7.58
CA LEU C 73 35.17 -28.55 -7.80
C LEU C 73 36.36 -29.18 -7.08
N ASN C 74 37.58 -28.76 -7.43
CA ASN C 74 38.80 -29.09 -6.63
C ASN C 74 39.05 -30.60 -6.66
N GLU C 75 38.84 -31.24 -7.82
CA GLU C 75 39.06 -32.70 -8.01
C GLU C 75 40.55 -33.03 -7.87
N ASP C 76 41.43 -32.06 -8.16
CA ASP C 76 42.90 -32.25 -8.05
C ASP C 76 43.40 -31.49 -6.84
N LEU C 77 44.48 -32.00 -6.23
CA LEU C 77 45.20 -31.34 -5.11
C LEU C 77 45.45 -29.87 -5.48
N THR C 78 45.07 -28.93 -4.61
CA THR C 78 45.40 -27.50 -4.78
C THR C 78 46.19 -27.04 -3.57
N CYS C 79 46.87 -25.92 -3.75
CA CYS C 79 47.89 -25.41 -2.83
C CYS C 79 47.55 -24.00 -2.34
N GLY C 80 46.91 -23.88 -1.18
CA GLY C 80 46.61 -22.60 -0.52
C GLY C 80 45.30 -21.98 -1.00
N ASN C 81 44.66 -22.57 -2.01
CA ASN C 81 43.46 -21.97 -2.65
C ASN C 81 42.53 -23.09 -3.08
N ILE C 82 41.24 -22.77 -3.16
CA ILE C 82 40.23 -23.67 -3.77
C ILE C 82 39.29 -22.79 -4.58
N LEU C 83 38.50 -23.40 -5.43
CA LEU C 83 37.32 -22.75 -6.05
C LEU C 83 36.08 -23.09 -5.21
N MET C 84 35.16 -22.13 -5.13
CA MET C 84 33.83 -22.31 -4.53
C MET C 84 32.80 -21.75 -5.50
N TRP C 85 31.65 -22.40 -5.60
CA TRP C 85 30.51 -21.80 -6.31
C TRP C 85 29.99 -20.65 -5.48
N GLU C 86 29.73 -19.53 -6.14
CA GLU C 86 29.22 -18.29 -5.53
C GLU C 86 27.83 -18.03 -6.12
N ALA C 87 26.82 -17.91 -5.29
CA ALA C 87 25.45 -17.65 -5.74
C ALA C 87 25.33 -16.14 -5.99
N VAL C 88 24.96 -15.75 -7.18
CA VAL C 88 24.99 -14.32 -7.60
C VAL C 88 23.57 -13.76 -7.73
N THR C 89 22.67 -14.50 -8.36
CA THR C 89 21.29 -14.03 -8.59
C THR C 89 20.26 -15.10 -8.27
N LEU C 90 19.04 -14.62 -8.03
CA LEU C 90 17.86 -15.44 -7.69
C LEU C 90 16.65 -14.92 -8.45
N LYS C 91 15.93 -15.81 -9.13
CA LYS C 91 14.52 -15.56 -9.50
C LYS C 91 13.69 -16.54 -8.67
N THR C 92 12.60 -16.04 -8.11
CA THR C 92 11.75 -16.88 -7.27
C THR C 92 10.31 -16.47 -7.46
N GLU C 93 9.42 -17.43 -7.28
CA GLU C 93 7.97 -17.10 -7.21
C GLU C 93 7.18 -18.28 -6.67
N VAL C 94 6.02 -17.93 -6.17
CA VAL C 94 5.07 -18.92 -5.62
C VAL C 94 4.39 -19.59 -6.80
N ILE C 95 4.29 -20.91 -6.77
CA ILE C 95 3.78 -21.72 -7.91
C ILE C 95 2.35 -22.18 -7.59
N GLY C 96 1.41 -21.82 -8.46
CA GLY C 96 0.01 -22.25 -8.32
C GLY C 96 -0.86 -21.19 -7.64
N VAL C 97 -0.56 -19.91 -7.79
CA VAL C 97 -1.33 -18.83 -7.12
C VAL C 97 -2.80 -18.88 -7.53
N THR C 98 -3.13 -19.29 -8.75
CA THR C 98 -4.52 -19.28 -9.23
C THR C 98 -5.34 -20.38 -8.58
N SER C 99 -4.70 -21.40 -7.99
CA SER C 99 -5.45 -22.49 -7.33
C SER C 99 -6.37 -21.90 -6.25
N LEU C 100 -6.00 -20.76 -5.67
CA LEU C 100 -6.77 -20.10 -4.60
C LEU C 100 -8.08 -19.51 -5.14
N MET C 101 -8.30 -19.56 -6.45
CA MET C 101 -9.60 -19.14 -7.04
C MET C 101 -10.62 -20.29 -6.98
N ASN C 102 -10.25 -21.46 -6.47
CA ASN C 102 -11.27 -22.54 -6.27
C ASN C 102 -12.09 -22.19 -5.02
N VAL C 103 -13.26 -21.58 -5.23
CA VAL C 103 -14.19 -21.16 -4.15
C VAL C 103 -15.45 -22.02 -4.22
N HIS C 104 -15.36 -23.22 -4.80
CA HIS C 104 -16.52 -24.12 -5.04
C HIS C 104 -16.35 -25.47 -4.34
N SER C 105 -15.27 -25.69 -3.59
CA SER C 105 -14.89 -27.03 -3.08
C SER C 105 -15.23 -27.16 -1.58
N ASN C 106 -16.53 -27.22 -1.28
CA ASN C 106 -17.10 -27.46 0.08
C ASN C 106 -16.52 -26.46 1.11
N GLY C 107 -16.37 -25.20 0.72
CA GLY C 107 -15.97 -24.13 1.64
C GLY C 107 -17.18 -23.55 2.34
N GLN C 108 -16.96 -22.55 3.17
CA GLN C 108 -18.01 -21.88 3.96
C GLN C 108 -18.48 -20.69 3.14
N ALA C 109 -19.76 -20.64 2.81
CA ALA C 109 -20.31 -19.56 1.97
C ALA C 109 -20.09 -18.25 2.69
N THR C 110 -19.67 -17.22 1.97
CA THR C 110 -19.45 -15.86 2.49
C THR C 110 -20.73 -15.30 3.12
N HIS C 111 -21.88 -15.67 2.56
CA HIS C 111 -23.25 -15.25 2.94
C HIS C 111 -24.22 -16.22 2.26
N ASP C 112 -25.52 -16.13 2.56
N ASP C 112 -25.51 -16.16 2.58
CA ASP C 112 -26.54 -17.03 1.99
CA ASP C 112 -26.52 -17.08 1.99
C ASP C 112 -26.46 -16.99 0.46
C ASP C 112 -26.45 -17.00 0.47
N ASN C 113 -26.26 -18.16 -0.17
CA ASN C 113 -26.22 -18.38 -1.64
C ASN C 113 -24.88 -17.90 -2.24
N GLY C 114 -23.94 -17.41 -1.45
CA GLY C 114 -22.68 -16.88 -1.97
C GLY C 114 -21.65 -17.95 -2.29
N ALA C 115 -20.53 -17.54 -2.89
CA ALA C 115 -19.38 -18.42 -3.18
C ALA C 115 -18.68 -18.77 -1.86
N GLY C 116 -17.79 -19.74 -1.89
CA GLY C 116 -16.99 -20.09 -0.71
C GLY C 116 -16.00 -19.00 -0.34
N LYS C 117 -15.76 -18.82 0.95
CA LYS C 117 -14.71 -17.88 1.44
C LYS C 117 -13.37 -18.32 0.86
N PRO C 118 -12.55 -17.41 0.27
CA PRO C 118 -11.27 -17.82 -0.28
C PRO C 118 -10.29 -18.01 0.87
N VAL C 119 -9.18 -18.67 0.56
CA VAL C 119 -7.99 -18.75 1.46
C VAL C 119 -7.62 -17.31 1.82
N GLN C 120 -7.45 -17.04 3.12
N GLN C 120 -7.46 -17.03 3.11
CA GLN C 120 -7.16 -15.69 3.63
CA GLN C 120 -7.16 -15.68 3.63
C GLN C 120 -6.67 -15.84 5.07
C GLN C 120 -6.70 -15.83 5.07
N GLY C 121 -6.23 -14.74 5.67
CA GLY C 121 -5.76 -14.75 7.04
C GLY C 121 -4.26 -14.79 7.06
N THR C 122 -3.70 -15.10 8.21
CA THR C 122 -2.26 -14.96 8.44
C THR C 122 -1.47 -15.68 7.34
N SER C 123 -0.42 -15.04 6.85
CA SER C 123 0.49 -15.61 5.83
C SER C 123 1.93 -15.38 6.27
N PHE C 124 2.81 -16.28 5.85
CA PHE C 124 4.27 -16.14 6.02
C PHE C 124 4.90 -16.61 4.72
N HIS C 125 5.54 -15.67 4.04
CA HIS C 125 6.22 -15.89 2.75
C HIS C 125 7.70 -15.62 3.00
N PHE C 126 8.50 -16.66 2.84
CA PHE C 126 9.93 -16.64 3.24
C PHE C 126 10.76 -17.44 2.26
N PHE C 127 11.93 -16.93 1.92
CA PHE C 127 12.89 -17.70 1.11
C PHE C 127 14.32 -17.29 1.47
N SER C 128 15.23 -18.24 1.32
CA SER C 128 16.66 -17.99 1.56
C SER C 128 17.50 -18.83 0.60
N VAL C 129 18.66 -18.29 0.30
CA VAL C 129 19.70 -18.98 -0.51
C VAL C 129 21.00 -18.85 0.27
N GLY C 130 21.70 -19.96 0.51
CA GLY C 130 22.94 -19.91 1.27
C GLY C 130 23.91 -20.98 0.85
N GLY C 131 25.16 -20.84 1.28
CA GLY C 131 26.23 -21.82 1.00
C GLY C 131 26.36 -22.83 2.13
N GLU C 132 25.36 -22.87 3.01
CA GLU C 132 25.30 -23.75 4.20
C GLU C 132 23.88 -23.64 4.74
N ALA C 133 23.55 -24.44 5.73
CA ALA C 133 22.18 -24.47 6.27
C ALA C 133 21.83 -23.11 6.87
N LEU C 134 20.58 -22.71 6.73
CA LEU C 134 19.99 -21.51 7.38
C LEU C 134 20.13 -21.70 8.88
N GLU C 135 20.64 -20.70 9.56
CA GLU C 135 20.83 -20.72 11.02
C GLU C 135 19.57 -20.11 11.65
N LEU C 136 19.02 -20.82 12.65
CA LEU C 136 17.72 -20.50 13.26
C LEU C 136 17.92 -20.06 14.71
N GLN C 137 17.04 -19.16 15.14
CA GLN C 137 16.87 -18.76 16.56
C GLN C 137 15.42 -19.10 16.94
N GLY C 138 15.23 -19.72 18.09
CA GLY C 138 13.88 -20.05 18.58
C GLY C 138 13.27 -18.88 19.33
N VAL C 139 12.01 -18.60 19.05
CA VAL C 139 11.14 -17.70 19.86
C VAL C 139 9.78 -18.37 19.94
N LEU C 140 9.26 -18.52 21.15
CA LEU C 140 7.96 -19.16 21.42
C LEU C 140 6.90 -18.11 21.78
N PHE C 141 5.72 -18.28 21.20
CA PHE C 141 4.53 -17.48 21.56
C PHE C 141 4.28 -17.73 23.05
N ASN C 142 4.37 -19.01 23.44
CA ASN C 142 3.97 -19.53 24.77
C ASN C 142 5.00 -20.58 25.19
N TYR C 143 5.81 -20.32 26.21
CA TYR C 143 6.94 -21.23 26.53
C TYR C 143 6.39 -22.55 27.08
N ARG C 144 5.11 -22.59 27.49
CA ARG C 144 4.48 -23.81 28.04
C ARG C 144 3.80 -24.64 26.96
N THR C 145 3.86 -24.24 25.69
CA THR C 145 3.39 -25.11 24.58
C THR C 145 4.13 -26.44 24.64
N LYS C 146 3.39 -27.55 24.54
CA LYS C 146 3.99 -28.89 24.30
C LYS C 146 4.06 -29.13 22.79
N TYR C 147 5.27 -29.10 22.24
CA TYR C 147 5.56 -29.39 20.82
C TYR C 147 5.66 -30.89 20.65
N PRO C 148 5.15 -31.42 19.52
CA PRO C 148 4.95 -32.85 19.39
C PRO C 148 6.16 -33.63 18.90
N ASP C 149 6.12 -34.91 19.21
CA ASP C 149 7.12 -35.90 18.73
C ASP C 149 7.21 -35.81 17.19
N GLY C 150 8.41 -35.82 16.65
CA GLY C 150 8.61 -35.72 15.18
C GLY C 150 8.98 -34.32 14.75
N THR C 151 8.85 -33.33 15.64
CA THR C 151 9.29 -31.96 15.35
C THR C 151 10.56 -31.69 16.12
N ILE C 152 11.33 -30.72 15.61
CA ILE C 152 12.53 -30.19 16.28
C ILE C 152 12.20 -28.78 16.75
N PHE C 153 12.18 -28.57 18.05
CA PHE C 153 11.62 -27.36 18.69
C PHE C 153 12.56 -26.89 19.77
N PRO C 154 12.47 -25.61 20.17
CA PRO C 154 13.30 -25.10 21.26
C PRO C 154 13.12 -25.94 22.53
N LYS C 155 14.23 -26.42 23.06
CA LYS C 155 14.28 -27.36 24.21
C LYS C 155 14.67 -26.57 25.47
N ASN C 156 14.33 -27.07 26.66
CA ASN C 156 14.65 -26.37 27.93
C ASN C 156 13.99 -24.98 27.90
N ALA C 157 12.80 -24.87 27.35
CA ALA C 157 12.08 -23.58 27.22
C ALA C 157 11.88 -22.99 28.62
N THR C 158 12.04 -21.69 28.74
CA THR C 158 11.77 -20.90 29.96
C THR C 158 10.86 -19.75 29.57
N VAL C 159 10.38 -18.99 30.54
CA VAL C 159 9.56 -17.80 30.20
C VAL C 159 10.40 -16.85 29.35
N GLN C 160 11.72 -16.82 29.51
CA GLN C 160 12.58 -15.96 28.65
C GLN C 160 12.45 -16.38 27.17
N SER C 161 12.10 -17.63 26.86
CA SER C 161 11.94 -18.13 25.47
C SER C 161 10.84 -17.35 24.73
N GLN C 162 9.95 -16.68 25.46
CA GLN C 162 8.85 -15.88 24.85
C GLN C 162 9.39 -14.59 24.25
N VAL C 163 10.61 -14.17 24.58
CA VAL C 163 11.18 -12.93 23.96
C VAL C 163 12.60 -13.15 23.42
N MET C 164 13.50 -13.78 24.17
CA MET C 164 14.85 -14.11 23.65
C MET C 164 15.57 -15.01 24.63
N ASN C 165 15.75 -16.27 24.25
CA ASN C 165 16.56 -17.25 25.01
C ASN C 165 17.63 -17.72 24.03
N THR C 166 18.88 -17.30 24.25
CA THR C 166 19.97 -17.52 23.26
C THR C 166 20.40 -18.99 23.26
N GLU C 167 19.82 -19.84 24.12
CA GLU C 167 20.07 -21.30 24.08
C GLU C 167 19.44 -21.87 22.80
N HIS C 168 18.37 -21.28 22.27
CA HIS C 168 17.57 -21.89 21.17
C HIS C 168 18.23 -21.59 19.82
N LYS C 169 19.34 -22.26 19.54
CA LYS C 169 20.09 -22.13 18.26
C LYS C 169 19.93 -23.44 17.50
N ALA C 170 19.68 -23.39 16.21
CA ALA C 170 19.55 -24.60 15.38
C ALA C 170 19.95 -24.29 13.94
N TYR C 171 20.03 -25.36 13.16
CA TYR C 171 20.30 -25.33 11.70
C TYR C 171 19.07 -25.90 11.03
N LEU C 172 18.62 -25.25 9.95
CA LEU C 172 17.53 -25.85 9.14
C LEU C 172 18.14 -26.95 8.26
N ASP C 173 18.21 -28.15 8.81
CA ASP C 173 18.96 -29.28 8.21
C ASP C 173 18.07 -30.52 8.13
N LYS C 174 16.75 -30.32 8.18
CA LYS C 174 15.81 -31.44 8.02
C LYS C 174 14.49 -30.86 7.53
N ASN C 175 13.93 -31.50 6.52
CA ASN C 175 12.63 -31.10 5.92
CA ASN C 175 12.63 -31.10 5.92
C ASN C 175 11.50 -31.61 6.83
N LYS C 176 10.39 -30.90 6.89
CA LYS C 176 9.15 -31.35 7.58
C LYS C 176 9.40 -31.53 9.09
N ALA C 177 10.24 -30.69 9.70
CA ALA C 177 10.66 -30.92 11.09
C ALA C 177 10.65 -29.66 11.95
N TYR C 178 11.09 -28.52 11.40
CA TYR C 178 11.27 -27.27 12.19
C TYR C 178 9.97 -26.48 12.09
N PRO C 179 9.11 -26.43 13.12
CA PRO C 179 7.84 -25.73 12.94
C PRO C 179 8.07 -24.24 12.67
N VAL C 180 7.29 -23.69 11.75
CA VAL C 180 7.37 -22.24 11.42
C VAL C 180 7.19 -21.38 12.68
N GLU C 181 6.23 -21.72 13.56
CA GLU C 181 5.86 -20.81 14.67
C GLU C 181 6.96 -20.73 15.74
N CYS C 182 7.93 -21.66 15.79
CA CYS C 182 8.98 -21.78 16.83
C CYS C 182 10.28 -21.09 16.43
N TRP C 183 10.49 -20.90 15.14
CA TRP C 183 11.85 -20.59 14.64
C TRP C 183 11.81 -19.43 13.65
N VAL C 184 12.87 -18.61 13.69
CA VAL C 184 13.15 -17.55 12.70
C VAL C 184 14.61 -17.61 12.33
N PRO C 185 14.98 -17.03 11.19
CA PRO C 185 16.38 -16.82 10.89
C PRO C 185 17.07 -16.07 12.03
N ASP C 186 18.25 -16.56 12.41
CA ASP C 186 19.09 -15.95 13.46
C ASP C 186 19.89 -14.81 12.86
N PRO C 187 19.55 -13.53 13.16
CA PRO C 187 20.25 -12.40 12.55
C PRO C 187 21.69 -12.24 13.05
N THR C 188 22.05 -12.90 14.14
CA THR C 188 23.42 -12.87 14.70
C THR C 188 24.33 -13.81 13.90
N ARG C 189 23.78 -14.66 13.04
CA ARG C 189 24.59 -15.58 12.21
CA ARG C 189 24.59 -15.57 12.20
C ARG C 189 24.19 -15.35 10.74
N ASN C 190 24.13 -16.41 9.93
CA ASN C 190 23.69 -16.32 8.52
C ASN C 190 24.56 -15.35 7.70
N GLU C 191 25.87 -15.27 7.96
CA GLU C 191 26.78 -14.43 7.13
C GLU C 191 26.83 -14.97 5.70
N ASN C 192 26.59 -16.28 5.51
CA ASN C 192 26.78 -16.97 4.21
C ASN C 192 25.42 -17.37 3.61
N THR C 193 24.36 -16.63 3.99
CA THR C 193 22.99 -16.85 3.51
C THR C 193 22.37 -15.48 3.26
N ARG C 194 21.47 -15.38 2.28
CA ARG C 194 20.63 -14.18 2.09
C ARG C 194 19.19 -14.63 2.34
N TYR C 195 18.48 -14.01 3.28
CA TYR C 195 17.10 -14.41 3.59
C TYR C 195 16.16 -13.21 3.52
N PHE C 196 14.90 -13.53 3.21
CA PHE C 196 13.83 -12.54 2.99
C PHE C 196 12.50 -13.15 3.44
N GLY C 197 11.78 -12.45 4.32
CA GLY C 197 10.49 -12.94 4.84
C GLY C 197 9.53 -11.81 5.14
N THR C 198 8.24 -12.10 4.97
CA THR C 198 7.13 -11.22 5.39
C THR C 198 6.05 -12.02 6.11
N LEU C 199 5.78 -11.61 7.34
CA LEU C 199 4.61 -12.11 8.08
C LEU C 199 3.51 -11.07 7.94
N THR C 200 2.36 -11.49 7.44
CA THR C 200 1.14 -10.63 7.40
C THR C 200 0.07 -11.30 8.27
N GLY C 201 -0.24 -10.75 9.44
CA GLY C 201 -1.12 -11.39 10.45
C GLY C 201 -2.55 -10.87 10.39
N GLY C 202 -3.55 -11.64 10.78
CA GLY C 202 -4.97 -11.21 10.78
C GLY C 202 -5.86 -12.22 10.07
N GLU C 203 -7.05 -12.51 10.61
CA GLU C 203 -7.90 -13.62 10.10
C GLU C 203 -8.50 -13.25 8.74
N ASN C 204 -8.57 -11.96 8.39
CA ASN C 204 -9.23 -11.54 7.12
C ASN C 204 -8.22 -11.02 6.10
N VAL C 205 -6.92 -11.07 6.43
CA VAL C 205 -5.80 -10.64 5.54
C VAL C 205 -5.97 -11.29 4.17
N PRO C 206 -6.04 -10.52 3.06
CA PRO C 206 -6.14 -11.11 1.73
C PRO C 206 -4.78 -11.50 1.16
N PRO C 207 -4.62 -12.69 0.55
CA PRO C 207 -3.40 -12.98 -0.18
C PRO C 207 -3.15 -11.91 -1.26
N VAL C 208 -1.92 -11.42 -1.35
CA VAL C 208 -1.48 -10.61 -2.53
C VAL C 208 -0.22 -11.25 -3.10
N LEU C 209 -0.35 -11.94 -4.23
CA LEU C 209 0.76 -12.78 -4.77
C LEU C 209 1.04 -12.32 -6.20
N HIS C 210 2.26 -11.85 -6.43
CA HIS C 210 2.72 -11.43 -7.78
C HIS C 210 3.55 -12.54 -8.41
N ILE C 211 3.40 -12.74 -9.71
CA ILE C 211 4.23 -13.68 -10.50
C ILE C 211 4.77 -12.90 -11.71
N THR C 212 6.03 -13.11 -12.03
CA THR C 212 6.67 -12.57 -13.24
C THR C 212 7.99 -13.31 -13.44
N ASN C 213 8.41 -13.46 -14.68
CA ASN C 213 9.73 -14.06 -14.97
C ASN C 213 10.74 -12.95 -15.29
N THR C 214 10.43 -11.71 -14.90
CA THR C 214 11.25 -10.52 -15.29
C THR C 214 12.00 -9.94 -14.09
N ALA C 215 11.84 -10.47 -12.88
CA ALA C 215 12.39 -9.87 -11.65
C ALA C 215 13.55 -10.73 -11.14
N THR C 216 14.70 -10.12 -10.93
CA THR C 216 15.90 -10.81 -10.41
C THR C 216 16.33 -10.16 -9.11
N THR C 217 16.63 -10.94 -8.06
CA THR C 217 17.28 -10.46 -6.81
C THR C 217 18.78 -10.76 -6.91
N VAL C 218 19.61 -9.76 -6.69
CA VAL C 218 21.08 -9.90 -6.63
C VAL C 218 21.43 -10.33 -5.20
N LEU C 219 22.26 -11.36 -5.04
CA LEU C 219 22.58 -12.00 -3.74
C LEU C 219 23.93 -11.52 -3.22
N LEU C 220 24.60 -10.65 -3.96
CA LEU C 220 25.93 -10.14 -3.51
C LEU C 220 25.74 -9.24 -2.28
N ASP C 221 26.65 -9.35 -1.32
CA ASP C 221 26.71 -8.43 -0.17
C ASP C 221 27.36 -7.10 -0.61
N GLU C 222 27.62 -6.22 0.37
CA GLU C 222 28.12 -4.85 0.12
C GLU C 222 29.57 -4.91 -0.38
N PHE C 223 30.26 -6.05 -0.26
CA PHE C 223 31.63 -6.25 -0.77
C PHE C 223 31.62 -6.94 -2.14
N GLY C 224 30.43 -7.21 -2.69
CA GLY C 224 30.25 -7.84 -4.01
C GLY C 224 30.42 -9.35 -3.97
N VAL C 225 30.22 -9.97 -2.81
CA VAL C 225 30.40 -11.43 -2.61
C VAL C 225 29.04 -12.05 -2.28
N GLY C 226 28.67 -13.07 -3.05
CA GLY C 226 27.46 -13.85 -2.82
C GLY C 226 27.74 -15.00 -1.87
N PRO C 227 26.70 -15.75 -1.46
CA PRO C 227 26.91 -16.97 -0.68
C PRO C 227 27.92 -17.91 -1.37
N LEU C 228 28.85 -18.46 -0.58
CA LEU C 228 29.90 -19.39 -1.09
C LEU C 228 29.55 -20.80 -0.64
N CYS C 229 29.44 -21.73 -1.59
CA CYS C 229 28.81 -23.05 -1.32
C CYS C 229 29.82 -24.05 -0.76
N LYS C 230 29.77 -24.25 0.56
CA LYS C 230 30.67 -25.23 1.23
C LYS C 230 30.38 -26.65 0.73
N GLY C 231 31.44 -27.37 0.38
CA GLY C 231 31.29 -28.76 -0.12
C GLY C 231 30.53 -28.84 -1.42
N ASP C 232 30.44 -27.75 -2.19
CA ASP C 232 29.72 -27.70 -3.50
C ASP C 232 28.25 -28.08 -3.29
N ASN C 233 27.64 -27.57 -2.20
CA ASN C 233 26.20 -27.73 -1.92
C ASN C 233 25.55 -26.36 -1.76
N LEU C 234 24.37 -26.19 -2.37
CA LEU C 234 23.56 -24.95 -2.27
C LEU C 234 22.33 -25.25 -1.42
N TYR C 235 22.08 -24.42 -0.42
CA TYR C 235 20.92 -24.60 0.49
C TYR C 235 19.81 -23.62 0.09
N LEU C 236 18.65 -24.17 -0.21
CA LEU C 236 17.43 -23.37 -0.49
C LEU C 236 16.41 -23.63 0.62
N SER C 237 15.84 -22.58 1.19
CA SER C 237 14.81 -22.71 2.25
C SER C 237 13.61 -21.86 1.92
N ALA C 238 12.42 -22.27 2.38
CA ALA C 238 11.18 -21.55 2.05
C ALA C 238 10.10 -21.86 3.07
N VAL C 239 9.22 -20.88 3.24
CA VAL C 239 7.87 -21.09 3.82
C VAL C 239 6.90 -20.25 2.95
N ASP C 240 5.77 -20.85 2.53
CA ASP C 240 4.72 -20.09 1.80
C ASP C 240 3.38 -20.55 2.36
N VAL C 241 3.13 -20.18 3.62
CA VAL C 241 1.79 -20.29 4.24
C VAL C 241 0.95 -19.16 3.64
N CYS C 242 -0.01 -19.49 2.81
CA CYS C 242 -0.79 -18.50 2.03
C CYS C 242 -1.95 -17.93 2.82
N GLY C 243 -2.35 -18.62 3.88
CA GLY C 243 -3.55 -18.27 4.66
C GLY C 243 -4.23 -19.54 5.10
N MET C 244 -5.48 -19.42 5.48
CA MET C 244 -6.29 -20.55 5.94
C MET C 244 -7.44 -20.76 4.98
N PHE C 245 -7.71 -22.02 4.73
CA PHE C 245 -8.95 -22.47 4.06
C PHE C 245 -10.01 -22.74 5.14
N THR C 246 -11.21 -22.21 4.95
CA THR C 246 -12.35 -22.45 5.86
C THR C 246 -13.30 -23.46 5.23
N ASN C 247 -13.49 -24.59 5.89
CA ASN C 247 -14.44 -25.65 5.47
C ASN C 247 -15.87 -25.20 5.76
N ARG C 248 -16.85 -25.82 5.12
CA ARG C 248 -18.29 -25.60 5.35
C ARG C 248 -18.57 -25.55 6.86
N SER C 249 -17.93 -26.44 7.63
CA SER C 249 -18.19 -26.58 9.09
C SER C 249 -17.69 -25.37 9.87
N GLY C 250 -16.82 -24.55 9.27
CA GLY C 250 -16.12 -23.47 9.98
C GLY C 250 -14.69 -23.86 10.34
N SER C 251 -14.32 -25.15 10.29
CA SER C 251 -12.95 -25.60 10.64
CA SER C 251 -12.94 -25.59 10.64
C SER C 251 -11.95 -24.98 9.64
N GLN C 252 -10.74 -24.69 10.10
CA GLN C 252 -9.76 -23.95 9.27
C GLN C 252 -8.44 -24.70 9.22
N GLN C 253 -7.86 -24.78 8.02
CA GLN C 253 -6.59 -25.48 7.75
C GLN C 253 -5.65 -24.48 7.08
N TRP C 254 -4.40 -24.45 7.49
CA TRP C 254 -3.37 -23.75 6.71
C TRP C 254 -3.30 -24.31 5.29
N ARG C 255 -3.06 -23.46 4.30
CA ARG C 255 -2.85 -23.88 2.90
C ARG C 255 -1.52 -23.26 2.47
N GLY C 256 -0.66 -24.09 1.93
CA GLY C 256 0.66 -23.69 1.43
C GLY C 256 0.80 -23.94 -0.07
N LEU C 257 1.80 -23.33 -0.68
CA LEU C 257 2.14 -23.53 -2.10
C LEU C 257 3.65 -23.70 -2.24
N SER C 258 4.03 -24.34 -3.34
CA SER C 258 5.44 -24.58 -3.71
C SER C 258 6.10 -23.26 -4.12
N ARG C 259 7.41 -23.23 -3.97
CA ARG C 259 8.22 -22.08 -4.40
C ARG C 259 9.28 -22.53 -5.41
N TYR C 260 9.33 -21.79 -6.52
CA TYR C 260 10.34 -21.90 -7.59
C TYR C 260 11.58 -21.10 -7.22
N PHE C 261 12.75 -21.69 -7.45
CA PHE C 261 14.06 -21.04 -7.33
C PHE C 261 14.85 -21.22 -8.62
N LYS C 262 15.41 -20.14 -9.14
CA LYS C 262 16.47 -20.20 -10.17
C LYS C 262 17.65 -19.40 -9.66
N VAL C 263 18.77 -20.09 -9.45
CA VAL C 263 19.99 -19.46 -8.87
C VAL C 263 21.11 -19.57 -9.91
N GLN C 264 21.74 -18.43 -10.26
CA GLN C 264 22.95 -18.36 -11.11
CA GLN C 264 22.95 -18.42 -11.11
C GLN C 264 24.17 -18.36 -10.20
N LEU C 265 25.14 -19.21 -10.48
CA LEU C 265 26.37 -19.32 -9.68
C LEU C 265 27.59 -19.17 -10.58
N ARG C 266 28.66 -18.65 -10.01
CA ARG C 266 29.95 -18.54 -10.73
C ARG C 266 31.05 -19.11 -9.84
N LYS C 267 32.16 -19.53 -10.45
CA LYS C 267 33.30 -20.09 -9.68
C LYS C 267 34.11 -18.92 -9.15
N ARG C 268 34.40 -18.95 -7.85
CA ARG C 268 35.19 -17.91 -7.16
C ARG C 268 36.43 -18.59 -6.54
N ARG C 269 37.61 -18.01 -6.72
CA ARG C 269 38.83 -18.49 -5.99
C ARG C 269 38.84 -17.85 -4.62
N VAL C 270 39.16 -18.64 -3.61
CA VAL C 270 39.26 -18.24 -2.19
C VAL C 270 40.58 -18.81 -1.62
N LYS C 271 41.24 -18.04 -0.76
CA LYS C 271 42.48 -18.49 -0.09
C LYS C 271 42.05 -19.09 1.24
N ASN C 272 42.60 -20.26 1.59
CA ASN C 272 42.53 -20.83 2.96
C ASN C 272 43.04 -19.77 3.95
N VAL D 7 19.59 -20.32 -31.04
CA VAL D 7 19.70 -19.03 -31.78
C VAL D 7 20.67 -18.11 -31.02
N GLU D 8 21.77 -17.76 -31.67
CA GLU D 8 22.65 -16.62 -31.31
C GLU D 8 22.06 -15.34 -31.91
N VAL D 9 21.82 -14.34 -31.09
CA VAL D 9 21.19 -13.06 -31.49
C VAL D 9 22.28 -12.12 -31.98
N LEU D 10 22.12 -11.57 -33.18
CA LEU D 10 23.08 -10.61 -33.78
C LEU D 10 22.42 -9.23 -33.78
N GLU D 11 22.65 -8.43 -34.83
CA GLU D 11 22.31 -6.98 -34.79
C GLU D 11 20.82 -6.76 -35.11
N VAL D 12 20.28 -5.68 -34.57
CA VAL D 12 18.97 -5.12 -35.00
C VAL D 12 19.12 -4.54 -36.40
N LYS D 13 18.15 -4.84 -37.27
CA LYS D 13 18.02 -4.22 -38.60
C LYS D 13 17.45 -2.81 -38.42
N THR D 14 17.93 -1.81 -39.14
CA THR D 14 17.44 -0.39 -39.03
C THR D 14 16.80 0.00 -40.36
N GLY D 15 16.23 1.19 -40.49
CA GLY D 15 15.56 1.63 -41.73
C GLY D 15 14.03 1.60 -41.63
N ASP D 17 11.05 0.37 -42.44
CA ASP D 17 10.42 -0.98 -42.63
C ASP D 17 10.98 -2.02 -41.64
N SER D 18 11.90 -1.62 -40.77
CA SER D 18 12.56 -2.49 -39.77
C SER D 18 11.74 -2.58 -38.48
N ILE D 19 10.62 -1.86 -38.38
N ILE D 19 10.64 -1.83 -38.38
CA ILE D 19 9.78 -1.80 -37.13
CA ILE D 19 9.76 -1.83 -37.18
C ILE D 19 8.30 -1.96 -37.49
C ILE D 19 8.33 -2.17 -37.60
N THR D 20 7.53 -2.65 -36.66
CA THR D 20 6.09 -2.85 -36.86
C THR D 20 5.42 -2.75 -35.49
N GLU D 21 4.10 -2.61 -35.50
CA GLU D 21 3.28 -2.47 -34.27
C GLU D 21 2.11 -3.45 -34.36
N VAL D 22 1.76 -4.07 -33.23
CA VAL D 22 0.53 -4.90 -33.09
C VAL D 22 -0.32 -4.16 -32.07
N GLU D 23 -1.58 -3.96 -32.40
CA GLU D 23 -2.58 -3.36 -31.49
C GLU D 23 -3.79 -4.27 -31.54
N CYS D 24 -4.29 -4.68 -30.38
CA CYS D 24 -5.50 -5.54 -30.35
C CYS D 24 -6.05 -5.59 -28.93
N PHE D 25 -7.18 -6.24 -28.80
CA PHE D 25 -7.76 -6.45 -27.46
C PHE D 25 -8.10 -7.92 -27.36
N LEU D 26 -7.97 -8.47 -26.15
N LEU D 26 -7.90 -8.48 -26.16
CA LEU D 26 -8.36 -9.86 -25.81
CA LEU D 26 -8.36 -9.83 -25.77
C LEU D 26 -9.58 -9.83 -24.89
C LEU D 26 -9.65 -9.66 -24.98
N THR D 27 -10.69 -10.41 -25.34
CA THR D 27 -11.93 -10.46 -24.55
C THR D 27 -11.71 -11.48 -23.43
N PRO D 28 -12.38 -11.27 -22.28
CA PRO D 28 -12.27 -12.19 -21.16
C PRO D 28 -13.15 -13.41 -21.47
N GLU D 29 -12.83 -14.54 -20.84
CA GLU D 29 -13.57 -15.81 -21.05
C GLU D 29 -13.97 -16.32 -19.66
N MET D 30 -15.04 -15.77 -19.13
CA MET D 30 -15.46 -15.97 -17.72
C MET D 30 -16.44 -17.14 -17.60
N GLY D 31 -17.01 -17.57 -18.72
CA GLY D 31 -17.90 -18.75 -18.76
C GLY D 31 -19.17 -18.50 -19.56
N ASP D 32 -19.68 -17.27 -19.60
CA ASP D 32 -20.79 -16.83 -20.50
C ASP D 32 -21.97 -17.78 -20.39
N PRO D 33 -22.66 -17.84 -19.22
CA PRO D 33 -23.65 -18.88 -18.95
C PRO D 33 -24.96 -18.77 -19.74
N ASP D 34 -25.24 -17.60 -20.34
CA ASP D 34 -26.39 -17.44 -21.26
C ASP D 34 -26.12 -16.30 -22.25
N GLU D 35 -27.08 -16.09 -23.16
CA GLU D 35 -26.95 -15.15 -24.29
C GLU D 35 -26.90 -13.70 -23.83
N HIS D 36 -27.12 -13.40 -22.54
CA HIS D 36 -27.13 -12.02 -22.00
C HIS D 36 -25.94 -11.76 -21.07
N LEU D 37 -25.07 -12.75 -20.82
CA LEU D 37 -24.11 -12.69 -19.68
C LEU D 37 -22.64 -12.89 -20.13
N ARG D 38 -22.33 -12.51 -21.37
CA ARG D 38 -20.95 -12.35 -21.85
C ARG D 38 -20.17 -11.50 -20.83
N GLY D 39 -19.04 -12.01 -20.34
CA GLY D 39 -18.15 -11.30 -19.40
C GLY D 39 -18.42 -11.71 -17.98
N PHE D 40 -19.43 -12.54 -17.74
CA PHE D 40 -19.77 -13.11 -16.42
C PHE D 40 -19.60 -14.64 -16.45
N SER D 41 -19.35 -15.23 -15.29
CA SER D 41 -19.47 -16.70 -15.09
C SER D 41 -20.91 -17.03 -14.71
N LYS D 42 -21.23 -18.31 -14.77
CA LYS D 42 -22.38 -18.87 -14.06
C LYS D 42 -22.24 -18.56 -12.57
N SER D 43 -23.34 -18.44 -11.85
CA SER D 43 -23.27 -18.31 -10.37
CA SER D 43 -23.38 -18.39 -10.37
C SER D 43 -22.51 -19.49 -9.77
N ILE D 44 -21.75 -19.21 -8.74
CA ILE D 44 -20.87 -20.21 -8.08
C ILE D 44 -21.76 -21.07 -7.18
N SER D 45 -21.65 -22.39 -7.36
N SER D 45 -21.68 -22.39 -7.36
CA SER D 45 -22.20 -23.43 -6.46
CA SER D 45 -22.25 -23.37 -6.39
C SER D 45 -21.07 -24.10 -5.69
C SER D 45 -21.11 -24.13 -5.71
N ILE D 46 -21.34 -24.50 -4.45
CA ILE D 46 -20.33 -25.12 -3.56
C ILE D 46 -20.67 -26.61 -3.45
N SER D 47 -19.71 -27.50 -3.69
CA SER D 47 -19.92 -28.96 -3.59
C SER D 47 -20.31 -29.34 -2.14
N ASP D 48 -21.05 -30.42 -1.99
CA ASP D 48 -21.57 -30.92 -0.69
C ASP D 48 -20.44 -31.53 0.13
N THR D 49 -19.38 -32.01 -0.54
CA THR D 49 -18.19 -32.61 0.12
C THR D 49 -16.95 -32.19 -0.64
N PHE D 50 -15.81 -32.23 0.02
CA PHE D 50 -14.53 -31.80 -0.63
C PHE D 50 -14.26 -32.70 -1.83
N GLU D 51 -14.50 -34.01 -1.69
N GLU D 51 -14.50 -34.01 -1.66
CA GLU D 51 -14.17 -35.01 -2.72
CA GLU D 51 -14.27 -35.10 -2.65
C GLU D 51 -15.13 -34.94 -3.92
C GLU D 51 -15.11 -34.89 -3.92
N SER D 52 -16.32 -34.33 -3.78
CA SER D 52 -17.33 -34.25 -4.87
C SER D 52 -17.26 -32.93 -5.65
N ASP D 53 -16.22 -32.12 -5.45
CA ASP D 53 -16.07 -30.87 -6.23
C ASP D 53 -16.15 -31.19 -7.73
N SER D 54 -17.02 -30.51 -8.45
CA SER D 54 -17.31 -30.83 -9.87
CA SER D 54 -17.33 -30.83 -9.86
C SER D 54 -17.88 -29.58 -10.55
N PRO D 55 -17.05 -28.54 -10.74
CA PRO D 55 -17.53 -27.29 -11.31
C PRO D 55 -17.99 -27.48 -12.76
N ASN D 56 -19.09 -26.84 -13.12
CA ASN D 56 -19.57 -26.79 -14.53
C ASN D 56 -18.65 -25.88 -15.34
N ARG D 57 -18.54 -26.17 -16.63
CA ARG D 57 -17.66 -25.41 -17.54
C ARG D 57 -17.98 -23.91 -17.47
N ASP D 58 -19.25 -23.53 -17.49
CA ASP D 58 -19.63 -22.10 -17.54
C ASP D 58 -19.36 -21.39 -16.20
N MET D 59 -18.92 -22.11 -15.17
CA MET D 59 -18.57 -21.54 -13.85
C MET D 59 -17.06 -21.24 -13.74
N LEU D 60 -16.27 -21.64 -14.74
CA LEU D 60 -14.79 -21.55 -14.68
C LEU D 60 -14.27 -20.47 -15.64
N PRO D 61 -13.74 -19.34 -15.14
CA PRO D 61 -12.92 -18.48 -15.97
C PRO D 61 -11.75 -19.26 -16.59
N CYS D 62 -11.40 -18.89 -17.82
CA CYS D 62 -10.28 -19.47 -18.57
C CYS D 62 -9.30 -18.38 -19.01
N TYR D 63 -8.07 -18.79 -19.30
CA TYR D 63 -7.07 -17.91 -19.92
C TYR D 63 -7.55 -17.48 -21.31
N SER D 64 -7.27 -16.23 -21.65
CA SER D 64 -7.46 -15.68 -23.01
C SER D 64 -6.13 -15.75 -23.73
N VAL D 65 -6.17 -16.00 -25.02
CA VAL D 65 -4.96 -16.02 -25.87
C VAL D 65 -5.31 -15.60 -27.29
N ALA D 66 -4.42 -14.85 -27.92
CA ALA D 66 -4.51 -14.56 -29.36
C ALA D 66 -3.12 -14.75 -29.95
N ARG D 67 -3.08 -15.33 -31.12
CA ARG D 67 -1.84 -15.44 -31.91
C ARG D 67 -1.97 -14.50 -33.08
N ILE D 68 -1.03 -13.57 -33.21
CA ILE D 68 -1.14 -12.45 -34.19
C ILE D 68 -0.06 -12.67 -35.25
N PRO D 69 -0.46 -12.81 -36.53
CA PRO D 69 0.53 -12.96 -37.60
C PRO D 69 1.22 -11.61 -37.81
N LEU D 70 2.54 -11.64 -37.99
CA LEU D 70 3.36 -10.44 -38.27
C LEU D 70 3.73 -10.43 -39.74
N PRO D 71 4.29 -9.33 -40.27
CA PRO D 71 4.74 -9.32 -41.66
C PRO D 71 5.75 -10.44 -41.88
N ASN D 72 5.59 -11.16 -42.98
CA ASN D 72 6.34 -12.40 -43.30
C ASN D 72 7.81 -12.03 -43.51
N LEU D 73 8.72 -12.73 -42.87
CA LEU D 73 10.19 -12.50 -43.02
C LEU D 73 10.79 -13.67 -43.78
N ASN D 74 12.01 -13.49 -44.29
CA ASN D 74 12.80 -14.62 -44.85
C ASN D 74 12.09 -15.24 -46.06
N GLU D 75 11.62 -14.40 -46.99
CA GLU D 75 10.94 -14.88 -48.22
C GLU D 75 11.96 -15.62 -49.11
N ASP D 76 13.22 -15.19 -49.07
CA ASP D 76 14.31 -15.75 -49.92
C ASP D 76 15.15 -16.68 -49.06
N LEU D 77 15.70 -17.72 -49.69
CA LEU D 77 16.67 -18.65 -49.04
C LEU D 77 17.78 -17.84 -48.38
N THR D 78 18.08 -18.11 -47.12
CA THR D 78 19.18 -17.43 -46.38
C THR D 78 20.14 -18.50 -45.89
N CYS D 79 21.37 -18.11 -45.65
CA CYS D 79 22.46 -19.05 -45.35
C CYS D 79 22.98 -18.84 -43.93
N GLY D 80 22.49 -19.63 -42.97
CA GLY D 80 22.98 -19.67 -41.59
C GLY D 80 22.38 -18.59 -40.70
N ASN D 81 21.59 -17.67 -41.27
CA ASN D 81 20.99 -16.51 -40.56
C ASN D 81 19.52 -16.36 -41.00
N ILE D 82 18.68 -15.87 -40.11
CA ILE D 82 17.32 -15.39 -40.48
C ILE D 82 17.06 -14.08 -39.73
N LEU D 83 16.03 -13.37 -40.16
CA LEU D 83 15.43 -12.27 -39.39
C LEU D 83 14.26 -12.82 -38.56
N MET D 84 14.11 -12.30 -37.36
CA MET D 84 12.92 -12.53 -36.52
C MET D 84 12.41 -11.19 -36.00
N TRP D 85 11.10 -11.07 -35.86
CA TRP D 85 10.48 -9.95 -35.11
C TRP D 85 10.80 -10.13 -33.63
N GLU D 86 11.32 -9.08 -33.01
CA GLU D 86 11.65 -8.99 -31.59
C GLU D 86 10.67 -8.01 -30.94
N ALA D 87 9.91 -8.45 -29.93
CA ALA D 87 8.98 -7.60 -29.15
C ALA D 87 9.80 -6.78 -28.15
N VAL D 88 9.67 -5.46 -28.21
CA VAL D 88 10.55 -4.55 -27.44
C VAL D 88 9.75 -3.84 -26.34
N THR D 89 8.55 -3.35 -26.64
CA THR D 89 7.74 -2.62 -25.65
C THR D 89 6.28 -3.06 -25.70
N LEU D 90 5.61 -2.85 -24.58
CA LEU D 90 4.17 -3.14 -24.36
C LEU D 90 3.51 -1.93 -23.70
N LYS D 91 2.36 -1.51 -24.23
CA LYS D 91 1.38 -0.74 -23.46
C LYS D 91 0.17 -1.62 -23.30
N THR D 92 -0.38 -1.67 -22.11
CA THR D 92 -1.55 -2.53 -21.86
C THR D 92 -2.46 -1.84 -20.87
N GLU D 93 -3.75 -2.06 -21.00
CA GLU D 93 -4.66 -1.74 -19.88
C GLU D 93 -5.98 -2.48 -20.01
N VAL D 94 -6.67 -2.49 -18.90
CA VAL D 94 -8.01 -3.10 -18.79
C VAL D 94 -9.02 -2.12 -19.39
N ILE D 95 -9.90 -2.60 -20.27
CA ILE D 95 -10.87 -1.78 -21.03
C ILE D 95 -12.22 -1.85 -20.33
N GLY D 96 -12.76 -0.70 -19.94
CA GLY D 96 -14.14 -0.60 -19.39
C GLY D 96 -14.15 -0.63 -17.87
N VAL D 97 -13.13 -0.07 -17.24
CA VAL D 97 -13.08 -0.05 -15.75
C VAL D 97 -14.29 0.67 -15.15
N THR D 98 -14.83 1.69 -15.81
CA THR D 98 -15.97 2.48 -15.26
C THR D 98 -17.28 1.67 -15.22
N SER D 99 -17.41 0.61 -16.01
CA SER D 99 -18.62 -0.24 -16.02
C SER D 99 -18.90 -0.74 -14.60
N LEU D 100 -17.87 -0.88 -13.76
CA LEU D 100 -18.06 -1.38 -12.39
C LEU D 100 -18.78 -0.33 -11.53
N MET D 101 -19.10 0.83 -12.06
CA MET D 101 -19.87 1.85 -11.29
C MET D 101 -21.36 1.58 -11.44
N ASN D 102 -21.76 0.60 -12.26
CA ASN D 102 -23.18 0.19 -12.31
C ASN D 102 -23.51 -0.62 -11.06
N VAL D 103 -23.97 0.07 -10.02
CA VAL D 103 -24.44 -0.51 -8.72
C VAL D 103 -25.97 -0.38 -8.62
N HIS D 104 -26.66 -0.32 -9.75
CA HIS D 104 -28.11 0.03 -9.83
C HIS D 104 -28.94 -1.06 -10.52
N SER D 105 -28.44 -2.28 -10.66
CA SER D 105 -29.23 -3.33 -11.37
C SER D 105 -28.93 -4.73 -10.87
N ASN D 106 -29.96 -5.41 -10.38
N ASN D 106 -29.95 -5.48 -10.48
CA ASN D 106 -30.02 -6.87 -10.11
CA ASN D 106 -29.85 -6.93 -10.23
C ASN D 106 -29.12 -7.20 -8.91
C ASN D 106 -28.87 -7.15 -9.08
N GLY D 107 -28.71 -6.18 -8.17
CA GLY D 107 -27.69 -6.29 -7.12
C GLY D 107 -28.30 -6.47 -5.75
N GLN D 108 -27.44 -6.72 -4.78
CA GLN D 108 -27.83 -6.84 -3.35
C GLN D 108 -27.42 -5.54 -2.67
N ALA D 109 -28.34 -4.85 -2.03
CA ALA D 109 -28.05 -3.60 -1.29
C ALA D 109 -26.98 -3.90 -0.24
N THR D 110 -26.01 -3.02 -0.12
CA THR D 110 -24.92 -3.11 0.88
C THR D 110 -25.50 -3.04 2.30
N HIS D 111 -26.62 -2.32 2.47
CA HIS D 111 -27.34 -2.10 3.74
C HIS D 111 -28.75 -1.62 3.37
N ASP D 112 -29.66 -1.52 4.33
CA ASP D 112 -31.08 -1.15 4.03
C ASP D 112 -31.07 0.20 3.32
N ASN D 113 -31.64 0.24 2.11
CA ASN D 113 -31.90 1.44 1.29
C ASN D 113 -30.62 1.86 0.54
N GLY D 114 -29.53 1.10 0.67
CA GLY D 114 -28.23 1.44 0.07
C GLY D 114 -28.15 1.08 -1.41
N ALA D 115 -27.07 1.49 -2.06
CA ALA D 115 -26.78 1.09 -3.44
C ALA D 115 -26.39 -0.39 -3.47
N GLY D 116 -26.33 -0.98 -4.67
CA GLY D 116 -25.91 -2.37 -4.85
C GLY D 116 -24.46 -2.57 -4.48
N LYS D 117 -24.12 -3.76 -3.99
CA LYS D 117 -22.70 -4.12 -3.73
C LYS D 117 -21.98 -4.14 -5.07
N PRO D 118 -20.81 -3.50 -5.20
CA PRO D 118 -20.09 -3.52 -6.47
C PRO D 118 -19.32 -4.84 -6.60
N VAL D 119 -18.78 -5.07 -7.78
CA VAL D 119 -17.84 -6.19 -8.05
C VAL D 119 -16.65 -6.03 -7.09
N GLN D 120 -16.35 -7.09 -6.34
CA GLN D 120 -15.26 -7.10 -5.37
C GLN D 120 -14.93 -8.57 -5.08
N GLY D 121 -13.88 -8.76 -4.32
CA GLY D 121 -13.42 -10.11 -3.95
C GLY D 121 -12.26 -10.51 -4.82
N THR D 122 -11.98 -11.80 -4.86
CA THR D 122 -10.74 -12.33 -5.47
C THR D 122 -10.60 -11.78 -6.90
N SER D 123 -9.42 -11.25 -7.23
CA SER D 123 -9.10 -10.82 -8.61
C SER D 123 -7.84 -11.52 -9.09
N PHE D 124 -7.76 -11.75 -10.39
CA PHE D 124 -6.51 -12.17 -11.05
C PHE D 124 -6.33 -11.34 -12.31
N HIS D 125 -5.25 -10.57 -12.33
CA HIS D 125 -4.89 -9.68 -13.45
C HIS D 125 -3.53 -10.14 -13.96
N PHE D 126 -3.53 -10.61 -15.21
CA PHE D 126 -2.39 -11.36 -15.81
C PHE D 126 -2.27 -10.96 -17.27
N PHE D 127 -1.03 -10.74 -17.73
CA PHE D 127 -0.78 -10.58 -19.18
C PHE D 127 0.61 -11.11 -19.51
N SER D 128 0.76 -11.54 -20.75
CA SER D 128 2.05 -12.07 -21.25
C SER D 128 2.16 -11.76 -22.73
N VAL D 129 3.40 -11.57 -23.15
CA VAL D 129 3.79 -11.30 -24.55
C VAL D 129 4.93 -12.28 -24.84
N GLY D 130 4.79 -13.09 -25.88
CA GLY D 130 5.81 -14.09 -26.19
C GLY D 130 5.95 -14.36 -27.67
N GLY D 131 7.06 -15.01 -28.03
CA GLY D 131 7.35 -15.39 -29.41
C GLY D 131 6.86 -16.79 -29.72
N GLU D 132 6.05 -17.35 -28.82
CA GLU D 132 5.53 -18.73 -28.87
C GLU D 132 4.48 -18.82 -27.76
N ALA D 133 3.73 -19.91 -27.70
CA ALA D 133 2.63 -20.07 -26.72
C ALA D 133 3.19 -19.99 -25.30
N LEU D 134 2.42 -19.37 -24.39
CA LEU D 134 2.76 -19.35 -22.95
C LEU D 134 2.83 -20.80 -22.46
N GLU D 135 3.86 -21.18 -21.74
CA GLU D 135 3.98 -22.54 -21.17
C GLU D 135 3.36 -22.56 -19.77
N LEU D 136 2.53 -23.55 -19.53
CA LEU D 136 1.72 -23.66 -18.29
C LEU D 136 2.20 -24.84 -17.44
N GLN D 137 2.09 -24.67 -16.14
CA GLN D 137 2.23 -25.73 -15.13
C GLN D 137 0.90 -25.84 -14.39
N GLY D 138 0.43 -27.07 -14.18
CA GLY D 138 -0.82 -27.31 -13.45
C GLY D 138 -0.57 -27.40 -11.98
N VAL D 139 -1.38 -26.70 -11.18
CA VAL D 139 -1.47 -26.85 -9.70
C VAL D 139 -2.95 -26.85 -9.36
N LEU D 140 -3.38 -27.85 -8.58
CA LEU D 140 -4.81 -28.01 -8.24
C LEU D 140 -5.02 -27.67 -6.77
N PHE D 141 -6.09 -26.93 -6.50
CA PHE D 141 -6.49 -26.68 -5.10
C PHE D 141 -6.85 -28.01 -4.44
N ASN D 142 -7.55 -28.86 -5.19
CA ASN D 142 -8.15 -30.15 -4.76
C ASN D 142 -7.93 -31.16 -5.90
N TYR D 143 -7.09 -32.16 -5.74
CA TYR D 143 -6.74 -33.09 -6.85
C TYR D 143 -7.95 -33.94 -7.20
N ARG D 144 -8.96 -34.01 -6.32
CA ARG D 144 -10.17 -34.84 -6.59
C ARG D 144 -11.26 -34.02 -7.30
N THR D 145 -11.00 -32.74 -7.63
CA THR D 145 -11.97 -31.93 -8.41
C THR D 145 -12.21 -32.66 -9.74
N LYS D 146 -13.47 -32.83 -10.13
CA LYS D 146 -13.81 -33.30 -11.49
C LYS D 146 -13.96 -32.08 -12.40
N TYR D 147 -13.01 -31.86 -13.30
CA TYR D 147 -13.05 -30.74 -14.28
C TYR D 147 -13.90 -31.17 -15.47
N PRO D 148 -14.63 -30.22 -16.06
CA PRO D 148 -15.67 -30.57 -17.03
C PRO D 148 -15.15 -30.76 -18.46
N ASP D 149 -15.92 -31.57 -19.19
CA ASP D 149 -15.76 -31.72 -20.63
C ASP D 149 -15.70 -30.34 -21.29
N GLY D 150 -14.75 -30.16 -22.21
CA GLY D 150 -14.62 -28.92 -23.00
C GLY D 150 -13.54 -28.04 -22.41
N THR D 151 -13.02 -28.39 -21.24
CA THR D 151 -11.83 -27.73 -20.64
C THR D 151 -10.60 -28.64 -20.80
N ILE D 152 -9.44 -27.99 -20.82
CA ILE D 152 -8.14 -28.70 -20.82
C ILE D 152 -7.54 -28.47 -19.45
N PHE D 153 -7.42 -29.53 -18.67
CA PHE D 153 -7.04 -29.48 -17.24
C PHE D 153 -5.98 -30.54 -16.98
N PRO D 154 -5.28 -30.43 -15.83
CA PRO D 154 -4.26 -31.41 -15.45
C PRO D 154 -4.89 -32.81 -15.35
N LYS D 155 -4.35 -33.74 -16.12
CA LYS D 155 -4.81 -35.16 -16.24
C LYS D 155 -3.97 -36.07 -15.32
N ASN D 156 -4.53 -37.23 -14.95
CA ASN D 156 -3.85 -38.21 -14.07
C ASN D 156 -3.45 -37.51 -12.78
N ALA D 157 -4.32 -36.65 -12.25
CA ALA D 157 -4.06 -35.88 -11.02
C ALA D 157 -3.82 -36.84 -9.85
N THR D 158 -2.89 -36.50 -8.98
CA THR D 158 -2.59 -37.23 -7.72
C THR D 158 -2.58 -36.23 -6.59
N VAL D 159 -2.46 -36.71 -5.36
CA VAL D 159 -2.42 -35.76 -4.22
C VAL D 159 -1.22 -34.81 -4.41
N GLN D 160 -0.15 -35.24 -5.08
CA GLN D 160 1.02 -34.37 -5.33
C GLN D 160 0.61 -33.16 -6.19
N SER D 161 -0.40 -33.29 -7.03
CA SER D 161 -0.89 -32.21 -7.94
C SER D 161 -1.32 -30.99 -7.10
N GLN D 162 -1.64 -31.18 -5.82
CA GLN D 162 -2.04 -30.09 -4.89
C GLN D 162 -0.85 -29.18 -4.56
N VAL D 163 0.41 -29.62 -4.80
CA VAL D 163 1.60 -28.78 -4.51
C VAL D 163 2.53 -28.67 -5.73
N MET D 164 2.84 -29.77 -6.40
N MET D 164 2.87 -29.79 -6.36
CA MET D 164 3.68 -29.70 -7.64
CA MET D 164 3.68 -29.74 -7.60
C MET D 164 3.82 -31.12 -8.20
C MET D 164 3.78 -31.15 -8.19
N ASN D 165 3.15 -31.36 -9.33
CA ASN D 165 3.25 -32.59 -10.13
C ASN D 165 3.80 -32.16 -11.50
N THR D 166 5.05 -32.52 -11.80
CA THR D 166 5.75 -32.04 -13.02
C THR D 166 5.15 -32.71 -14.27
N GLU D 167 4.21 -33.65 -14.16
CA GLU D 167 3.51 -34.20 -15.36
C GLU D 167 2.62 -33.10 -15.97
N HIS D 168 2.10 -32.15 -15.18
CA HIS D 168 1.06 -31.18 -15.63
C HIS D 168 1.72 -30.03 -16.42
N LYS D 169 2.19 -30.31 -17.63
CA LYS D 169 2.80 -29.31 -18.54
C LYS D 169 1.87 -29.09 -19.72
N ALA D 170 1.61 -27.85 -20.08
CA ALA D 170 0.72 -27.56 -21.22
C ALA D 170 1.18 -26.28 -21.90
N TYR D 171 0.60 -26.02 -23.06
CA TYR D 171 0.77 -24.76 -23.80
C TYR D 171 -0.58 -24.06 -23.83
N LEU D 172 -0.60 -22.74 -23.60
CA LEU D 172 -1.84 -21.96 -23.77
C LEU D 172 -2.06 -21.73 -25.25
N ASP D 173 -2.75 -22.69 -25.87
CA ASP D 173 -2.83 -22.81 -27.35
C ASP D 173 -4.28 -22.94 -27.78
N LYS D 174 -5.21 -22.59 -26.89
CA LYS D 174 -6.65 -22.66 -27.18
C LYS D 174 -7.36 -21.66 -26.28
N ASN D 175 -8.26 -20.88 -26.85
CA ASN D 175 -9.07 -19.91 -26.09
CA ASN D 175 -9.13 -19.90 -26.14
C ASN D 175 -10.24 -20.66 -25.43
N LYS D 176 -10.76 -20.13 -24.32
CA LYS D 176 -11.99 -20.66 -23.66
C LYS D 176 -11.77 -22.11 -23.23
N ALA D 177 -10.55 -22.49 -22.86
CA ALA D 177 -10.26 -23.93 -22.63
C ALA D 177 -9.45 -24.20 -21.36
N TYR D 178 -8.45 -23.37 -21.03
CA TYR D 178 -7.52 -23.64 -19.90
C TYR D 178 -8.06 -22.93 -18.66
N PRO D 179 -8.64 -23.62 -17.64
CA PRO D 179 -9.20 -22.89 -16.51
C PRO D 179 -8.10 -22.17 -15.73
N VAL D 180 -8.43 -20.95 -15.31
CA VAL D 180 -7.49 -20.10 -14.57
C VAL D 180 -7.07 -20.85 -13.31
N GLU D 181 -8.01 -21.48 -12.62
CA GLU D 181 -7.74 -22.05 -11.26
C GLU D 181 -6.81 -23.27 -11.33
N CYS D 182 -6.63 -23.89 -12.51
CA CYS D 182 -5.85 -25.13 -12.74
C CYS D 182 -4.42 -24.86 -13.16
N TRP D 183 -4.15 -23.69 -13.71
CA TRP D 183 -2.90 -23.46 -14.47
C TRP D 183 -2.25 -22.14 -14.06
N VAL D 184 -0.93 -22.13 -14.09
CA VAL D 184 -0.10 -20.92 -13.97
C VAL D 184 1.01 -20.97 -15.00
N PRO D 185 1.61 -19.82 -15.32
CA PRO D 185 2.85 -19.83 -16.09
C PRO D 185 3.86 -20.76 -15.42
N ASP D 186 4.51 -21.56 -16.26
CA ASP D 186 5.59 -22.48 -15.84
C ASP D 186 6.87 -21.68 -15.68
N PRO D 187 7.34 -21.42 -14.43
CA PRO D 187 8.54 -20.59 -14.26
C PRO D 187 9.82 -21.31 -14.71
N THR D 188 9.76 -22.64 -14.90
CA THR D 188 10.92 -23.46 -15.36
C THR D 188 11.06 -23.36 -16.88
N ARG D 189 10.09 -22.78 -17.58
CA ARG D 189 10.19 -22.56 -19.05
C ARG D 189 9.94 -21.07 -19.34
N ASN D 190 9.26 -20.76 -20.43
CA ASN D 190 8.89 -19.36 -20.79
C ASN D 190 10.13 -18.46 -20.97
N GLU D 191 11.23 -18.98 -21.49
CA GLU D 191 12.45 -18.17 -21.79
C GLU D 191 12.10 -17.11 -22.82
N ASN D 192 11.17 -17.39 -23.73
CA ASN D 192 10.87 -16.56 -24.91
C ASN D 192 9.51 -15.85 -24.70
N THR D 193 9.10 -15.67 -23.45
CA THR D 193 7.86 -14.92 -23.06
C THR D 193 8.21 -13.99 -21.88
N ARG D 194 7.50 -12.88 -21.76
CA ARG D 194 7.55 -12.03 -20.55
C ARG D 194 6.14 -12.10 -19.96
N TYR D 195 5.99 -12.56 -18.71
CA TYR D 195 4.64 -12.63 -18.10
C TYR D 195 4.61 -11.87 -16.77
N PHE D 196 3.42 -11.39 -16.43
CA PHE D 196 3.14 -10.52 -15.26
C PHE D 196 1.75 -10.85 -14.74
N GLY D 197 1.62 -11.15 -13.46
CA GLY D 197 0.30 -11.40 -12.89
C GLY D 197 0.23 -11.09 -11.42
N THR D 198 -0.95 -10.74 -10.95
CA THR D 198 -1.21 -10.51 -9.52
C THR D 198 -2.52 -11.19 -9.14
N LEU D 199 -2.46 -12.04 -8.14
CA LEU D 199 -3.66 -12.58 -7.47
C LEU D 199 -3.89 -11.74 -6.23
N THR D 200 -5.06 -11.11 -6.15
CA THR D 200 -5.50 -10.43 -4.92
C THR D 200 -6.70 -11.19 -4.36
N GLY D 201 -6.49 -11.98 -3.28
CA GLY D 201 -7.49 -12.87 -2.67
C GLY D 201 -8.39 -12.14 -1.67
N GLY D 202 -9.39 -12.80 -1.14
CA GLY D 202 -10.27 -12.24 -0.11
C GLY D 202 -11.64 -11.94 -0.66
N GLU D 203 -12.68 -12.11 0.14
CA GLU D 203 -14.11 -12.00 -0.28
C GLU D 203 -14.50 -10.54 -0.49
N ASN D 204 -13.86 -9.61 0.19
CA ASN D 204 -14.34 -8.20 0.13
C ASN D 204 -13.32 -7.29 -0.51
N VAL D 205 -12.21 -7.84 -1.03
N VAL D 205 -12.20 -7.84 -1.02
CA VAL D 205 -11.10 -7.01 -1.57
CA VAL D 205 -11.09 -6.98 -1.53
C VAL D 205 -11.66 -6.07 -2.64
C VAL D 205 -11.64 -6.09 -2.64
N PRO D 206 -11.28 -4.78 -2.62
CA PRO D 206 -11.83 -3.80 -3.56
C PRO D 206 -10.98 -3.77 -4.82
N PRO D 207 -11.58 -3.76 -6.02
CA PRO D 207 -10.76 -3.63 -7.23
C PRO D 207 -10.00 -2.29 -7.19
N VAL D 208 -8.72 -2.28 -7.58
CA VAL D 208 -7.99 -1.02 -7.87
C VAL D 208 -7.47 -1.11 -9.31
N LEU D 209 -8.06 -0.34 -10.22
CA LEU D 209 -7.79 -0.44 -11.67
C LEU D 209 -7.29 0.91 -12.16
N HIS D 210 -6.04 0.96 -12.63
CA HIS D 210 -5.41 2.18 -13.17
C HIS D 210 -5.49 2.15 -14.70
N ILE D 211 -5.81 3.29 -15.31
CA ILE D 211 -5.73 3.45 -16.79
C ILE D 211 -4.84 4.65 -17.10
N THR D 212 -4.01 4.52 -18.14
CA THR D 212 -3.21 5.65 -18.64
C THR D 212 -2.66 5.25 -19.99
N ASN D 213 -2.47 6.20 -20.88
CA ASN D 213 -1.79 5.89 -22.17
C ASN D 213 -0.34 6.36 -22.10
N THR D 214 0.20 6.58 -20.90
CA THR D 214 1.56 7.14 -20.74
C THR D 214 2.57 6.09 -20.22
N ALA D 215 2.15 4.87 -19.97
CA ALA D 215 2.99 3.84 -19.30
C ALA D 215 3.43 2.80 -20.32
N THR D 216 4.72 2.51 -20.36
CA THR D 216 5.32 1.49 -21.25
C THR D 216 6.10 0.47 -20.41
N THR D 217 5.89 -0.82 -20.66
CA THR D 217 6.73 -1.93 -20.15
C THR D 217 7.76 -2.32 -21.20
N VAL D 218 9.03 -2.32 -20.83
CA VAL D 218 10.12 -2.77 -21.72
C VAL D 218 10.21 -4.29 -21.59
N LEU D 219 10.26 -5.00 -22.71
CA LEU D 219 10.20 -6.47 -22.76
C LEU D 219 11.59 -7.08 -22.91
N LEU D 220 12.66 -6.28 -22.96
CA LEU D 220 14.02 -6.80 -23.13
C LEU D 220 14.47 -7.53 -21.86
N ASP D 221 15.16 -8.65 -22.02
CA ASP D 221 15.79 -9.38 -20.88
C ASP D 221 17.09 -8.66 -20.50
N GLU D 222 17.87 -9.26 -19.61
CA GLU D 222 19.08 -8.62 -19.03
C GLU D 222 20.17 -8.55 -20.12
N PHE D 223 20.01 -9.22 -21.26
CA PHE D 223 20.96 -9.14 -22.41
C PHE D 223 20.47 -8.17 -23.48
N GLY D 224 19.33 -7.50 -23.26
CA GLY D 224 18.79 -6.53 -24.21
C GLY D 224 18.01 -7.22 -25.32
N VAL D 225 17.50 -8.43 -25.07
CA VAL D 225 16.78 -9.22 -26.12
C VAL D 225 15.32 -9.40 -25.68
N GLY D 226 14.40 -9.03 -26.56
CA GLY D 226 12.97 -9.26 -26.29
C GLY D 226 12.54 -10.62 -26.82
N PRO D 227 11.28 -11.02 -26.57
CA PRO D 227 10.74 -12.22 -27.20
C PRO D 227 10.94 -12.22 -28.73
N LEU D 228 11.39 -13.35 -29.27
CA LEU D 228 11.68 -13.53 -30.72
C LEU D 228 10.56 -14.38 -31.33
N CYS D 229 9.89 -13.88 -32.35
CA CYS D 229 8.59 -14.43 -32.82
C CYS D 229 8.81 -15.58 -33.80
N LYS D 230 8.69 -16.82 -33.32
CA LYS D 230 8.86 -18.03 -34.17
C LYS D 230 7.76 -18.07 -35.22
N GLY D 231 8.14 -18.27 -36.47
CA GLY D 231 7.21 -18.33 -37.60
C GLY D 231 6.50 -17.00 -37.85
N ASP D 232 7.03 -15.88 -37.34
CA ASP D 232 6.44 -14.52 -37.51
C ASP D 232 5.05 -14.50 -36.85
N ASN D 233 4.92 -15.12 -35.68
CA ASN D 233 3.68 -15.07 -34.86
C ASN D 233 3.98 -14.51 -33.47
N LEU D 234 3.15 -13.59 -33.02
CA LEU D 234 3.21 -13.00 -31.66
C LEU D 234 2.09 -13.60 -30.81
N TYR D 235 2.40 -14.10 -29.63
CA TYR D 235 1.39 -14.64 -28.70
C TYR D 235 1.12 -13.64 -27.58
N LEU D 236 -0.15 -13.27 -27.43
CA LEU D 236 -0.62 -12.40 -26.33
C LEU D 236 -1.57 -13.24 -25.48
N SER D 237 -1.43 -13.18 -24.16
CA SER D 237 -2.26 -13.96 -23.24
C SER D 237 -2.75 -13.03 -22.12
N ALA D 238 -3.90 -13.32 -21.53
CA ALA D 238 -4.45 -12.43 -20.47
C ALA D 238 -5.47 -13.15 -19.62
N VAL D 239 -5.54 -12.71 -18.38
CA VAL D 239 -6.69 -12.96 -17.48
C VAL D 239 -6.99 -11.65 -16.75
N ASP D 240 -8.25 -11.23 -16.71
CA ASP D 240 -8.68 -10.02 -15.95
C ASP D 240 -9.98 -10.37 -15.27
N VAL D 241 -9.91 -11.27 -14.31
CA VAL D 241 -11.03 -11.52 -13.39
C VAL D 241 -11.03 -10.36 -12.39
N CYS D 242 -12.05 -9.53 -12.42
CA CYS D 242 -12.06 -8.26 -11.63
C CYS D 242 -12.56 -8.51 -10.22
N GLY D 243 -13.31 -9.59 -10.02
CA GLY D 243 -13.96 -9.93 -8.74
C GLY D 243 -15.27 -10.62 -9.04
N MET D 244 -16.18 -10.61 -8.08
CA MET D 244 -17.52 -11.22 -8.22
C MET D 244 -18.58 -10.13 -8.15
N PHE D 245 -19.61 -10.31 -8.96
CA PHE D 245 -20.88 -9.57 -8.90
C PHE D 245 -21.83 -10.38 -8.01
N THR D 246 -22.47 -9.73 -7.04
CA THR D 246 -23.49 -10.35 -6.16
C THR D 246 -24.90 -9.91 -6.58
N ASN D 247 -25.74 -10.91 -6.90
N ASN D 247 -25.78 -10.85 -6.96
CA ASN D 247 -27.19 -10.76 -7.20
CA ASN D 247 -27.17 -10.48 -7.29
C ASN D 247 -27.98 -10.42 -5.94
C ASN D 247 -27.99 -10.44 -6.00
N ARG D 248 -29.24 -9.99 -6.12
CA ARG D 248 -30.17 -9.73 -4.97
C ARG D 248 -30.20 -10.97 -4.07
N SER D 249 -30.27 -12.16 -4.65
CA SER D 249 -30.38 -13.46 -3.93
C SER D 249 -29.12 -13.76 -3.10
N GLY D 250 -27.99 -13.13 -3.41
CA GLY D 250 -26.69 -13.45 -2.77
C GLY D 250 -25.80 -14.31 -3.67
N SER D 251 -26.33 -14.91 -4.75
CA SER D 251 -25.51 -15.70 -5.70
CA SER D 251 -25.55 -15.67 -5.75
C SER D 251 -24.43 -14.79 -6.31
N GLN D 252 -23.27 -15.36 -6.57
CA GLN D 252 -22.09 -14.58 -7.01
C GLN D 252 -21.56 -15.15 -8.33
N GLN D 253 -21.22 -14.24 -9.25
CA GLN D 253 -20.70 -14.56 -10.59
C GLN D 253 -19.37 -13.82 -10.76
N TRP D 254 -18.36 -14.49 -11.27
CA TRP D 254 -17.13 -13.80 -11.68
C TRP D 254 -17.49 -12.77 -12.75
N ARG D 255 -16.79 -11.64 -12.77
CA ARG D 255 -16.90 -10.60 -13.83
C ARG D 255 -15.50 -10.30 -14.33
N GLY D 256 -15.35 -10.31 -15.65
CA GLY D 256 -14.07 -10.04 -16.31
C GLY D 256 -14.18 -8.89 -17.26
N LEU D 257 -13.03 -8.35 -17.66
CA LEU D 257 -12.97 -7.23 -18.62
C LEU D 257 -11.90 -7.54 -19.67
N SER D 258 -12.04 -6.89 -20.80
CA SER D 258 -11.12 -7.03 -21.95
C SER D 258 -9.79 -6.34 -21.62
N ARG D 259 -8.73 -6.77 -22.29
CA ARG D 259 -7.38 -6.17 -22.15
C ARG D 259 -6.88 -5.70 -23.49
N TYR D 260 -6.44 -4.44 -23.51
CA TYR D 260 -5.75 -3.82 -24.67
C TYR D 260 -4.26 -4.15 -24.63
N PHE D 261 -3.70 -4.46 -25.78
CA PHE D 261 -2.24 -4.63 -25.99
C PHE D 261 -1.78 -3.76 -27.17
N LYS D 262 -0.68 -3.05 -26.98
CA LYS D 262 0.06 -2.40 -28.09
C LYS D 262 1.51 -2.84 -27.95
N VAL D 263 2.03 -3.55 -28.94
CA VAL D 263 3.40 -4.11 -28.88
C VAL D 263 4.19 -3.50 -30.04
N GLN D 264 5.36 -2.94 -29.74
N GLN D 264 5.38 -2.96 -29.75
CA GLN D 264 6.34 -2.47 -30.77
CA GLN D 264 6.32 -2.50 -30.80
C GLN D 264 7.35 -3.59 -31.00
C GLN D 264 7.37 -3.59 -31.00
N LEU D 265 7.63 -3.91 -32.26
CA LEU D 265 8.59 -4.97 -32.66
C LEU D 265 9.62 -4.40 -33.64
N ARG D 266 10.81 -4.97 -33.60
CA ARG D 266 11.89 -4.63 -34.53
C ARG D 266 12.46 -5.92 -35.13
N LYS D 267 13.03 -5.82 -36.31
CA LYS D 267 13.66 -6.99 -36.98
C LYS D 267 15.04 -7.23 -36.38
N ARG D 268 15.28 -8.47 -35.98
CA ARG D 268 16.56 -8.87 -35.36
C ARG D 268 17.16 -9.99 -36.21
N ARG D 269 18.44 -9.89 -36.56
CA ARG D 269 19.15 -11.01 -37.24
C ARG D 269 19.61 -11.99 -36.18
N VAL D 270 19.44 -13.27 -36.45
CA VAL D 270 19.88 -14.37 -35.54
C VAL D 270 20.62 -15.41 -36.37
N LYS D 271 21.60 -16.06 -35.76
CA LYS D 271 22.28 -17.26 -36.34
C LYS D 271 21.46 -18.46 -35.87
N ASN D 272 20.85 -19.21 -36.78
CA ASN D 272 19.82 -20.24 -36.43
C ASN D 272 20.47 -21.62 -36.33
N VAL E 7 1.65 14.73 -39.51
CA VAL E 7 2.43 15.87 -38.93
C VAL E 7 3.90 15.44 -38.78
N GLU E 8 4.82 16.18 -39.41
CA GLU E 8 6.27 16.18 -39.09
C GLU E 8 6.50 17.25 -38.01
N VAL E 9 6.98 16.85 -36.84
CA VAL E 9 7.21 17.75 -35.68
C VAL E 9 8.64 18.30 -35.78
N LEU E 10 8.79 19.61 -35.88
CA LEU E 10 10.11 20.27 -36.01
C LEU E 10 10.48 20.96 -34.70
N GLU E 11 11.13 22.11 -34.72
CA GLU E 11 11.77 22.66 -33.50
C GLU E 11 10.74 23.41 -32.65
N VAL E 12 11.01 23.41 -31.35
CA VAL E 12 10.37 24.28 -30.34
C VAL E 12 10.84 25.71 -30.56
N LYS E 13 9.91 26.67 -30.50
CA LYS E 13 10.22 28.12 -30.48
C LYS E 13 10.73 28.50 -29.09
N THR E 14 11.69 29.41 -29.00
CA THR E 14 12.22 29.90 -27.71
C THR E 14 11.98 31.41 -27.67
N GLY E 15 12.30 32.02 -26.52
CA GLY E 15 12.06 33.45 -26.27
C GLY E 15 10.84 33.62 -25.39
N VAL E 16 10.72 34.81 -24.81
CA VAL E 16 9.67 35.24 -23.84
C VAL E 16 8.25 34.92 -24.37
N ASP E 17 8.04 35.12 -25.68
N ASP E 17 7.97 35.14 -25.66
CA ASP E 17 6.71 35.09 -26.35
CA ASP E 17 6.58 35.05 -26.21
C ASP E 17 6.37 33.67 -26.83
C ASP E 17 6.31 33.63 -26.75
N SER E 18 7.19 32.67 -26.49
CA SER E 18 7.05 31.30 -27.03
C SER E 18 6.21 30.43 -26.07
N ILE E 19 5.83 30.94 -24.90
CA ILE E 19 5.12 30.14 -23.87
C ILE E 19 3.78 30.81 -23.49
N THR E 20 2.82 29.99 -23.04
CA THR E 20 1.54 30.47 -22.48
C THR E 20 1.10 29.45 -21.42
N GLU E 21 0.15 29.82 -20.58
CA GLU E 21 -0.29 28.96 -19.46
C GLU E 21 -1.81 29.02 -19.43
N VAL E 22 -2.47 27.89 -19.15
CA VAL E 22 -3.94 27.80 -18.99
C VAL E 22 -4.15 27.38 -17.55
N GLU E 23 -5.01 28.10 -16.84
CA GLU E 23 -5.36 27.74 -15.46
C GLU E 23 -6.88 27.76 -15.38
N CYS E 24 -7.48 26.69 -14.88
CA CYS E 24 -8.95 26.67 -14.72
C CYS E 24 -9.37 25.50 -13.85
N PHE E 25 -10.65 25.44 -13.58
CA PHE E 25 -11.23 24.33 -12.81
C PHE E 25 -12.40 23.80 -13.61
N LEU E 26 -12.57 22.49 -13.57
CA LEU E 26 -13.74 21.77 -14.11
C LEU E 26 -14.61 21.37 -12.94
N THR E 27 -15.87 21.77 -12.95
CA THR E 27 -16.86 21.35 -11.94
C THR E 27 -17.31 19.93 -12.26
N PRO E 28 -17.66 19.13 -11.24
CA PRO E 28 -18.15 17.77 -11.45
C PRO E 28 -19.61 17.82 -11.89
N GLU E 29 -20.04 16.76 -12.59
CA GLU E 29 -21.42 16.65 -13.10
C GLU E 29 -21.96 15.31 -12.59
N MET E 30 -22.43 15.31 -11.35
CA MET E 30 -22.83 14.09 -10.62
C MET E 30 -24.31 13.76 -10.87
N GLY E 31 -25.08 14.72 -11.42
CA GLY E 31 -26.51 14.49 -11.70
C GLY E 31 -27.36 15.65 -11.22
N ASP E 32 -27.01 16.29 -10.07
CA ASP E 32 -27.60 17.55 -9.59
C ASP E 32 -29.12 17.40 -9.53
N PRO E 33 -29.64 16.50 -8.67
CA PRO E 33 -31.06 16.13 -8.70
C PRO E 33 -32.03 17.24 -8.25
N ASP E 34 -31.56 18.29 -7.58
CA ASP E 34 -32.42 19.47 -7.28
C ASP E 34 -31.51 20.68 -7.11
N GLU E 35 -32.13 21.83 -6.83
CA GLU E 35 -31.46 23.15 -6.82
C GLU E 35 -30.56 23.26 -5.59
N HIS E 36 -30.58 22.27 -4.67
CA HIS E 36 -29.75 22.32 -3.44
C HIS E 36 -28.59 21.31 -3.53
N LEU E 37 -28.53 20.48 -4.58
CA LEU E 37 -27.68 19.25 -4.56
C LEU E 37 -26.64 19.22 -5.67
N ARG E 38 -26.18 20.38 -6.09
CA ARG E 38 -25.01 20.49 -6.99
C ARG E 38 -23.86 19.70 -6.37
N GLY E 39 -23.24 18.79 -7.15
CA GLY E 39 -22.11 17.96 -6.68
C GLY E 39 -22.54 16.59 -6.18
N PHE E 40 -23.85 16.32 -6.15
CA PHE E 40 -24.41 15.03 -5.71
C PHE E 40 -25.24 14.44 -6.87
N SER E 41 -25.37 13.12 -6.90
CA SER E 41 -26.36 12.45 -7.78
C SER E 41 -27.70 12.35 -7.05
N LYS E 42 -28.72 11.93 -7.77
CA LYS E 42 -29.95 11.40 -7.17
C LYS E 42 -29.61 10.17 -6.33
N SER E 43 -30.41 9.88 -5.30
CA SER E 43 -30.27 8.64 -4.52
C SER E 43 -30.24 7.45 -5.50
N ILE E 44 -29.38 6.49 -5.21
N ILE E 44 -29.42 6.44 -5.19
CA ILE E 44 -29.22 5.28 -6.07
CA ILE E 44 -29.18 5.29 -6.10
C ILE E 44 -30.37 4.33 -5.74
C ILE E 44 -30.19 4.18 -5.79
N SER E 45 -31.00 3.79 -6.78
CA SER E 45 -31.97 2.69 -6.66
C SER E 45 -31.44 1.50 -7.46
N ILE E 46 -32.00 0.31 -7.20
CA ILE E 46 -31.54 -0.97 -7.80
C ILE E 46 -32.69 -1.58 -8.60
N SER E 47 -32.55 -1.67 -9.93
CA SER E 47 -33.56 -2.35 -10.77
C SER E 47 -33.63 -3.83 -10.41
N ASP E 48 -34.81 -4.47 -10.56
CA ASP E 48 -34.93 -5.89 -10.13
C ASP E 48 -34.11 -6.82 -11.04
N THR E 49 -33.91 -6.48 -12.29
CA THR E 49 -33.22 -7.34 -13.28
C THR E 49 -32.36 -6.46 -14.17
N PHE E 50 -31.42 -7.05 -14.87
CA PHE E 50 -30.61 -6.38 -15.91
C PHE E 50 -31.55 -5.86 -16.97
N GLU E 51 -32.59 -6.64 -17.28
CA GLU E 51 -33.54 -6.27 -18.33
C GLU E 51 -34.27 -4.97 -17.97
N SER E 52 -34.54 -4.72 -16.69
CA SER E 52 -35.38 -3.56 -16.25
C SER E 52 -34.52 -2.35 -15.85
N ASP E 53 -33.21 -2.45 -16.01
CA ASP E 53 -32.26 -1.38 -15.61
C ASP E 53 -32.53 -0.14 -16.44
N SER E 54 -33.05 0.92 -15.81
N SER E 54 -32.99 0.93 -15.80
N SER E 54 -33.00 0.92 -15.78
CA SER E 54 -33.43 2.19 -16.48
CA SER E 54 -33.42 2.19 -16.48
CA SER E 54 -33.44 2.19 -16.43
C SER E 54 -33.04 3.36 -15.58
C SER E 54 -33.03 3.39 -15.62
C SER E 54 -33.03 3.37 -15.57
N PRO E 55 -31.72 3.66 -15.44
CA PRO E 55 -31.26 4.74 -14.56
C PRO E 55 -31.78 6.12 -14.96
N ASN E 56 -32.27 6.85 -13.97
CA ASN E 56 -32.69 8.26 -14.09
C ASN E 56 -31.46 9.08 -14.52
N ARG E 57 -31.61 10.02 -15.46
CA ARG E 57 -30.51 10.93 -15.81
C ARG E 57 -29.83 11.51 -14.56
N ASP E 58 -30.61 11.92 -13.58
CA ASP E 58 -30.10 12.64 -12.38
C ASP E 58 -29.25 11.69 -11.51
N MET E 59 -29.30 10.40 -11.77
CA MET E 59 -28.58 9.37 -10.97
C MET E 59 -27.23 9.02 -11.60
N LEU E 60 -26.88 9.55 -12.77
CA LEU E 60 -25.69 9.12 -13.54
C LEU E 60 -24.64 10.22 -13.59
N PRO E 61 -23.51 10.08 -12.85
CA PRO E 61 -22.40 11.01 -13.08
C PRO E 61 -21.95 10.96 -14.53
N CYS E 62 -21.46 12.10 -15.03
CA CYS E 62 -20.95 12.22 -16.40
C CYS E 62 -19.52 12.74 -16.40
N TYR E 63 -18.83 12.54 -17.52
CA TYR E 63 -17.50 13.15 -17.73
C TYR E 63 -17.63 14.67 -17.83
N SER E 64 -16.66 15.38 -17.27
CA SER E 64 -16.53 16.84 -17.43
C SER E 64 -15.54 17.11 -18.57
N VAL E 65 -15.80 18.14 -19.35
CA VAL E 65 -14.88 18.59 -20.42
C VAL E 65 -14.91 20.12 -20.54
N ALA E 66 -13.76 20.71 -20.80
CA ALA E 66 -13.62 22.13 -21.20
C ALA E 66 -12.72 22.20 -22.43
N ARG E 67 -13.19 22.91 -23.45
CA ARG E 67 -12.39 23.31 -24.63
C ARG E 67 -11.93 24.75 -24.39
N ILE E 68 -10.61 24.95 -24.28
N ILE E 68 -10.61 24.97 -24.31
CA ILE E 68 -9.98 26.27 -23.96
CA ILE E 68 -10.01 26.28 -23.96
C ILE E 68 -9.32 26.80 -25.23
C ILE E 68 -9.29 26.84 -25.18
N PRO E 69 -9.81 27.91 -25.80
CA PRO E 69 -9.13 28.59 -26.90
C PRO E 69 -7.81 29.18 -26.40
N LEU E 70 -6.77 29.00 -27.20
CA LEU E 70 -5.41 29.50 -26.92
C LEU E 70 -5.13 30.67 -27.86
N PRO E 71 -4.06 31.44 -27.61
CA PRO E 71 -3.71 32.55 -28.50
C PRO E 71 -3.51 32.09 -29.94
N ASN E 72 -4.14 32.81 -30.88
CA ASN E 72 -4.14 32.47 -32.32
C ASN E 72 -2.70 32.46 -32.84
N LEU E 73 -2.32 31.42 -33.60
CA LEU E 73 -0.89 31.27 -34.01
C LEU E 73 -0.64 31.56 -35.48
N ASN E 74 -1.55 31.25 -36.41
CA ASN E 74 -1.14 31.29 -37.84
C ASN E 74 -1.97 32.34 -38.63
N GLY E 80 0.03 23.98 -43.54
CA GLY E 80 1.11 23.00 -43.78
C GLY E 80 2.33 23.25 -42.91
N ASN E 81 3.09 24.33 -43.17
CA ASN E 81 4.23 24.79 -42.30
C ASN E 81 3.65 25.79 -41.27
N ILE E 82 3.32 25.33 -40.06
CA ILE E 82 2.52 26.15 -39.10
C ILE E 82 3.13 26.02 -37.71
N LEU E 83 2.71 26.88 -36.81
CA LEU E 83 3.03 26.72 -35.37
C LEU E 83 1.81 26.11 -34.71
N MET E 84 2.06 25.30 -33.69
CA MET E 84 1.00 24.74 -32.82
C MET E 84 1.45 24.88 -31.37
N TRP E 85 0.50 25.12 -30.49
CA TRP E 85 0.76 25.03 -29.04
C TRP E 85 0.94 23.57 -28.64
N GLU E 86 1.99 23.31 -27.88
CA GLU E 86 2.33 21.97 -27.36
C GLU E 86 2.18 21.99 -25.84
N ALA E 87 1.35 21.09 -25.28
CA ALA E 87 1.16 21.01 -23.83
C ALA E 87 2.35 20.26 -23.24
N VAL E 88 3.04 20.87 -22.27
CA VAL E 88 4.33 20.32 -21.77
C VAL E 88 4.18 19.82 -20.34
N THR E 89 3.50 20.57 -19.48
CA THR E 89 3.37 20.19 -18.05
C THR E 89 1.95 20.44 -17.56
N LEU E 90 1.61 19.68 -16.52
CA LEU E 90 0.31 19.73 -15.83
C LEU E 90 0.55 19.76 -14.33
N LYS E 91 -0.11 20.68 -13.65
CA LYS E 91 -0.38 20.57 -12.21
C LYS E 91 -1.88 20.41 -12.06
N THR E 92 -2.29 19.45 -11.24
CA THR E 92 -3.72 19.18 -11.06
C THR E 92 -3.99 18.86 -9.59
N GLU E 93 -5.21 19.12 -9.16
CA GLU E 93 -5.59 18.97 -7.74
C GLU E 93 -7.10 18.85 -7.67
N VAL E 94 -7.57 17.97 -6.80
CA VAL E 94 -9.01 17.91 -6.45
C VAL E 94 -9.29 19.04 -5.45
N ILE E 95 -10.35 19.82 -5.67
CA ILE E 95 -10.62 21.06 -4.89
C ILE E 95 -11.73 20.79 -3.88
N GLY E 96 -11.45 21.02 -2.60
CA GLY E 96 -12.46 20.84 -1.54
C GLY E 96 -12.38 19.52 -0.81
N VAL E 97 -11.21 18.89 -0.73
CA VAL E 97 -11.10 17.55 -0.09
C VAL E 97 -11.59 17.57 1.36
N THR E 98 -11.41 18.69 2.09
CA THR E 98 -11.75 18.78 3.52
C THR E 98 -13.28 18.80 3.70
N SER E 99 -14.04 19.11 2.66
CA SER E 99 -15.54 19.13 2.76
C SER E 99 -16.04 17.75 3.20
N LEU E 100 -15.26 16.70 2.94
CA LEU E 100 -15.66 15.33 3.30
C LEU E 100 -15.55 15.12 4.82
N MET E 101 -15.06 16.10 5.57
CA MET E 101 -15.06 16.04 7.05
C MET E 101 -16.41 16.49 7.64
N ASN E 102 -17.35 16.96 6.83
CA ASN E 102 -18.71 17.24 7.34
C ASN E 102 -19.46 15.92 7.55
N VAL E 103 -19.36 15.37 8.77
CA VAL E 103 -20.05 14.14 9.23
C VAL E 103 -21.18 14.51 10.19
N HIS E 104 -21.72 15.72 10.09
CA HIS E 104 -22.77 16.23 11.02
C HIS E 104 -24.01 16.69 10.24
N SER E 105 -24.09 16.46 8.92
CA SER E 105 -25.17 17.00 8.05
C SER E 105 -26.02 15.86 7.48
N ASN E 106 -27.15 15.55 8.11
CA ASN E 106 -28.18 14.61 7.57
C ASN E 106 -27.56 13.24 7.25
N GLY E 107 -26.58 12.84 8.06
CA GLY E 107 -25.83 11.60 7.88
C GLY E 107 -26.47 10.46 8.63
N GLN E 108 -25.96 9.26 8.39
CA GLN E 108 -26.39 8.05 9.14
C GLN E 108 -25.32 7.71 10.16
N ALA E 109 -25.66 7.74 11.45
CA ALA E 109 -24.71 7.40 12.52
C ALA E 109 -24.16 6.00 12.26
N THR E 110 -22.85 5.84 12.39
CA THR E 110 -22.10 4.58 12.20
C THR E 110 -22.55 3.56 13.25
N HIS E 111 -22.92 4.02 14.44
CA HIS E 111 -23.40 3.20 15.59
C HIS E 111 -24.13 4.17 16.51
N ASP E 112 -24.82 3.63 17.52
N ASP E 112 -24.79 3.62 17.53
CA ASP E 112 -25.63 4.45 18.47
CA ASP E 112 -25.56 4.41 18.51
C ASP E 112 -24.76 5.56 19.07
C ASP E 112 -24.70 5.58 19.03
N ASN E 113 -25.17 6.82 18.89
CA ASN E 113 -24.51 8.05 19.44
C ASN E 113 -23.30 8.48 18.59
N GLY E 114 -23.04 7.79 17.48
CA GLY E 114 -21.83 7.97 16.66
C GLY E 114 -21.97 9.17 15.73
N ALA E 115 -20.86 9.55 15.12
CA ALA E 115 -20.85 10.57 14.05
C ALA E 115 -21.44 9.97 12.77
N GLY E 116 -21.73 10.85 11.80
CA GLY E 116 -22.26 10.42 10.51
C GLY E 116 -21.22 9.59 9.75
N LYS E 117 -21.68 8.60 9.00
N LYS E 117 -21.68 8.58 9.02
CA LYS E 117 -20.80 7.78 8.12
CA LYS E 117 -20.84 7.79 8.08
C LYS E 117 -20.25 8.67 7.01
C LYS E 117 -20.25 8.76 7.05
N PRO E 118 -18.92 8.75 6.83
CA PRO E 118 -18.32 9.62 5.82
C PRO E 118 -18.52 9.08 4.41
N VAL E 119 -18.30 9.97 3.44
CA VAL E 119 -18.30 9.62 2.00
C VAL E 119 -17.27 8.50 1.81
N GLN E 120 -17.68 7.42 1.16
CA GLN E 120 -16.83 6.24 0.98
C GLN E 120 -17.45 5.38 -0.11
N GLY E 121 -16.74 4.34 -0.49
CA GLY E 121 -17.21 3.44 -1.54
C GLY E 121 -16.60 3.80 -2.88
N THR E 122 -17.11 3.24 -3.97
CA THR E 122 -16.49 3.30 -5.31
C THR E 122 -16.11 4.74 -5.64
N SER E 123 -14.86 4.95 -6.06
CA SER E 123 -14.42 6.28 -6.55
C SER E 123 -13.88 6.13 -7.98
N PHE E 124 -13.97 7.18 -8.76
CA PHE E 124 -13.26 7.25 -10.06
C PHE E 124 -12.62 8.62 -10.13
N HIS E 125 -11.30 8.66 -10.16
CA HIS E 125 -10.55 9.93 -10.31
C HIS E 125 -9.81 9.85 -11.65
N PHE E 126 -10.12 10.77 -12.55
CA PHE E 126 -9.65 10.72 -13.94
C PHE E 126 -9.35 12.13 -14.41
N PHE E 127 -8.27 12.31 -15.14
CA PHE E 127 -8.05 13.60 -15.84
C PHE E 127 -7.28 13.36 -17.13
N SER E 128 -7.46 14.26 -18.08
CA SER E 128 -6.75 14.18 -19.37
C SER E 128 -6.50 15.58 -19.90
N VAL E 129 -5.41 15.68 -20.64
CA VAL E 129 -5.01 16.92 -21.36
C VAL E 129 -4.78 16.51 -22.81
N GLY E 130 -5.46 17.14 -23.76
CA GLY E 130 -5.22 16.80 -25.17
C GLY E 130 -5.30 17.98 -26.11
N GLY E 131 -4.81 17.78 -27.31
CA GLY E 131 -4.87 18.78 -28.39
C GLY E 131 -6.11 18.60 -29.22
N GLU E 132 -7.05 17.77 -28.74
CA GLU E 132 -8.33 17.47 -29.41
C GLU E 132 -9.22 16.75 -28.40
N ALA E 133 -10.51 16.55 -28.70
CA ALA E 133 -11.44 15.90 -27.77
C ALA E 133 -10.89 14.51 -27.38
N LEU E 134 -11.09 14.15 -26.11
CA LEU E 134 -10.81 12.79 -25.63
C LEU E 134 -11.64 11.81 -26.47
N GLU E 135 -11.01 10.75 -26.95
CA GLU E 135 -11.71 9.69 -27.72
C GLU E 135 -12.21 8.60 -26.77
N LEU E 136 -13.46 8.21 -26.91
CA LEU E 136 -14.12 7.29 -25.93
C LEU E 136 -14.46 5.97 -26.62
N GLN E 137 -14.35 4.90 -25.83
CA GLN E 137 -14.83 3.56 -26.19
C GLN E 137 -15.94 3.19 -25.19
N GLY E 138 -17.04 2.67 -25.69
CA GLY E 138 -18.17 2.25 -24.83
C GLY E 138 -17.98 0.85 -24.35
N VAL E 139 -18.21 0.65 -23.05
CA VAL E 139 -18.23 -0.69 -22.40
C VAL E 139 -19.37 -0.65 -21.40
N LEU E 140 -20.29 -1.60 -21.52
CA LEU E 140 -21.49 -1.64 -20.66
C LEU E 140 -21.37 -2.78 -19.62
N PHE E 141 -21.71 -2.47 -18.38
CA PHE E 141 -21.80 -3.53 -17.34
C PHE E 141 -22.85 -4.55 -17.77
N ASN E 142 -23.97 -4.01 -18.24
CA ASN E 142 -25.23 -4.70 -18.60
C ASN E 142 -25.72 -4.10 -19.92
N TYR E 143 -25.63 -4.85 -21.02
CA TYR E 143 -25.93 -4.29 -22.37
C TYR E 143 -27.40 -3.88 -22.45
N ARG E 144 -28.24 -4.41 -21.58
CA ARG E 144 -29.70 -4.12 -21.60
C ARG E 144 -30.07 -2.87 -20.82
N THR E 145 -29.11 -2.19 -20.18
CA THR E 145 -29.37 -0.89 -19.51
C THR E 145 -30.02 0.07 -20.51
N LYS E 146 -31.13 0.71 -20.12
N LYS E 146 -31.10 0.74 -20.11
CA LYS E 146 -31.75 1.80 -20.90
CA LYS E 146 -31.74 1.79 -20.94
C LYS E 146 -31.21 3.13 -20.38
C LYS E 146 -31.27 3.15 -20.43
N TYR E 147 -30.31 3.77 -21.14
CA TYR E 147 -29.76 5.08 -20.77
C TYR E 147 -30.81 6.12 -21.12
N PRO E 148 -30.94 7.15 -20.27
CA PRO E 148 -32.05 8.09 -20.36
C PRO E 148 -31.84 9.20 -21.40
N ASP E 149 -32.96 9.77 -21.83
CA ASP E 149 -32.95 10.96 -22.72
C ASP E 149 -32.06 12.04 -22.08
N GLY E 150 -31.26 12.72 -22.91
CA GLY E 150 -30.33 13.77 -22.45
C GLY E 150 -28.91 13.24 -22.31
N THR E 151 -28.73 11.93 -22.26
CA THR E 151 -27.38 11.33 -22.20
C THR E 151 -26.99 10.80 -23.58
N ILE E 152 -25.69 10.72 -23.81
CA ILE E 152 -25.12 10.16 -25.05
C ILE E 152 -24.42 8.88 -24.63
N PHE E 153 -24.86 7.76 -25.18
CA PHE E 153 -24.57 6.38 -24.69
C PHE E 153 -24.33 5.46 -25.87
N PRO E 154 -23.73 4.27 -25.64
CA PRO E 154 -23.46 3.29 -26.69
C PRO E 154 -24.77 2.83 -27.33
N LYS E 155 -24.85 3.03 -28.64
CA LYS E 155 -26.05 2.74 -29.47
C LYS E 155 -25.93 1.35 -30.10
N ASN E 156 -27.07 0.69 -30.35
CA ASN E 156 -27.08 -0.64 -31.00
C ASN E 156 -26.29 -1.61 -30.11
N ALA E 157 -26.45 -1.52 -28.79
CA ALA E 157 -25.71 -2.37 -27.85
C ALA E 157 -26.11 -3.83 -28.10
N THR E 158 -25.16 -4.74 -27.95
CA THR E 158 -25.38 -6.20 -28.00
C THR E 158 -24.72 -6.80 -26.77
N VAL E 159 -24.87 -8.09 -26.56
CA VAL E 159 -24.21 -8.74 -25.40
C VAL E 159 -22.70 -8.59 -25.53
N GLN E 160 -22.15 -8.44 -26.73
CA GLN E 160 -20.68 -8.23 -26.91
C GLN E 160 -20.27 -6.87 -26.30
N SER E 161 -21.19 -5.94 -26.17
CA SER E 161 -20.95 -4.59 -25.58
C SER E 161 -20.51 -4.71 -24.11
N GLN E 162 -20.82 -5.83 -23.48
CA GLN E 162 -20.42 -6.10 -22.08
C GLN E 162 -18.91 -6.36 -22.00
N VAL E 163 -18.22 -6.67 -23.10
CA VAL E 163 -16.74 -6.93 -23.06
C VAL E 163 -16.02 -6.02 -24.05
N MET E 164 -16.42 -5.98 -25.32
CA MET E 164 -15.81 -5.06 -26.31
C MET E 164 -16.61 -5.10 -27.61
N ASN E 165 -17.24 -3.98 -27.96
CA ASN E 165 -17.97 -3.78 -29.23
C ASN E 165 -17.36 -2.54 -29.88
N THR E 166 -16.58 -2.71 -30.95
CA THR E 166 -15.81 -1.60 -31.55
C THR E 166 -16.75 -0.59 -32.21
N GLU E 167 -18.06 -0.85 -32.30
CA GLU E 167 -18.99 0.17 -32.85
C GLU E 167 -19.07 1.38 -31.89
N HIS E 168 -18.85 1.19 -30.58
CA HIS E 168 -19.10 2.25 -29.57
C HIS E 168 -17.91 3.20 -29.47
N LYS E 169 -17.76 4.07 -30.47
CA LYS E 169 -16.72 5.11 -30.55
C LYS E 169 -17.37 6.47 -30.42
N ALA E 170 -16.82 7.36 -29.62
CA ALA E 170 -17.37 8.72 -29.44
C ALA E 170 -16.23 9.66 -29.09
N TYR E 171 -16.55 10.96 -29.15
CA TYR E 171 -15.70 12.06 -28.68
C TYR E 171 -16.35 12.67 -27.45
N LEU E 172 -15.54 12.95 -26.43
CA LEU E 172 -16.05 13.69 -25.25
C LEU E 172 -16.17 15.15 -25.67
N ASP E 173 -17.32 15.51 -26.23
CA ASP E 173 -17.52 16.79 -26.94
C ASP E 173 -18.69 17.58 -26.36
N LYS E 174 -19.21 17.18 -25.20
CA LYS E 174 -20.39 17.85 -24.59
C LYS E 174 -20.38 17.57 -23.10
N ASN E 175 -20.80 18.54 -22.30
CA ASN E 175 -20.93 18.39 -20.83
C ASN E 175 -22.28 17.84 -20.46
N LYS E 176 -22.34 17.23 -19.26
CA LYS E 176 -23.57 16.67 -18.66
C LYS E 176 -24.21 15.72 -19.65
N ALA E 177 -23.39 14.98 -20.42
CA ALA E 177 -23.93 14.15 -21.50
C ALA E 177 -23.40 12.72 -21.49
N TYR E 178 -22.12 12.51 -21.26
CA TYR E 178 -21.48 11.17 -21.42
C TYR E 178 -21.38 10.50 -20.06
N PRO E 179 -22.22 9.49 -19.75
CA PRO E 179 -22.15 8.89 -18.42
C PRO E 179 -20.81 8.18 -18.19
N VAL E 180 -20.31 8.36 -16.97
CA VAL E 180 -19.04 7.72 -16.55
C VAL E 180 -19.14 6.20 -16.77
N GLU E 181 -20.25 5.56 -16.39
CA GLU E 181 -20.30 4.09 -16.27
C GLU E 181 -20.33 3.42 -17.65
N CYS E 182 -20.58 4.13 -18.74
CA CYS E 182 -20.65 3.42 -20.05
C CYS E 182 -19.54 3.85 -20.98
N TRP E 183 -18.59 4.69 -20.54
CA TRP E 183 -17.52 5.15 -21.44
C TRP E 183 -16.18 5.12 -20.72
N VAL E 184 -15.13 4.80 -21.48
CA VAL E 184 -13.72 4.92 -21.03
C VAL E 184 -12.93 5.56 -22.15
N PRO E 185 -11.76 6.12 -21.81
CA PRO E 185 -10.80 6.53 -22.83
C PRO E 185 -10.49 5.34 -23.75
N ASP E 186 -10.50 5.56 -25.06
CA ASP E 186 -10.25 4.52 -26.07
C ASP E 186 -8.74 4.31 -26.19
N PRO E 187 -8.17 3.19 -25.68
CA PRO E 187 -6.71 3.03 -25.71
C PRO E 187 -6.20 2.83 -27.13
N THR E 188 -7.11 2.56 -28.09
CA THR E 188 -6.70 2.32 -29.50
C THR E 188 -6.55 3.66 -30.23
N ARG E 189 -6.94 4.76 -29.61
CA ARG E 189 -6.81 6.12 -30.23
CA ARG E 189 -6.83 6.12 -30.21
C ARG E 189 -6.09 7.02 -29.22
N ASN E 190 -6.49 8.28 -29.10
CA ASN E 190 -5.92 9.21 -28.10
C ASN E 190 -4.39 9.39 -28.22
N GLU E 191 -3.85 9.36 -29.43
CA GLU E 191 -2.40 9.63 -29.67
C GLU E 191 -2.02 11.03 -29.18
N ASN E 192 -2.96 11.96 -29.27
CA ASN E 192 -2.75 13.41 -29.10
C ASN E 192 -3.34 13.87 -27.76
N THR E 193 -3.53 12.94 -26.83
CA THR E 193 -4.03 13.19 -25.46
C THR E 193 -3.16 12.40 -24.48
N ARG E 194 -2.99 12.90 -23.27
CA ARG E 194 -2.43 12.14 -22.13
C ARG E 194 -3.56 11.98 -21.10
N TYR E 195 -3.93 10.75 -20.75
CA TYR E 195 -5.01 10.49 -19.79
C TYR E 195 -4.50 9.59 -18.66
N PHE E 196 -5.13 9.75 -17.51
CA PHE E 196 -4.77 9.10 -16.22
C PHE E 196 -6.06 8.90 -15.42
N GLY E 197 -6.29 7.68 -14.97
CA GLY E 197 -7.48 7.38 -14.17
C GLY E 197 -7.28 6.23 -13.21
N THR E 198 -7.99 6.29 -12.10
CA THR E 198 -8.04 5.18 -11.15
C THR E 198 -9.48 4.92 -10.73
N LEU E 199 -9.93 3.70 -10.93
CA LEU E 199 -11.17 3.20 -10.31
C LEU E 199 -10.79 2.43 -9.05
N THR E 200 -11.34 2.85 -7.91
CA THR E 200 -11.20 2.16 -6.63
C THR E 200 -12.58 1.68 -6.20
N GLY E 201 -12.83 0.38 -6.33
CA GLY E 201 -14.13 -0.24 -6.08
C GLY E 201 -14.33 -0.55 -4.60
N GLY E 202 -15.41 -1.22 -4.28
CA GLY E 202 -15.74 -1.67 -2.91
C GLY E 202 -16.73 -0.74 -2.24
N GLU E 203 -17.59 -1.30 -1.39
CA GLU E 203 -18.69 -0.57 -0.72
C GLU E 203 -18.15 0.38 0.35
N ASN E 204 -17.02 0.05 0.96
CA ASN E 204 -16.55 0.77 2.17
C ASN E 204 -15.16 1.37 1.94
N VAL E 205 -14.64 1.37 0.70
CA VAL E 205 -13.27 1.92 0.47
C VAL E 205 -13.23 3.38 0.91
N PRO E 206 -12.20 3.77 1.69
CA PRO E 206 -12.07 5.14 2.16
C PRO E 206 -11.42 5.98 1.08
N PRO E 207 -11.88 7.23 0.87
CA PRO E 207 -11.16 8.16 -0.01
C PRO E 207 -9.74 8.36 0.53
N VAL E 208 -8.75 8.39 -0.36
CA VAL E 208 -7.39 8.88 -0.02
C VAL E 208 -7.07 9.99 -1.01
N LEU E 209 -7.11 11.25 -0.56
CA LEU E 209 -6.95 12.41 -1.46
C LEU E 209 -5.75 13.21 -1.01
N HIS E 210 -4.77 13.34 -1.89
CA HIS E 210 -3.54 14.14 -1.63
C HIS E 210 -3.65 15.50 -2.30
N ILE E 211 -3.22 16.56 -1.61
CA ILE E 211 -3.13 17.91 -2.20
C ILE E 211 -1.70 18.42 -2.01
N THR E 212 -1.17 19.09 -3.02
CA THR E 212 0.13 19.78 -2.93
C THR E 212 0.25 20.69 -4.14
N ASN E 213 0.96 21.80 -4.00
CA ASN E 213 1.27 22.67 -5.17
C ASN E 213 2.71 22.40 -5.61
N THR E 214 3.30 21.28 -5.21
CA THR E 214 4.74 20.98 -5.50
C THR E 214 4.89 19.88 -6.57
N ALA E 215 3.82 19.35 -7.13
CA ALA E 215 3.83 18.16 -8.00
C ALA E 215 3.47 18.55 -9.45
N THR E 216 4.33 18.20 -10.38
CA THR E 216 4.14 18.47 -11.83
C THR E 216 4.18 17.15 -12.58
N THR E 217 3.25 16.96 -13.52
CA THR E 217 3.29 15.84 -14.48
C THR E 217 3.83 16.35 -15.82
N VAL E 218 4.81 15.68 -16.38
CA VAL E 218 5.34 16.04 -17.72
C VAL E 218 4.47 15.32 -18.75
N LEU E 219 4.03 16.02 -19.80
CA LEU E 219 3.06 15.49 -20.78
C LEU E 219 3.75 15.04 -22.07
N LEU E 220 5.06 15.18 -22.15
CA LEU E 220 5.83 14.78 -23.34
C LEU E 220 5.79 13.24 -23.50
N ASP E 221 5.67 12.77 -24.73
CA ASP E 221 5.76 11.30 -24.99
C ASP E 221 7.24 10.89 -25.07
N GLU E 222 7.50 9.65 -25.48
CA GLU E 222 8.88 9.06 -25.53
C GLU E 222 9.70 9.76 -26.62
N PHE E 223 9.08 10.52 -27.53
CA PHE E 223 9.81 11.32 -28.55
C PHE E 223 9.99 12.77 -28.08
N GLY E 224 9.63 13.10 -26.84
CA GLY E 224 9.74 14.46 -26.31
C GLY E 224 8.65 15.38 -26.85
N VAL E 225 7.51 14.82 -27.28
CA VAL E 225 6.42 15.61 -27.92
C VAL E 225 5.17 15.55 -27.03
N GLY E 226 4.60 16.72 -26.72
CA GLY E 226 3.37 16.81 -25.93
C GLY E 226 2.16 16.89 -26.85
N PRO E 227 0.93 16.87 -26.30
CA PRO E 227 -0.26 17.13 -27.11
C PRO E 227 -0.09 18.41 -27.92
N LEU E 228 -0.48 18.35 -29.18
CA LEU E 228 -0.42 19.49 -30.14
C LEU E 228 -1.84 19.99 -30.36
N CYS E 229 -2.08 21.26 -30.10
CA CYS E 229 -3.47 21.79 -29.99
C CYS E 229 -4.03 22.12 -31.37
N LYS E 230 -4.89 21.26 -31.91
CA LYS E 230 -5.48 21.49 -33.25
C LYS E 230 -6.41 22.69 -33.19
N GLY E 231 -6.27 23.61 -34.13
CA GLY E 231 -7.09 24.84 -34.17
C GLY E 231 -6.83 25.73 -32.98
N ASP E 232 -5.69 25.59 -32.26
CA ASP E 232 -5.35 26.39 -31.05
C ASP E 232 -6.42 26.21 -29.97
N ASN E 233 -6.90 24.98 -29.79
CA ASN E 233 -7.78 24.59 -28.66
C ASN E 233 -7.10 23.53 -27.80
N LEU E 234 -7.17 23.72 -26.49
CA LEU E 234 -6.74 22.71 -25.49
C LEU E 234 -7.99 22.04 -24.90
N TYR E 235 -7.96 20.72 -24.79
CA TYR E 235 -9.07 19.94 -24.21
C TYR E 235 -8.67 19.39 -22.85
N LEU E 236 -9.44 19.73 -21.81
CA LEU E 236 -9.25 19.20 -20.46
C LEU E 236 -10.49 18.40 -20.11
N SER E 237 -10.30 17.21 -19.58
CA SER E 237 -11.42 16.32 -19.18
C SER E 237 -11.16 15.80 -17.77
N ALA E 238 -12.24 15.52 -17.04
CA ALA E 238 -12.09 15.04 -15.67
C ALA E 238 -13.32 14.27 -15.23
N VAL E 239 -13.08 13.41 -14.27
CA VAL E 239 -14.11 12.81 -13.40
C VAL E 239 -13.51 12.71 -12.01
N ASP E 240 -14.24 13.11 -10.98
CA ASP E 240 -13.80 12.97 -9.57
C ASP E 240 -15.01 12.56 -8.74
N VAL E 241 -15.49 11.34 -9.01
CA VAL E 241 -16.51 10.71 -8.15
C VAL E 241 -15.76 10.25 -6.90
N CYS E 242 -16.06 10.83 -5.74
CA CYS E 242 -15.21 10.65 -4.54
C CYS E 242 -15.66 9.43 -3.75
N GLY E 243 -16.89 9.00 -4.04
CA GLY E 243 -17.56 7.93 -3.29
C GLY E 243 -19.03 8.27 -3.18
N MET E 244 -19.68 7.66 -2.21
CA MET E 244 -21.10 7.87 -1.94
C MET E 244 -21.32 8.49 -0.57
N PHE E 245 -22.25 9.44 -0.53
CA PHE E 245 -22.78 10.04 0.70
C PHE E 245 -24.00 9.22 1.13
N THR E 246 -24.02 8.77 2.38
CA THR E 246 -25.16 8.00 2.95
C THR E 246 -25.98 8.95 3.81
N ASN E 247 -27.25 9.19 3.48
CA ASN E 247 -28.05 10.04 4.37
C ASN E 247 -28.68 9.17 5.47
N ARG E 248 -29.40 9.83 6.38
CA ARG E 248 -29.96 9.24 7.62
C ARG E 248 -30.76 7.96 7.30
N SER E 249 -31.47 7.93 6.16
CA SER E 249 -32.35 6.79 5.77
C SER E 249 -31.53 5.58 5.31
N GLY E 250 -30.25 5.78 5.02
CA GLY E 250 -29.40 4.74 4.40
C GLY E 250 -29.31 4.89 2.89
N SER E 251 -30.11 5.76 2.28
CA SER E 251 -30.01 5.96 0.82
C SER E 251 -28.67 6.65 0.50
N GLN E 252 -28.14 6.37 -0.68
CA GLN E 252 -26.77 6.79 -1.04
C GLN E 252 -26.80 7.58 -2.35
N GLN E 253 -25.94 8.59 -2.42
CA GLN E 253 -25.79 9.51 -3.56
C GLN E 253 -24.30 9.60 -3.87
N TRP E 254 -23.95 9.57 -5.14
CA TRP E 254 -22.57 9.91 -5.54
C TRP E 254 -22.26 11.35 -5.09
N ARG E 255 -21.03 11.58 -4.65
CA ARG E 255 -20.52 12.94 -4.34
C ARG E 255 -19.24 13.17 -5.15
N GLY E 256 -19.19 14.28 -5.86
CA GLY E 256 -18.03 14.70 -6.67
C GLY E 256 -17.45 16.02 -6.21
N LEU E 257 -16.23 16.28 -6.69
CA LEU E 257 -15.51 17.54 -6.41
C LEU E 257 -14.94 18.05 -7.72
N SER E 258 -14.71 19.35 -7.75
CA SER E 258 -14.04 20.06 -8.85
C SER E 258 -12.57 19.66 -8.96
N ARG E 259 -12.01 19.86 -10.14
CA ARG E 259 -10.57 19.61 -10.42
C ARG E 259 -9.94 20.85 -11.03
N TYR E 260 -8.84 21.27 -10.40
CA TYR E 260 -7.95 22.33 -10.89
C TYR E 260 -6.97 21.77 -11.91
N PHE E 261 -6.73 22.54 -12.96
CA PHE E 261 -5.69 22.27 -13.97
C PHE E 261 -4.85 23.52 -14.20
N LYS E 262 -3.55 23.35 -14.25
CA LYS E 262 -2.61 24.37 -14.78
C LYS E 262 -1.73 23.67 -15.80
N VAL E 263 -1.78 24.15 -17.04
CA VAL E 263 -1.06 23.55 -18.19
C VAL E 263 -0.13 24.64 -18.72
N GLN E 264 1.16 24.30 -18.82
N GLN E 264 1.16 24.31 -18.83
CA GLN E 264 2.21 25.12 -19.49
CA GLN E 264 2.18 25.17 -19.49
C GLN E 264 2.27 24.66 -20.95
C GLN E 264 2.31 24.67 -20.93
N LEU E 265 2.31 25.58 -21.89
CA LEU E 265 2.38 25.24 -23.33
C LEU E 265 3.50 26.07 -23.97
N ARG E 266 4.06 25.53 -25.04
CA ARG E 266 5.12 26.21 -25.83
C ARG E 266 4.76 26.09 -27.31
N LYS E 267 5.24 27.01 -28.12
CA LYS E 267 5.05 26.94 -29.59
C LYS E 267 6.01 25.92 -30.19
N ARG E 268 5.46 25.14 -31.10
CA ARG E 268 6.17 24.06 -31.80
C ARG E 268 5.91 24.22 -33.30
N ARG E 269 6.95 24.26 -34.10
CA ARG E 269 6.76 24.26 -35.57
C ARG E 269 6.49 22.83 -36.04
N VAL E 270 5.54 22.66 -36.94
CA VAL E 270 5.17 21.37 -37.57
C VAL E 270 5.00 21.57 -39.09
N LYS E 271 5.10 20.51 -39.88
CA LYS E 271 4.66 20.48 -41.31
C LYS E 271 3.37 19.66 -41.46
C2 BGC F . -6.18 -19.85 35.32
C3 BGC F . -6.62 -18.42 35.71
C4 BGC F . -7.56 -18.34 36.93
C5 BGC F . -6.99 -19.25 38.02
C6 BGC F . -7.81 -19.20 39.30
C1 BGC F . -5.95 -20.77 36.52
O1 BGC F . -5.97 -22.16 36.17
O2 BGC F . -4.93 -19.74 34.60
O3 BGC F . -7.17 -17.80 34.54
O4 BGC F . -7.61 -17.01 37.46
O5 BGC F . -6.98 -20.58 37.50
O6 BGC F . -9.14 -19.60 38.97
C1 GAL F . -8.60 -16.20 36.85
C2 GAL F . -8.92 -15.09 37.87
C3 GAL F . -9.88 -14.06 37.28
C4 GAL F . -9.29 -13.49 35.98
C5 GAL F . -8.95 -14.67 35.09
C6 GAL F . -8.26 -14.21 33.81
O2 GAL F . -9.42 -15.61 39.13
O3 GAL F . -10.00 -13.02 38.26
O4 GAL F . -8.05 -12.80 36.30
O5 GAL F . -8.02 -15.56 35.70
O6 GAL F . -8.08 -15.40 33.03
C1 SIA F . -8.21 -14.16 30.99
C2 SIA F . -7.34 -15.10 31.82
C3 SIA F . -7.12 -16.50 31.16
C4 SIA F . -6.19 -16.39 29.92
C5 SIA F . -4.88 -15.71 30.33
C6 SIA F . -5.22 -14.37 30.97
C7 SIA F . -4.04 -13.55 31.44
C8 SIA F . -4.48 -12.31 32.24
C9 SIA F . -3.34 -11.32 32.33
C10 SIA F . -2.69 -15.56 29.23
C11 SIA F . -1.94 -15.35 27.93
N5 SIA F . -4.01 -15.54 29.17
O1A SIA F . -9.18 -14.67 30.34
O1B SIA F . -8.01 -12.90 31.05
O4 SIA F . -5.93 -17.69 29.37
O6 SIA F . -6.05 -14.59 32.15
O7 SIA F . -3.23 -14.33 32.29
O8 SIA F . -5.60 -11.67 31.62
O9 SIA F . -3.70 -10.08 32.96
O10 SIA F . -2.12 -15.78 30.28
O5 BGC G . -15.31 -37.86 9.06
C1 GAL G . -15.65 -36.74 9.92
C2 GAL G . -15.50 -37.14 11.38
C3 GAL G . -15.64 -35.94 12.35
C4 GAL G . -14.88 -34.69 11.90
C5 GAL G . -15.12 -34.45 10.41
C6 GAL G . -14.28 -33.27 9.92
O2 GAL G . -16.51 -38.12 11.65
O3 GAL G . -15.17 -36.32 13.65
O4 GAL G . -13.46 -34.83 12.12
O5 GAL G . -14.78 -35.63 9.66
O6 GAL G . -14.72 -33.10 8.58
C1 SIA G . -14.29 -30.72 8.60
C2 SIA G . -14.12 -32.03 7.79
C3 SIA G . -14.76 -32.06 6.40
C4 SIA G . -14.03 -31.11 5.44
C5 SIA G . -12.56 -31.53 5.36
C6 SIA G . -11.97 -31.50 6.79
C7 SIA G . -10.52 -31.92 6.93
C8 SIA G . -10.09 -32.02 8.41
C9 SIA G . -8.57 -32.04 8.51
C10 SIA G . -10.81 -31.04 3.72
C11 SIA G . -10.09 -29.94 2.96
N5 SIA G . -11.81 -30.64 4.49
O1A SIA G . -15.38 -30.07 8.54
O1B SIA G . -13.33 -30.35 9.37
O4 SIA G . -14.63 -31.13 4.15
O6 SIA G . -12.72 -32.38 7.64
O7 SIA G . -10.31 -33.20 6.32
O8 SIA G . -10.58 -30.92 9.22
O9 SIA G . -8.16 -32.03 9.88
O10 SIA G . -10.49 -32.23 3.69
O5 GAL H . -31.73 -16.88 -10.61
C1 SIA H . -29.91 -15.84 -9.29
C2 SIA H . -30.75 -15.82 -10.58
C3 SIA H . -31.55 -14.51 -10.73
C4 SIA H . -30.72 -13.30 -11.18
C5 SIA H . -29.72 -13.66 -12.29
C6 SIA H . -28.96 -14.96 -12.01
C7 SIA H . -28.00 -15.43 -13.13
C8 SIA H . -27.44 -16.84 -12.90
C9 SIA H . -26.23 -17.17 -13.76
C10 SIA H . -28.17 -12.24 -13.62
C11 SIA H . -26.95 -11.36 -13.49
N5 SIA H . -28.67 -12.66 -12.43
O1A SIA H . -30.34 -15.22 -8.29
O1B SIA H . -28.81 -16.46 -9.27
O4 SIA H . -31.64 -12.23 -11.55
O6 SIA H . -29.87 -16.04 -11.71
O7 SIA H . -28.69 -15.45 -14.38
O8 SIA H . -27.08 -17.00 -11.52
O9 SIA H . -25.75 -18.45 -13.37
O10 SIA H . -28.64 -12.54 -14.72
C1 EDO I . 0.79 14.21 4.13
O1 EDO I . 0.63 15.31 4.98
C2 EDO I . 0.95 14.62 2.72
O2 EDO I . 2.31 14.84 2.36
C1 EDO J . 21.21 4.19 31.11
O1 EDO J . 22.14 3.36 31.81
C2 EDO J . 20.32 3.44 30.18
O2 EDO J . 20.12 2.08 30.54
C1 EDO K . 9.43 1.45 11.95
O1 EDO K . 9.38 0.23 11.24
C2 EDO K . 10.24 2.47 11.23
O2 EDO K . 9.53 3.64 10.87
C1 EDO L . 9.81 -10.92 1.04
O1 EDO L . 9.85 -10.24 2.28
C2 EDO L . 8.94 -12.13 1.12
O2 EDO L . 7.94 -12.19 0.10
C1 EDO M . 0.75 -7.07 -12.88
O1 EDO M . 1.33 -7.90 -11.87
C2 EDO M . -0.68 -7.40 -13.12
O2 EDO M . -1.55 -6.26 -13.15
C1 EDO N . 0.47 11.35 -12.80
O1 EDO N . 1.68 11.14 -13.53
C2 EDO N . -0.03 10.09 -12.21
O2 EDO N . -1.38 10.18 -11.79
C1 EDO O . -6.88 33.53 -26.23
O1 EDO O . -6.08 33.36 -25.08
C2 EDO O . -8.30 33.78 -25.91
O2 EDO O . -9.11 33.97 -27.06
C1 EDO P . 7.17 28.96 -39.26
O1 EDO P . 7.40 29.55 -38.01
C2 EDO P . 6.10 27.93 -39.20
O2 EDO P . 4.83 28.45 -39.54
#